data_8HSN
#
_entry.id   8HSN
#
_cell.length_a   97.680
_cell.length_b   102.510
_cell.length_c   132.600
_cell.angle_alpha   90.00
_cell.angle_beta   90.00
_cell.angle_gamma   90.00
#
_symmetry.space_group_name_H-M   'P 21 21 21'
#
loop_
_entity.id
_entity.type
_entity.pdbx_description
1 polymer Fructotransferase
2 non-polymer GLYCEROL
3 non-polymer 1,2-ETHANEDIOL
4 non-polymer 'PENTAETHYLENE GLYCOL'
5 non-polymer DI(HYDROXYETHYL)ETHER
6 non-polymer PHOSPHONATE
7 water water
#
_entity_poly.entity_id   1
_entity_poly.type   'polypeptide(L)'
_entity_poly.pdbx_seq_one_letter_code
;MADTVYDVTTWAGATVSPYVDIGAVINQIIADIKSKQTTQTTRPGAVIYIPPGHYDLLTRVVIDVSFLQIKGAGHGFLSE
AIRDESQTGSWVETLPGASHIRVRNNDGHNEAFLVSRTGAPATVGRLNSIVFQDFCLDGVNASKPYLPGNGKTGISFQSD
NDAVRIEGMGFVYLAHALIIKGADAPNITNNFIAECGSSIELTGASQVAKITNNFLISAWAGYSIFAENAEGLQISGNTI
LWACNITLSSGNRASITSNKLLSNFPSQIALLNNSSENLISANHFRRVHGDGTSTRFDDKFGMVHIAGNKNTVTGNQFSF
DVPSQNITPAGQDPTIVLVKSGDNNYLASNHITSNVAAKVVLDASTTATRVLHSATTAQLDALTTNHFMVATPSHHHHHH
;
_entity_poly.pdbx_strand_id   A,B,C
#
loop_
_chem_comp.id
_chem_comp.type
_chem_comp.name
_chem_comp.formula
1PE non-polymer 'PENTAETHYLENE GLYCOL' 'C10 H22 O6'
2PO non-polymer PHOSPHONATE 'H O3 P -2'
EDO non-polymer 1,2-ETHANEDIOL 'C2 H6 O2'
GOL non-polymer GLYCEROL 'C3 H8 O3'
PEG non-polymer DI(HYDROXYETHYL)ETHER 'C4 H10 O3'
#
# COMPACT_ATOMS: atom_id res chain seq x y z
N ALA A 2 23.04 -6.99 22.91
CA ALA A 2 22.04 -7.86 23.56
C ALA A 2 22.24 -9.29 23.07
N ASP A 3 21.69 -10.27 23.80
CA ASP A 3 21.80 -11.66 23.40
C ASP A 3 20.55 -12.16 22.67
N THR A 4 19.72 -11.24 22.19
CA THR A 4 18.49 -11.58 21.51
C THR A 4 18.59 -11.48 20.00
N VAL A 5 19.80 -11.30 19.46
CA VAL A 5 20.00 -11.26 18.02
C VAL A 5 20.91 -12.40 17.60
N TYR A 6 20.41 -13.27 16.73
CA TYR A 6 21.15 -14.41 16.20
C TYR A 6 21.33 -14.26 14.69
N ASP A 7 22.45 -14.77 14.21
CA ASP A 7 22.73 -14.96 12.78
C ASP A 7 22.97 -16.45 12.61
N VAL A 8 22.18 -17.09 11.73
CA VAL A 8 22.24 -18.55 11.66
C VAL A 8 23.62 -19.06 11.26
N THR A 9 24.44 -18.21 10.63
CA THR A 9 25.75 -18.64 10.16
C THR A 9 26.87 -18.33 11.15
N THR A 10 26.62 -17.53 12.19
CA THR A 10 27.66 -17.20 13.16
C THR A 10 27.37 -17.71 14.57
N TRP A 11 26.14 -18.12 14.86
CA TRP A 11 25.81 -18.56 16.22
C TRP A 11 26.60 -19.82 16.55
N ALA A 12 27.39 -19.76 17.61
CA ALA A 12 28.28 -20.86 17.95
C ALA A 12 27.57 -22.05 18.58
N GLY A 13 26.32 -21.91 19.00
CA GLY A 13 25.59 -23.02 19.59
C GLY A 13 25.08 -24.06 18.62
N ALA A 14 25.20 -23.79 17.32
CA ALA A 14 24.69 -24.72 16.32
C ALA A 14 25.54 -25.98 16.30
N THR A 15 24.87 -27.12 16.26
CA THR A 15 25.55 -28.41 16.11
C THR A 15 25.45 -28.96 14.70
N VAL A 16 24.80 -28.23 13.79
CA VAL A 16 24.68 -28.59 12.39
C VAL A 16 24.93 -27.32 11.59
N SER A 17 25.49 -27.48 10.41
CA SER A 17 25.65 -26.34 9.53
C SER A 17 24.29 -25.85 9.03
N PRO A 18 24.02 -24.53 9.05
CA PRO A 18 22.77 -24.04 8.46
C PRO A 18 22.68 -24.26 6.97
N TYR A 19 23.80 -24.43 6.28
CA TYR A 19 23.73 -24.70 4.84
C TYR A 19 23.24 -26.11 4.59
N VAL A 20 23.54 -27.04 5.51
CA VAL A 20 23.05 -28.40 5.40
C VAL A 20 21.62 -28.53 5.91
N ASP A 21 21.30 -27.93 7.06
CA ASP A 21 19.93 -28.02 7.60
C ASP A 21 19.66 -26.78 8.45
N ILE A 22 19.15 -25.74 7.78
CA ILE A 22 18.84 -24.51 8.49
C ILE A 22 17.65 -24.71 9.41
N GLY A 23 16.80 -25.69 9.14
CA GLY A 23 15.70 -25.95 10.04
C GLY A 23 16.17 -26.42 11.40
N ALA A 24 17.15 -27.33 11.42
CA ALA A 24 17.72 -27.77 12.68
C ALA A 24 18.36 -26.61 13.42
N VAL A 25 19.10 -25.75 12.71
CA VAL A 25 19.75 -24.62 13.37
C VAL A 25 18.72 -23.66 13.95
N ILE A 26 17.66 -23.34 13.21
CA ILE A 26 16.64 -22.45 13.74
C ILE A 26 15.95 -23.08 14.95
N ASN A 27 15.65 -24.38 14.88
CA ASN A 27 15.07 -25.05 16.04
C ASN A 27 16.00 -24.96 17.24
N GLN A 28 17.32 -25.09 17.02
CA GLN A 28 18.27 -24.98 18.11
C GLN A 28 18.31 -23.57 18.69
N ILE A 29 18.19 -22.56 17.83
CA ILE A 29 18.10 -21.19 18.30
C ILE A 29 16.84 -21.00 19.15
N ILE A 30 15.71 -21.55 18.70
CA ILE A 30 14.47 -21.40 19.45
C ILE A 30 14.62 -22.02 20.83
N ALA A 31 15.27 -23.19 20.91
CA ALA A 31 15.53 -23.81 22.22
C ALA A 31 16.40 -22.91 23.08
N ASP A 32 17.39 -22.27 22.49
CA ASP A 32 18.25 -21.36 23.24
C ASP A 32 17.43 -20.19 23.79
N ILE A 33 16.58 -19.61 22.95
CA ILE A 33 15.72 -18.53 23.39
C ILE A 33 14.87 -18.97 24.58
N LYS A 34 14.27 -20.15 24.49
CA LYS A 34 13.39 -20.61 25.57
C LYS A 34 14.17 -20.83 26.86
N SER A 35 15.45 -21.21 26.74
CA SER A 35 16.29 -21.43 27.93
C SER A 35 16.64 -20.12 28.62
N LYS A 36 16.58 -18.99 27.91
CA LYS A 36 16.95 -17.69 28.45
C LYS A 36 15.75 -16.82 28.79
N GLN A 37 14.58 -17.13 28.22
CA GLN A 37 13.37 -16.32 28.35
C GLN A 37 12.30 -17.23 28.95
N THR A 38 12.23 -17.24 30.28
CA THR A 38 11.60 -18.35 31.00
C THR A 38 10.39 -17.98 31.84
N THR A 39 9.92 -16.72 31.80
CA THR A 39 8.69 -16.35 32.49
C THR A 39 7.86 -15.45 31.59
N GLN A 40 6.59 -15.28 31.95
CA GLN A 40 5.68 -14.59 31.05
C GLN A 40 5.96 -13.09 30.96
N THR A 41 6.79 -12.53 31.85
CA THR A 41 7.21 -11.12 31.76
C THR A 41 8.64 -10.98 31.27
N THR A 42 9.32 -12.07 30.89
CA THR A 42 10.70 -12.01 30.40
C THR A 42 10.84 -12.73 29.06
N ARG A 43 9.81 -12.61 28.20
CA ARG A 43 9.80 -13.26 26.88
C ARG A 43 9.56 -12.22 25.77
N PRO A 44 10.46 -11.25 25.64
CA PRO A 44 10.33 -10.27 24.55
C PRO A 44 10.55 -10.84 23.16
N GLY A 45 11.17 -12.01 23.02
CA GLY A 45 11.45 -12.55 21.70
C GLY A 45 12.89 -12.34 21.24
N ALA A 46 13.07 -12.44 19.93
CA ALA A 46 14.42 -12.50 19.38
C ALA A 46 14.38 -12.23 17.88
N VAL A 47 15.55 -11.97 17.32
CA VAL A 47 15.76 -11.84 15.88
C VAL A 47 16.63 -12.98 15.42
N ILE A 48 16.25 -13.62 14.32
CA ILE A 48 17.09 -14.58 13.62
C ILE A 48 17.34 -14.04 12.23
N TYR A 49 18.59 -13.68 11.95
CA TYR A 49 19.00 -13.14 10.65
C TYR A 49 19.60 -14.23 9.79
N ILE A 50 19.18 -14.27 8.53
CA ILE A 50 19.66 -15.21 7.53
C ILE A 50 20.41 -14.40 6.47
N PRO A 51 21.73 -14.44 6.44
CA PRO A 51 22.48 -13.71 5.39
C PRO A 51 22.25 -14.35 4.03
N PRO A 52 22.58 -13.64 2.94
CA PRO A 52 22.50 -14.27 1.62
C PRO A 52 23.27 -15.58 1.58
N GLY A 53 22.67 -16.56 0.93
CA GLY A 53 23.24 -17.89 0.86
C GLY A 53 22.21 -18.90 0.41
N HIS A 54 22.70 -20.07 -0.01
CA HIS A 54 21.85 -21.22 -0.30
C HIS A 54 21.83 -22.14 0.91
N TYR A 55 20.66 -22.31 1.52
CA TYR A 55 20.50 -23.12 2.72
C TYR A 55 19.48 -24.22 2.49
N ASP A 56 19.87 -25.46 2.75
CA ASP A 56 18.91 -26.55 2.71
C ASP A 56 18.17 -26.61 4.04
N LEU A 57 16.87 -26.83 3.98
CA LEU A 57 16.06 -27.14 5.16
C LEU A 57 15.67 -28.59 5.05
N LEU A 58 16.14 -29.41 6.00
CA LEU A 58 15.75 -30.80 6.09
C LEU A 58 14.78 -31.09 7.22
N THR A 59 14.77 -30.25 8.25
CA THR A 59 13.92 -30.44 9.42
C THR A 59 12.92 -29.31 9.49
N ARG A 60 11.64 -29.65 9.63
CA ARG A 60 10.60 -28.65 9.89
C ARG A 60 10.96 -27.80 11.11
N VAL A 61 10.83 -26.49 10.96
CA VAL A 61 10.95 -25.56 12.08
C VAL A 61 9.61 -25.45 12.77
N VAL A 62 9.60 -25.51 14.10
CA VAL A 62 8.39 -25.29 14.89
C VAL A 62 8.60 -24.07 15.77
N ILE A 63 7.76 -23.04 15.54
CA ILE A 63 7.83 -21.78 16.26
C ILE A 63 6.63 -21.69 17.18
N ASP A 64 6.90 -21.58 18.49
CA ASP A 64 5.86 -21.31 19.47
C ASP A 64 6.28 -20.18 20.40
N VAL A 65 7.11 -19.27 19.88
CA VAL A 65 7.61 -18.10 20.60
C VAL A 65 6.97 -16.88 19.96
N SER A 66 6.27 -16.07 20.75
CA SER A 66 5.76 -14.80 20.22
C SER A 66 6.91 -13.83 19.97
N PHE A 67 6.67 -12.90 19.03
CA PHE A 67 7.59 -11.78 18.79
C PHE A 67 8.92 -12.25 18.23
N LEU A 68 8.96 -13.42 17.62
CA LEU A 68 10.14 -13.85 16.89
C LEU A 68 10.15 -13.20 15.51
N GLN A 69 11.28 -12.62 15.15
CA GLN A 69 11.51 -12.07 13.82
C GLN A 69 12.53 -12.95 13.12
N ILE A 70 12.17 -13.47 11.94
CA ILE A 70 13.11 -14.15 11.07
C ILE A 70 13.22 -13.31 9.81
N LYS A 71 14.44 -12.83 9.53
CA LYS A 71 14.65 -11.84 8.49
C LYS A 71 15.87 -12.17 7.65
N GLY A 72 15.77 -11.88 6.35
CA GLY A 72 16.87 -12.03 5.43
C GLY A 72 17.13 -10.77 4.62
N ALA A 73 17.76 -10.97 3.46
CA ALA A 73 18.26 -9.90 2.62
C ALA A 73 17.40 -9.61 1.40
N GLY A 74 16.31 -10.32 1.20
CA GLY A 74 15.46 -10.05 0.06
C GLY A 74 14.64 -11.26 -0.33
N HIS A 75 13.75 -11.04 -1.29
CA HIS A 75 12.81 -12.06 -1.71
C HIS A 75 13.42 -13.08 -2.66
N GLY A 76 14.53 -12.75 -3.35
CA GLY A 76 15.36 -13.75 -4.01
C GLY A 76 14.74 -14.48 -5.17
N PHE A 77 13.68 -13.95 -5.77
CA PHE A 77 12.94 -14.72 -6.75
C PHE A 77 13.72 -14.90 -8.05
N LEU A 78 13.66 -16.12 -8.59
CA LEU A 78 14.02 -16.44 -9.97
C LEU A 78 12.96 -17.40 -10.48
N SER A 79 12.56 -17.24 -11.74
CA SER A 79 11.50 -18.07 -12.30
C SER A 79 12.03 -19.47 -12.59
N GLU A 80 11.77 -20.39 -11.68
CA GLU A 80 12.11 -21.78 -11.92
C GLU A 80 11.22 -22.37 -13.01
N ALA A 81 10.01 -21.84 -13.18
CA ALA A 81 9.15 -22.31 -14.26
C ALA A 81 9.78 -22.03 -15.63
N ILE A 82 10.32 -20.83 -15.83
CA ILE A 82 11.00 -20.56 -17.09
C ILE A 82 12.26 -21.39 -17.19
N ARG A 83 13.01 -21.50 -16.09
CA ARG A 83 14.23 -22.29 -16.07
C ARG A 83 13.95 -23.69 -16.60
N ASP A 84 12.86 -24.29 -16.12
CA ASP A 84 12.62 -25.70 -16.39
C ASP A 84 12.05 -25.95 -17.78
N GLU A 85 11.80 -24.89 -18.55
CA GLU A 85 11.44 -24.99 -19.95
C GLU A 85 12.50 -24.39 -20.88
N SER A 86 13.66 -24.03 -20.36
CA SER A 86 14.69 -23.33 -21.12
C SER A 86 15.97 -24.14 -21.20
N GLN A 87 16.87 -23.70 -22.08
CA GLN A 87 18.23 -24.22 -22.16
C GLN A 87 19.11 -23.28 -21.33
N THR A 88 19.55 -23.74 -20.16
CA THR A 88 20.13 -22.86 -19.14
C THR A 88 21.64 -23.02 -18.98
N GLY A 89 22.30 -23.74 -19.90
CA GLY A 89 23.72 -24.01 -19.72
C GLY A 89 24.59 -22.77 -19.55
N SER A 90 24.22 -21.67 -20.18
CA SER A 90 24.99 -20.44 -20.07
C SER A 90 24.35 -19.40 -19.16
N TRP A 91 23.26 -19.74 -18.46
CA TRP A 91 22.69 -18.79 -17.51
C TRP A 91 23.68 -18.51 -16.39
N VAL A 92 23.76 -17.24 -16.00
CA VAL A 92 24.66 -16.87 -14.92
C VAL A 92 24.18 -17.49 -13.61
N GLU A 93 22.87 -17.56 -13.40
CA GLU A 93 22.28 -18.16 -12.20
C GLU A 93 21.12 -19.05 -12.60
N THR A 94 20.99 -20.21 -11.93
CA THR A 94 19.89 -21.13 -12.17
C THR A 94 19.07 -21.42 -10.91
N LEU A 95 19.35 -20.70 -9.81
CA LEU A 95 18.64 -20.90 -8.56
C LEU A 95 18.12 -19.55 -8.08
N PRO A 96 16.95 -19.53 -7.44
CA PRO A 96 16.61 -18.37 -6.60
C PRO A 96 17.72 -18.11 -5.58
N GLY A 97 17.78 -16.88 -5.07
CA GLY A 97 18.89 -16.49 -4.23
C GLY A 97 18.51 -15.61 -3.06
N ALA A 98 19.35 -14.62 -2.78
CA ALA A 98 19.25 -13.80 -1.56
C ALA A 98 19.35 -14.76 -0.37
N SER A 99 18.50 -14.61 0.65
CA SER A 99 18.49 -15.48 1.82
C SER A 99 17.59 -16.65 1.47
N HIS A 100 18.19 -17.68 0.88
CA HIS A 100 17.48 -18.66 0.08
C HIS A 100 17.38 -19.98 0.82
N ILE A 101 16.18 -20.33 1.28
CA ILE A 101 15.92 -21.61 1.93
C ILE A 101 15.34 -22.57 0.91
N ARG A 102 16.07 -23.63 0.64
CA ARG A 102 15.63 -24.72 -0.22
C ARG A 102 14.88 -25.71 0.65
N VAL A 103 13.56 -25.77 0.51
CA VAL A 103 12.72 -26.61 1.33
C VAL A 103 12.87 -28.05 0.86
N ARG A 104 13.53 -28.87 1.69
CA ARG A 104 13.90 -30.23 1.32
C ARG A 104 13.67 -31.21 2.46
N ASN A 105 12.51 -31.09 3.13
CA ASN A 105 12.24 -31.90 4.31
C ASN A 105 12.57 -33.37 4.08
N ASN A 106 13.25 -33.97 5.04
CA ASN A 106 13.41 -35.43 5.09
C ASN A 106 12.62 -36.04 6.24
N ASP A 107 11.74 -35.28 6.89
CA ASP A 107 11.06 -35.69 8.12
C ASP A 107 9.58 -35.98 7.89
N GLY A 108 9.17 -36.20 6.65
CA GLY A 108 7.81 -36.63 6.32
C GLY A 108 6.74 -35.58 6.53
N HIS A 109 7.11 -34.36 6.92
CA HIS A 109 6.19 -33.26 7.08
C HIS A 109 6.26 -32.38 5.84
N ASN A 110 5.16 -31.68 5.60
CA ASN A 110 5.14 -30.86 4.40
C ASN A 110 5.54 -29.42 4.66
N GLU A 111 5.56 -28.97 5.92
CA GLU A 111 5.89 -27.58 6.24
C GLU A 111 7.37 -27.35 6.43
N ALA A 112 7.88 -26.30 5.77
CA ALA A 112 9.18 -25.78 6.16
C ALA A 112 9.13 -25.10 7.52
N PHE A 113 8.17 -24.21 7.72
CA PHE A 113 7.93 -23.54 8.98
C PHE A 113 6.51 -23.81 9.45
N LEU A 114 6.39 -24.38 10.65
CA LEU A 114 5.11 -24.55 11.34
C LEU A 114 5.12 -23.62 12.54
N VAL A 115 4.11 -22.76 12.63
CA VAL A 115 3.97 -21.80 13.72
C VAL A 115 2.77 -22.26 14.52
N SER A 116 3.01 -22.84 15.68
CA SER A 116 1.94 -23.49 16.42
C SER A 116 2.31 -23.62 17.89
N ARG A 117 1.37 -23.25 18.74
CA ARG A 117 1.43 -23.42 20.18
C ARG A 117 0.34 -24.41 20.59
N THR A 118 0.70 -25.37 21.43
CA THR A 118 -0.26 -26.33 21.92
C THR A 118 -1.01 -25.77 23.13
N GLY A 119 -2.28 -26.11 23.22
CA GLY A 119 -3.06 -25.67 24.36
C GLY A 119 -4.04 -24.58 23.99
N ALA A 120 -5.07 -24.47 24.81
CA ALA A 120 -6.15 -23.54 24.53
C ALA A 120 -5.62 -22.10 24.60
N PRO A 121 -5.91 -21.26 23.58
CA PRO A 121 -5.40 -19.87 23.63
C PRO A 121 -5.84 -19.11 24.85
N ALA A 122 -7.04 -19.36 25.36
CA ALA A 122 -7.48 -18.67 26.57
C ALA A 122 -6.59 -19.01 27.76
N THR A 123 -6.03 -20.22 27.76
CA THR A 123 -5.21 -20.70 28.86
C THR A 123 -3.75 -20.34 28.71
N VAL A 124 -3.18 -20.56 27.53
CA VAL A 124 -1.73 -20.42 27.33
C VAL A 124 -1.38 -19.21 26.49
N GLY A 125 -2.36 -18.48 25.99
CA GLY A 125 -2.10 -17.36 25.12
C GLY A 125 -2.01 -17.77 23.66
N ARG A 126 -2.31 -16.81 22.78
CA ARG A 126 -2.08 -16.93 21.35
C ARG A 126 -0.62 -16.65 21.00
N LEU A 127 -0.25 -16.97 19.78
CA LEU A 127 1.02 -16.53 19.23
C LEU A 127 0.84 -15.13 18.66
N ASN A 128 1.69 -14.21 19.10
CA ASN A 128 1.51 -12.78 18.84
C ASN A 128 2.68 -12.21 18.05
N SER A 129 2.36 -11.50 16.97
CA SER A 129 3.30 -10.59 16.31
C SER A 129 4.62 -11.28 15.94
N ILE A 130 4.50 -12.48 15.39
CA ILE A 130 5.64 -13.13 14.76
C ILE A 130 5.83 -12.48 13.39
N VAL A 131 7.10 -12.25 13.02
CA VAL A 131 7.45 -11.46 11.85
C VAL A 131 8.38 -12.29 10.95
N PHE A 132 7.93 -12.54 9.71
CA PHE A 132 8.75 -13.13 8.66
C PHE A 132 9.01 -12.04 7.62
N GLN A 133 10.29 -11.70 7.39
CA GLN A 133 10.60 -10.59 6.49
C GLN A 133 11.75 -10.92 5.55
N ASP A 134 11.58 -10.62 4.27
CA ASP A 134 12.71 -10.51 3.33
C ASP A 134 13.59 -11.75 3.28
N PHE A 135 13.00 -12.94 3.13
CA PHE A 135 13.78 -14.09 2.69
C PHE A 135 12.94 -14.94 1.76
N CYS A 136 13.58 -15.97 1.21
CA CYS A 136 13.02 -16.76 0.11
C CYS A 136 12.81 -18.20 0.55
N LEU A 137 11.59 -18.69 0.35
CA LEU A 137 11.25 -20.08 0.59
C LEU A 137 10.97 -20.72 -0.78
N ASP A 138 11.70 -21.79 -1.09
CA ASP A 138 11.79 -22.37 -2.43
C ASP A 138 11.65 -23.88 -2.34
N GLY A 139 10.64 -24.42 -3.02
CA GLY A 139 10.45 -25.87 -3.06
C GLY A 139 11.32 -26.66 -4.02
N VAL A 140 12.20 -26.00 -4.78
CA VAL A 140 13.35 -26.58 -5.50
C VAL A 140 12.98 -27.21 -6.84
N ASN A 141 12.02 -28.14 -6.83
CA ASN A 141 11.53 -28.76 -8.05
C ASN A 141 10.02 -28.96 -7.92
N ALA A 142 9.30 -28.67 -9.00
CA ALA A 142 7.85 -28.77 -9.01
C ALA A 142 7.38 -28.66 -10.46
N SER A 143 6.20 -29.23 -10.72
CA SER A 143 5.59 -29.16 -12.04
C SER A 143 4.24 -28.49 -11.94
N LYS A 144 3.92 -27.73 -12.98
CA LYS A 144 2.64 -27.03 -13.04
C LYS A 144 1.47 -28.03 -12.96
N PRO A 145 0.35 -27.67 -12.30
CA PRO A 145 0.08 -26.39 -11.60
C PRO A 145 0.51 -26.39 -10.13
N TYR A 146 1.46 -27.25 -9.75
CA TYR A 146 2.09 -27.28 -8.42
C TYR A 146 1.18 -27.81 -7.31
N LEU A 147 -0.01 -28.30 -7.66
CA LEU A 147 -0.88 -29.04 -6.76
C LEU A 147 -1.37 -30.26 -7.52
N PRO A 148 -1.19 -31.49 -6.98
CA PRO A 148 -0.54 -31.82 -5.69
C PRO A 148 0.94 -31.42 -5.69
N GLY A 149 1.59 -31.44 -6.85
CA GLY A 149 2.96 -30.97 -6.95
C GLY A 149 3.89 -31.67 -5.99
N ASN A 150 4.75 -30.89 -5.34
CA ASN A 150 5.74 -31.42 -4.40
C ASN A 150 5.22 -31.48 -2.97
N GLY A 151 3.96 -31.10 -2.75
CA GLY A 151 3.38 -31.19 -1.42
C GLY A 151 4.03 -30.31 -0.38
N LYS A 152 4.83 -29.33 -0.80
CA LYS A 152 5.59 -28.53 0.15
C LYS A 152 4.83 -27.24 0.51
N THR A 153 4.85 -26.90 1.78
CA THR A 153 4.27 -25.66 2.30
C THR A 153 5.38 -24.80 2.88
N GLY A 154 5.34 -23.51 2.57
CA GLY A 154 6.33 -22.59 3.06
C GLY A 154 6.21 -22.25 4.54
N ILE A 155 5.12 -21.58 4.91
CA ILE A 155 4.83 -21.21 6.28
C ILE A 155 3.39 -21.57 6.57
N SER A 156 3.16 -22.26 7.68
CA SER A 156 1.83 -22.64 8.12
C SER A 156 1.65 -22.31 9.59
N PHE A 157 0.71 -21.40 9.88
CA PHE A 157 0.30 -21.10 11.23
C PHE A 157 -0.89 -21.98 11.56
N GLN A 158 -0.77 -22.79 12.63
CA GLN A 158 -1.82 -23.78 12.90
C GLN A 158 -2.39 -23.69 14.31
N SER A 159 -2.16 -22.58 15.01
CA SER A 159 -2.82 -22.26 16.25
C SER A 159 -3.16 -20.77 16.21
N ASP A 160 -4.11 -20.37 17.06
CA ASP A 160 -4.68 -19.04 16.95
C ASP A 160 -3.60 -17.99 17.16
N ASN A 161 -3.66 -16.95 16.36
CA ASN A 161 -2.58 -15.98 16.31
C ASN A 161 -3.13 -14.58 16.13
N ASP A 162 -2.36 -13.60 16.59
CA ASP A 162 -2.76 -12.19 16.54
C ASP A 162 -1.61 -11.33 16.02
N ALA A 163 -1.94 -10.45 15.09
CA ALA A 163 -1.04 -9.43 14.57
C ALA A 163 0.25 -10.02 13.99
N VAL A 164 0.16 -11.19 13.36
CA VAL A 164 1.36 -11.72 12.69
C VAL A 164 1.63 -10.92 11.42
N ARG A 165 2.85 -11.09 10.89
CA ARG A 165 3.32 -10.20 9.83
C ARG A 165 4.25 -10.95 8.90
N ILE A 166 3.88 -10.99 7.62
CA ILE A 166 4.65 -11.66 6.58
C ILE A 166 4.87 -10.60 5.52
N GLU A 167 6.13 -10.17 5.35
CA GLU A 167 6.42 -8.96 4.58
C GLU A 167 7.69 -9.11 3.75
N GLY A 168 7.62 -8.73 2.48
CA GLY A 168 8.84 -8.65 1.67
C GLY A 168 9.45 -9.98 1.28
N MET A 169 8.73 -11.06 1.49
CA MET A 169 9.17 -12.41 1.27
C MET A 169 9.12 -12.80 -0.20
N GLY A 170 9.88 -13.84 -0.53
CA GLY A 170 9.72 -14.56 -1.78
C GLY A 170 9.29 -15.98 -1.48
N PHE A 171 8.31 -16.46 -2.23
CA PHE A 171 7.88 -17.85 -2.14
C PHE A 171 7.81 -18.38 -3.56
N VAL A 172 8.41 -19.54 -3.82
CA VAL A 172 8.44 -20.08 -5.18
C VAL A 172 8.45 -21.60 -5.14
N TYR A 173 7.72 -22.22 -6.08
CA TYR A 173 7.78 -23.68 -6.30
C TYR A 173 7.34 -24.43 -5.03
N LEU A 174 6.29 -23.93 -4.38
CA LEU A 174 5.66 -24.59 -3.25
C LEU A 174 4.20 -24.94 -3.60
N ALA A 175 3.72 -26.06 -3.05
CA ALA A 175 2.30 -26.37 -3.20
C ALA A 175 1.45 -25.32 -2.51
N HIS A 176 1.84 -24.91 -1.30
CA HIS A 176 1.14 -23.89 -0.53
C HIS A 176 2.18 -22.93 -0.01
N ALA A 177 2.11 -21.66 -0.43
CA ALA A 177 3.11 -20.72 0.05
C ALA A 177 2.89 -20.40 1.52
N LEU A 178 1.70 -19.89 1.85
CA LEU A 178 1.40 -19.35 3.17
C LEU A 178 0.02 -19.82 3.59
N ILE A 179 -0.06 -20.48 4.74
CA ILE A 179 -1.32 -20.89 5.35
C ILE A 179 -1.36 -20.29 6.74
N ILE A 180 -2.47 -19.62 7.07
CA ILE A 180 -2.68 -19.09 8.41
C ILE A 180 -4.04 -19.52 8.90
N LYS A 181 -4.07 -20.34 9.94
CA LYS A 181 -5.31 -20.78 10.57
C LYS A 181 -5.62 -19.92 11.79
N GLY A 182 -6.88 -19.52 11.93
CA GLY A 182 -7.27 -18.78 13.13
C GLY A 182 -6.57 -17.44 13.29
N ALA A 183 -6.45 -16.70 12.19
CA ALA A 183 -5.72 -15.45 12.16
C ALA A 183 -6.59 -14.28 12.59
N ASP A 184 -6.06 -13.47 13.50
CA ASP A 184 -6.65 -12.21 13.91
C ASP A 184 -5.69 -11.10 13.51
N ALA A 185 -6.15 -10.18 12.68
CA ALA A 185 -5.36 -9.04 12.22
C ALA A 185 -3.96 -9.40 11.70
N PRO A 186 -3.84 -10.46 10.87
CA PRO A 186 -2.57 -10.71 10.18
C PRO A 186 -2.31 -9.65 9.12
N ASN A 187 -1.04 -9.42 8.87
CA ASN A 187 -0.57 -8.44 7.89
C ASN A 187 0.30 -9.19 6.88
N ILE A 188 -0.19 -9.29 5.65
CA ILE A 188 0.50 -10.01 4.60
C ILE A 188 0.75 -8.98 3.51
N THR A 189 1.99 -8.48 3.39
CA THR A 189 2.21 -7.24 2.63
C THR A 189 3.56 -7.27 1.92
N ASN A 190 3.55 -6.78 0.67
CA ASN A 190 4.77 -6.57 -0.11
C ASN A 190 5.55 -7.86 -0.37
N ASN A 191 4.86 -8.97 -0.49
CA ASN A 191 5.49 -10.23 -0.81
C ASN A 191 5.50 -10.49 -2.32
N PHE A 192 6.29 -11.50 -2.71
CA PHE A 192 6.42 -11.97 -4.09
C PHE A 192 6.20 -13.48 -4.06
N ILE A 193 4.97 -13.90 -4.35
CA ILE A 193 4.60 -15.31 -4.29
C ILE A 193 4.29 -15.73 -5.72
N ALA A 194 5.04 -16.67 -6.25
CA ALA A 194 4.87 -17.00 -7.67
C ALA A 194 5.23 -18.47 -7.89
N GLU A 195 4.57 -19.06 -8.90
CA GLU A 195 4.86 -20.45 -9.30
C GLU A 195 4.67 -21.37 -8.10
N CYS A 196 3.58 -21.11 -7.38
CA CYS A 196 3.09 -21.93 -6.27
C CYS A 196 1.69 -22.42 -6.58
N GLY A 197 1.28 -23.52 -5.92
CA GLY A 197 -0.06 -24.05 -6.13
C GLY A 197 -1.14 -23.09 -5.63
N SER A 198 -0.98 -22.63 -4.39
CA SER A 198 -1.81 -21.59 -3.78
C SER A 198 -0.88 -20.57 -3.14
N SER A 199 -1.32 -19.31 -3.05
CA SER A 199 -0.50 -18.28 -2.44
C SER A 199 -0.83 -18.05 -0.95
N ILE A 200 -2.07 -17.68 -0.63
CA ILE A 200 -2.48 -17.34 0.73
C ILE A 200 -3.75 -18.11 1.05
N GLU A 201 -3.74 -18.89 2.13
CA GLU A 201 -4.93 -19.58 2.59
C GLU A 201 -5.15 -19.25 4.06
N LEU A 202 -6.29 -18.60 4.34
CA LEU A 202 -6.71 -18.21 5.69
C LEU A 202 -7.78 -19.21 6.12
N THR A 203 -7.38 -20.19 6.89
CA THR A 203 -8.22 -21.35 7.18
C THR A 203 -8.82 -21.27 8.56
N GLY A 204 -9.84 -22.10 8.76
CA GLY A 204 -10.56 -22.18 10.01
C GLY A 204 -11.53 -21.05 10.16
N ALA A 205 -11.01 -19.88 10.56
CA ALA A 205 -11.72 -18.62 10.62
C ALA A 205 -10.66 -17.52 10.67
N SER A 206 -11.06 -16.29 10.33
CA SER A 206 -10.16 -15.16 10.49
C SER A 206 -10.96 -13.89 10.74
N GLN A 207 -10.29 -12.92 11.34
CA GLN A 207 -10.82 -11.57 11.53
C GLN A 207 -9.81 -10.58 10.99
N VAL A 208 -10.31 -9.65 10.18
CA VAL A 208 -9.62 -8.46 9.68
C VAL A 208 -8.20 -8.71 9.22
N ALA A 209 -8.02 -9.71 8.38
CA ALA A 209 -6.74 -9.88 7.68
C ALA A 209 -6.53 -8.72 6.72
N LYS A 210 -5.27 -8.28 6.59
CA LYS A 210 -4.88 -7.23 5.67
C LYS A 210 -3.90 -7.84 4.67
N ILE A 211 -4.29 -7.88 3.41
CA ILE A 211 -3.50 -8.45 2.34
C ILE A 211 -3.27 -7.34 1.32
N THR A 212 -2.07 -6.74 1.34
CA THR A 212 -1.84 -5.53 0.56
C THR A 212 -0.51 -5.58 -0.18
N ASN A 213 -0.50 -4.98 -1.36
CA ASN A 213 0.75 -4.66 -2.04
C ASN A 213 1.59 -5.88 -2.35
N ASN A 214 0.95 -7.03 -2.62
CA ASN A 214 1.66 -8.26 -2.99
C ASN A 214 1.60 -8.54 -4.49
N PHE A 215 2.61 -9.26 -4.98
CA PHE A 215 2.51 -10.05 -6.19
C PHE A 215 2.05 -11.44 -5.78
N LEU A 216 0.88 -11.87 -6.27
CA LEU A 216 0.39 -13.24 -6.05
C LEU A 216 0.20 -13.90 -7.40
N ILE A 217 1.03 -14.91 -7.67
CA ILE A 217 1.15 -15.54 -8.99
C ILE A 217 1.08 -17.06 -8.88
N SER A 218 0.09 -17.57 -8.15
CA SER A 218 -0.17 -19.01 -8.07
C SER A 218 -1.03 -19.47 -9.26
N ALA A 219 -1.00 -20.79 -9.50
CA ALA A 219 -1.58 -21.39 -10.69
C ALA A 219 -3.00 -21.88 -10.44
N TRP A 220 -3.53 -22.68 -11.37
CA TRP A 220 -4.96 -22.81 -11.57
C TRP A 220 -5.62 -23.94 -10.79
N ALA A 221 -4.87 -24.71 -10.02
CA ALA A 221 -5.45 -25.76 -9.20
C ALA A 221 -5.73 -25.30 -7.77
N GLY A 222 -5.27 -24.12 -7.40
CA GLY A 222 -5.38 -23.60 -6.05
C GLY A 222 -6.01 -22.23 -6.03
N TYR A 223 -5.59 -21.44 -5.04
CA TYR A 223 -6.17 -20.14 -4.76
C TYR A 223 -5.07 -19.11 -4.60
N SER A 224 -5.30 -17.92 -5.15
CA SER A 224 -4.46 -16.78 -4.81
C SER A 224 -4.71 -16.36 -3.38
N ILE A 225 -5.99 -16.21 -3.02
CA ILE A 225 -6.40 -15.93 -1.65
C ILE A 225 -7.62 -16.80 -1.40
N PHE A 226 -7.50 -17.72 -0.44
CA PHE A 226 -8.63 -18.51 0.05
C PHE A 226 -8.91 -18.08 1.48
N ALA A 227 -10.18 -17.85 1.80
CA ALA A 227 -10.53 -17.44 3.16
C ALA A 227 -11.88 -18.01 3.53
N GLU A 228 -11.93 -18.80 4.60
CA GLU A 228 -13.18 -19.38 5.08
C GLU A 228 -13.53 -18.79 6.44
N ASN A 229 -14.83 -18.55 6.65
CA ASN A 229 -15.30 -17.96 7.92
C ASN A 229 -14.49 -16.70 8.25
N ALA A 230 -14.38 -15.84 7.25
CA ALA A 230 -13.51 -14.68 7.29
C ALA A 230 -14.35 -13.42 7.42
N GLU A 231 -14.20 -12.73 8.54
CA GLU A 231 -14.85 -11.45 8.74
C GLU A 231 -13.87 -10.32 8.42
N GLY A 232 -14.29 -9.38 7.59
CA GLY A 232 -13.61 -8.12 7.47
C GLY A 232 -12.26 -8.11 6.77
N LEU A 233 -12.04 -9.03 5.83
CA LEU A 233 -10.83 -9.05 5.02
C LEU A 233 -10.63 -7.73 4.29
N GLN A 234 -9.37 -7.31 4.16
CA GLN A 234 -9.04 -6.13 3.37
C GLN A 234 -7.98 -6.57 2.37
N ILE A 235 -8.31 -6.52 1.09
CA ILE A 235 -7.45 -6.99 0.01
C ILE A 235 -7.31 -5.82 -0.96
N SER A 236 -6.14 -5.17 -0.95
CA SER A 236 -5.97 -3.98 -1.79
C SER A 236 -4.53 -3.77 -2.22
N GLY A 237 -4.39 -3.15 -3.38
CA GLY A 237 -3.07 -2.83 -3.88
C GLY A 237 -2.25 -4.00 -4.36
N ASN A 238 -2.88 -5.14 -4.60
CA ASN A 238 -2.19 -6.33 -5.03
C ASN A 238 -2.21 -6.44 -6.55
N THR A 239 -1.21 -7.12 -7.08
CA THR A 239 -1.16 -7.60 -8.46
C THR A 239 -1.25 -9.10 -8.41
N ILE A 240 -2.38 -9.63 -8.86
CA ILE A 240 -2.68 -11.05 -8.74
C ILE A 240 -2.85 -11.59 -10.14
N LEU A 241 -2.00 -12.57 -10.52
CA LEU A 241 -1.76 -12.93 -11.91
C LEU A 241 -1.86 -14.44 -12.12
N TRP A 242 -1.76 -14.81 -13.42
CA TRP A 242 -1.77 -16.18 -13.94
C TRP A 242 -3.13 -16.84 -13.77
N ALA A 243 -3.49 -17.14 -12.53
CA ALA A 243 -4.75 -17.79 -12.21
C ALA A 243 -5.38 -17.13 -10.99
N CYS A 244 -5.54 -15.81 -11.05
CA CYS A 244 -6.18 -15.08 -9.97
C CYS A 244 -7.45 -15.78 -9.55
N ASN A 245 -7.49 -16.13 -8.28
CA ASN A 245 -8.68 -16.72 -7.69
C ASN A 245 -8.71 -16.34 -6.21
N ILE A 246 -9.60 -15.42 -5.89
CA ILE A 246 -9.93 -15.01 -4.54
C ILE A 246 -11.24 -15.68 -4.21
N THR A 247 -11.22 -16.66 -3.32
CA THR A 247 -12.41 -17.35 -2.90
C THR A 247 -12.66 -17.11 -1.43
N LEU A 248 -13.86 -16.59 -1.13
CA LEU A 248 -14.40 -16.49 0.21
C LEU A 248 -15.45 -17.57 0.40
N SER A 249 -15.34 -18.31 1.49
CA SER A 249 -16.36 -19.29 1.88
C SER A 249 -16.94 -18.83 3.21
N SER A 250 -18.18 -18.38 3.18
CA SER A 250 -18.79 -17.73 4.33
C SER A 250 -17.90 -16.60 4.85
N GLY A 251 -17.53 -15.70 3.94
CA GLY A 251 -16.80 -14.48 4.29
C GLY A 251 -17.71 -13.27 4.08
N ASN A 252 -17.60 -12.31 4.99
CA ASN A 252 -18.50 -11.17 5.02
C ASN A 252 -17.74 -9.90 5.33
N ARG A 253 -18.27 -8.77 4.84
CA ARG A 253 -17.73 -7.44 5.11
C ARG A 253 -16.28 -7.30 4.65
N ALA A 254 -15.91 -8.03 3.59
CA ALA A 254 -14.61 -7.84 2.97
C ALA A 254 -14.58 -6.56 2.14
N SER A 255 -13.38 -6.00 2.00
CA SER A 255 -13.13 -4.83 1.16
C SER A 255 -12.04 -5.23 0.17
N ILE A 256 -12.42 -5.43 -1.09
CA ILE A 256 -11.55 -5.94 -2.15
C ILE A 256 -11.48 -4.83 -3.18
N THR A 257 -10.44 -4.01 -3.10
CA THR A 257 -10.38 -2.74 -3.80
C THR A 257 -8.98 -2.46 -4.33
N SER A 258 -8.93 -1.75 -5.44
CA SER A 258 -7.66 -1.22 -5.95
C SER A 258 -6.64 -2.32 -6.21
N ASN A 259 -7.10 -3.43 -6.81
CA ASN A 259 -6.22 -4.52 -7.22
C ASN A 259 -6.18 -4.64 -8.74
N LYS A 260 -5.05 -5.16 -9.23
CA LYS A 260 -4.89 -5.60 -10.61
C LYS A 260 -5.04 -7.12 -10.61
N LEU A 261 -6.06 -7.63 -11.29
CA LEU A 261 -6.49 -9.02 -11.19
C LEU A 261 -6.50 -9.67 -12.57
N LEU A 262 -5.75 -10.77 -12.73
CA LEU A 262 -5.67 -11.39 -14.03
C LEU A 262 -5.70 -12.90 -13.90
N SER A 263 -6.50 -13.54 -14.75
CA SER A 263 -6.52 -14.99 -14.80
C SER A 263 -6.71 -15.50 -16.22
N ASN A 264 -6.17 -16.69 -16.46
CA ASN A 264 -6.43 -17.48 -17.66
C ASN A 264 -7.62 -18.39 -17.46
N PHE A 265 -8.35 -18.26 -16.36
CA PHE A 265 -9.38 -19.18 -15.92
C PHE A 265 -10.53 -18.41 -15.30
N PRO A 266 -11.71 -19.02 -15.22
CA PRO A 266 -12.81 -18.38 -14.47
C PRO A 266 -12.52 -18.26 -12.99
N SER A 267 -13.45 -17.64 -12.25
N SER A 267 -13.45 -17.64 -12.25
CA SER A 267 -13.42 -17.53 -10.79
CA SER A 267 -13.42 -17.53 -10.79
C SER A 267 -12.29 -16.63 -10.27
C SER A 267 -12.29 -16.64 -10.28
N GLN A 268 -12.20 -15.42 -10.82
CA GLN A 268 -11.25 -14.45 -10.27
C GLN A 268 -11.62 -14.03 -8.85
N ILE A 269 -12.91 -13.78 -8.60
CA ILE A 269 -13.46 -13.70 -7.26
C ILE A 269 -14.69 -14.60 -7.17
N ALA A 270 -14.71 -15.47 -6.16
CA ALA A 270 -15.86 -16.30 -5.87
C ALA A 270 -16.29 -16.02 -4.43
N LEU A 271 -17.51 -15.53 -4.28
CA LEU A 271 -18.12 -15.27 -2.97
C LEU A 271 -19.07 -16.43 -2.74
N LEU A 272 -18.66 -17.40 -1.90
CA LEU A 272 -19.37 -18.66 -1.81
C LEU A 272 -19.96 -18.91 -0.43
N ASN A 273 -20.93 -19.82 -0.38
CA ASN A 273 -21.51 -20.28 0.88
C ASN A 273 -21.95 -19.11 1.75
N ASN A 274 -22.84 -18.32 1.15
CA ASN A 274 -23.49 -17.17 1.76
C ASN A 274 -22.47 -16.14 2.26
N SER A 275 -21.67 -15.67 1.30
CA SER A 275 -20.71 -14.60 1.55
C SER A 275 -21.39 -13.27 1.23
N SER A 276 -21.51 -12.38 2.22
CA SER A 276 -22.40 -11.23 2.10
C SER A 276 -21.73 -9.91 2.47
N GLU A 277 -22.31 -8.83 1.95
CA GLU A 277 -21.89 -7.47 2.27
C GLU A 277 -20.39 -7.25 2.04
N ASN A 278 -19.91 -7.78 0.93
CA ASN A 278 -18.53 -7.62 0.51
C ASN A 278 -18.48 -6.60 -0.61
N LEU A 279 -17.46 -5.74 -0.57
CA LEU A 279 -17.21 -4.72 -1.56
C LEU A 279 -16.12 -5.15 -2.53
N ILE A 280 -16.41 -5.05 -3.81
CA ILE A 280 -15.49 -5.27 -4.91
C ILE A 280 -15.50 -3.96 -5.70
N SER A 281 -14.51 -3.10 -5.51
CA SER A 281 -14.56 -1.76 -6.11
C SER A 281 -13.20 -1.33 -6.61
N ALA A 282 -13.18 -0.63 -7.75
CA ALA A 282 -11.97 -0.05 -8.29
C ALA A 282 -10.88 -1.09 -8.51
N ASN A 283 -11.26 -2.23 -9.09
CA ASN A 283 -10.33 -3.26 -9.53
C ASN A 283 -10.35 -3.39 -11.04
N HIS A 284 -9.21 -3.73 -11.62
CA HIS A 284 -9.14 -4.10 -13.02
C HIS A 284 -9.12 -5.62 -13.13
N PHE A 285 -10.11 -6.18 -13.80
CA PHE A 285 -10.20 -7.63 -14.03
C PHE A 285 -9.86 -7.93 -15.48
N ARG A 286 -8.96 -8.88 -15.70
CA ARG A 286 -8.56 -9.32 -17.03
C ARG A 286 -8.66 -10.85 -17.09
N ARG A 287 -9.48 -11.35 -18.00
CA ARG A 287 -9.56 -12.77 -18.30
C ARG A 287 -9.02 -13.03 -19.70
N VAL A 288 -8.06 -13.95 -19.79
CA VAL A 288 -7.41 -14.34 -21.02
C VAL A 288 -7.34 -15.86 -21.02
N HIS A 289 -6.65 -16.44 -22.01
CA HIS A 289 -6.65 -17.89 -22.17
C HIS A 289 -5.29 -18.38 -22.60
N GLY A 290 -4.91 -19.54 -22.07
CA GLY A 290 -3.87 -20.35 -22.69
C GLY A 290 -2.56 -20.45 -21.93
N ASP A 291 -2.35 -19.65 -20.89
CA ASP A 291 -1.18 -19.82 -20.02
C ASP A 291 -1.51 -20.95 -19.06
N GLY A 292 -1.42 -22.18 -19.56
CA GLY A 292 -2.03 -23.32 -18.94
C GLY A 292 -3.50 -23.42 -19.29
N THR A 293 -4.05 -24.63 -19.24
CA THR A 293 -5.47 -24.84 -19.49
C THR A 293 -6.03 -25.78 -18.44
N SER A 294 -7.32 -25.65 -18.19
CA SER A 294 -7.98 -26.41 -17.15
C SER A 294 -9.47 -26.46 -17.42
N THR A 295 -10.12 -27.51 -16.93
CA THR A 295 -11.57 -27.59 -16.91
C THR A 295 -12.14 -27.55 -15.49
N ARG A 296 -11.35 -27.09 -14.51
CA ARG A 296 -11.88 -26.94 -13.16
C ARG A 296 -13.17 -26.15 -13.14
N PHE A 297 -13.21 -25.06 -13.89
CA PHE A 297 -14.39 -24.24 -14.05
C PHE A 297 -14.71 -24.15 -15.54
N ASP A 298 -15.99 -24.03 -15.88
CA ASP A 298 -16.34 -23.64 -17.23
C ASP A 298 -16.61 -22.14 -17.24
N ASP A 299 -16.78 -21.60 -18.45
CA ASP A 299 -16.84 -20.14 -18.60
C ASP A 299 -18.18 -19.56 -18.23
N LYS A 300 -19.14 -20.38 -17.82
CA LYS A 300 -20.35 -19.89 -17.19
C LYS A 300 -20.18 -19.66 -15.69
N PHE A 301 -19.03 -19.98 -15.10
CA PHE A 301 -18.88 -19.80 -13.66
C PHE A 301 -18.83 -18.33 -13.28
N GLY A 302 -18.25 -17.52 -14.14
CA GLY A 302 -18.11 -16.09 -13.94
C GLY A 302 -16.68 -15.68 -13.66
N MET A 303 -16.29 -14.51 -14.17
CA MET A 303 -15.10 -13.85 -13.65
C MET A 303 -15.31 -13.54 -12.18
N VAL A 304 -16.51 -13.06 -11.82
CA VAL A 304 -16.95 -12.91 -10.45
C VAL A 304 -18.19 -13.79 -10.30
N HIS A 305 -18.22 -14.57 -9.22
CA HIS A 305 -19.30 -15.50 -8.91
C HIS A 305 -19.82 -15.17 -7.51
N ILE A 306 -21.12 -14.93 -7.41
CA ILE A 306 -21.72 -14.44 -6.16
C ILE A 306 -22.78 -15.41 -5.66
N ALA A 307 -22.58 -15.93 -4.45
CA ALA A 307 -23.56 -16.73 -3.74
C ALA A 307 -23.65 -16.16 -2.32
N GLY A 308 -24.51 -15.16 -2.17
CA GLY A 308 -24.59 -14.41 -0.93
C GLY A 308 -25.41 -13.17 -1.17
N ASN A 309 -25.57 -12.40 -0.11
CA ASN A 309 -26.45 -11.24 -0.12
C ASN A 309 -25.70 -9.93 -0.02
N LYS A 310 -26.29 -8.90 -0.62
CA LYS A 310 -25.96 -7.53 -0.31
C LYS A 310 -24.51 -7.18 -0.63
N ASN A 311 -23.91 -7.87 -1.60
CA ASN A 311 -22.57 -7.53 -2.05
C ASN A 311 -22.63 -6.34 -3.00
N THR A 312 -21.48 -5.69 -3.15
CA THR A 312 -21.39 -4.42 -3.86
C THR A 312 -20.25 -4.50 -4.85
N VAL A 313 -20.54 -4.28 -6.13
CA VAL A 313 -19.56 -4.40 -7.21
C VAL A 313 -19.60 -3.09 -8.00
N THR A 314 -18.62 -2.20 -7.77
CA THR A 314 -18.69 -0.85 -8.31
C THR A 314 -17.35 -0.37 -8.89
N GLY A 315 -17.43 0.33 -10.03
CA GLY A 315 -16.28 1.04 -10.56
C GLY A 315 -15.15 0.19 -11.08
N ASN A 316 -15.41 -1.05 -11.45
CA ASN A 316 -14.43 -1.97 -11.98
C ASN A 316 -14.44 -1.99 -13.50
N GLN A 317 -13.36 -2.49 -14.07
CA GLN A 317 -13.36 -2.91 -15.47
C GLN A 317 -13.28 -4.42 -15.53
N PHE A 318 -14.11 -5.02 -16.36
CA PHE A 318 -14.06 -6.44 -16.66
C PHE A 318 -13.68 -6.58 -18.13
N SER A 319 -12.45 -7.01 -18.38
CA SER A 319 -11.91 -7.17 -19.72
C SER A 319 -11.73 -8.66 -19.99
N PHE A 320 -12.42 -9.15 -21.02
CA PHE A 320 -12.50 -10.58 -21.32
C PHE A 320 -12.03 -10.80 -22.75
N ASP A 321 -11.01 -11.65 -22.93
CA ASP A 321 -10.50 -11.97 -24.27
C ASP A 321 -10.12 -13.45 -24.29
N VAL A 322 -11.07 -14.29 -24.71
CA VAL A 322 -10.88 -15.74 -24.86
C VAL A 322 -11.36 -16.14 -26.25
N PRO A 323 -10.54 -16.84 -27.03
CA PRO A 323 -11.01 -17.25 -28.37
C PRO A 323 -12.28 -18.08 -28.31
N SER A 324 -13.20 -17.83 -29.26
CA SER A 324 -14.50 -18.49 -29.19
C SER A 324 -14.36 -19.99 -29.19
N GLN A 325 -13.38 -20.53 -29.93
CA GLN A 325 -13.21 -21.99 -29.98
C GLN A 325 -12.75 -22.58 -28.65
N ASN A 326 -12.30 -21.75 -27.72
CA ASN A 326 -11.87 -22.24 -26.40
C ASN A 326 -12.92 -22.05 -25.32
N ILE A 327 -14.03 -21.40 -25.62
CA ILE A 327 -15.04 -21.14 -24.59
C ILE A 327 -15.88 -22.39 -24.37
N THR A 328 -16.16 -22.69 -23.09
CA THR A 328 -16.99 -23.81 -22.67
C THR A 328 -18.12 -23.35 -21.76
N PRO A 329 -19.28 -23.98 -21.84
CA PRO A 329 -19.70 -24.99 -22.83
C PRO A 329 -19.64 -24.41 -24.23
N ALA A 330 -19.27 -25.24 -25.22
CA ALA A 330 -19.22 -24.77 -26.59
C ALA A 330 -20.57 -24.20 -27.01
N GLY A 331 -20.52 -23.10 -27.74
CA GLY A 331 -21.72 -22.46 -28.27
C GLY A 331 -22.45 -21.57 -27.30
N GLN A 332 -21.97 -21.42 -26.08
CA GLN A 332 -22.67 -20.61 -25.08
C GLN A 332 -21.87 -19.35 -24.81
N ASP A 333 -22.56 -18.28 -24.47
CA ASP A 333 -21.88 -17.02 -24.18
C ASP A 333 -21.24 -17.07 -22.80
N PRO A 334 -19.98 -16.63 -22.65
CA PRO A 334 -19.33 -16.66 -21.34
C PRO A 334 -19.91 -15.62 -20.41
N THR A 335 -19.73 -15.87 -19.11
CA THR A 335 -20.34 -15.05 -18.06
C THR A 335 -19.30 -14.16 -17.39
N ILE A 336 -19.61 -12.88 -17.29
CA ILE A 336 -18.73 -11.93 -16.62
C ILE A 336 -18.97 -11.94 -15.12
N VAL A 337 -20.20 -11.68 -14.71
CA VAL A 337 -20.61 -11.82 -13.32
C VAL A 337 -21.78 -12.80 -13.29
N LEU A 338 -21.66 -13.85 -12.51
CA LEU A 338 -22.78 -14.74 -12.22
C LEU A 338 -23.27 -14.44 -10.81
N VAL A 339 -24.50 -13.95 -10.69
CA VAL A 339 -25.15 -13.85 -9.39
C VAL A 339 -25.91 -15.17 -9.28
N LYS A 340 -25.30 -16.14 -8.59
CA LYS A 340 -25.81 -17.50 -8.54
C LYS A 340 -26.95 -17.66 -7.54
N SER A 341 -26.88 -16.96 -6.42
CA SER A 341 -27.89 -17.03 -5.38
C SER A 341 -27.73 -15.79 -4.52
N GLY A 342 -28.83 -15.36 -3.91
CA GLY A 342 -28.77 -14.28 -2.94
C GLY A 342 -29.65 -13.10 -3.30
N ASP A 343 -29.69 -12.17 -2.35
CA ASP A 343 -30.61 -11.06 -2.32
C ASP A 343 -29.89 -9.73 -2.25
N ASN A 344 -30.39 -8.76 -3.01
CA ASN A 344 -30.00 -7.35 -2.90
C ASN A 344 -28.52 -7.15 -3.21
N ASN A 345 -27.97 -7.95 -4.10
CA ASN A 345 -26.64 -7.64 -4.62
C ASN A 345 -26.73 -6.44 -5.56
N TYR A 346 -25.63 -5.70 -5.64
CA TYR A 346 -25.60 -4.38 -6.28
C TYR A 346 -24.39 -4.29 -7.20
N LEU A 347 -24.65 -4.06 -8.48
CA LEU A 347 -23.63 -3.84 -9.50
C LEU A 347 -23.84 -2.46 -10.08
N ALA A 348 -22.85 -1.58 -9.97
CA ALA A 348 -23.02 -0.24 -10.53
C ALA A 348 -21.72 0.30 -11.10
N SER A 349 -21.84 1.00 -12.21
CA SER A 349 -20.75 1.77 -12.80
C SER A 349 -19.52 0.89 -13.06
N ASN A 350 -19.76 -0.26 -13.69
CA ASN A 350 -18.70 -1.15 -14.15
C ASN A 350 -18.72 -1.16 -15.67
N HIS A 351 -17.55 -1.29 -16.26
CA HIS A 351 -17.38 -1.35 -17.71
C HIS A 351 -16.99 -2.77 -18.10
N ILE A 352 -17.79 -3.38 -18.99
CA ILE A 352 -17.51 -4.72 -19.49
C ILE A 352 -17.06 -4.62 -20.94
N THR A 353 -15.87 -5.15 -21.23
CA THR A 353 -15.33 -5.19 -22.59
C THR A 353 -14.93 -6.61 -22.91
N SER A 354 -15.44 -7.16 -24.01
CA SER A 354 -15.22 -8.57 -24.29
C SER A 354 -15.08 -8.78 -25.79
N ASN A 355 -14.34 -9.83 -26.15
CA ASN A 355 -14.09 -10.11 -27.56
C ASN A 355 -15.25 -10.85 -28.21
N VAL A 356 -16.09 -11.50 -27.41
CA VAL A 356 -17.32 -12.15 -27.83
C VAL A 356 -18.42 -11.62 -26.92
N ALA A 357 -19.67 -11.83 -27.34
CA ALA A 357 -20.79 -11.51 -26.47
C ALA A 357 -20.61 -12.18 -25.13
N ALA A 358 -20.73 -11.41 -24.04
CA ALA A 358 -20.57 -11.94 -22.69
C ALA A 358 -21.61 -11.28 -21.81
N LYS A 359 -21.96 -11.96 -20.71
CA LYS A 359 -23.16 -11.57 -19.97
C LYS A 359 -22.95 -11.50 -18.47
N VAL A 360 -23.72 -10.60 -17.85
CA VAL A 360 -24.04 -10.70 -16.44
C VAL A 360 -25.25 -11.61 -16.37
N VAL A 361 -25.15 -12.70 -15.61
CA VAL A 361 -26.22 -13.68 -15.50
C VAL A 361 -26.80 -13.60 -14.09
N LEU A 362 -28.11 -13.46 -14.00
CA LEU A 362 -28.83 -13.51 -12.73
C LEU A 362 -29.60 -14.83 -12.66
N ASP A 363 -29.19 -15.70 -11.75
CA ASP A 363 -29.86 -16.98 -11.58
C ASP A 363 -31.33 -16.77 -11.20
N ALA A 364 -32.18 -17.71 -11.63
CA ALA A 364 -33.61 -17.60 -11.36
C ALA A 364 -33.95 -17.51 -9.88
N SER A 365 -33.07 -17.97 -8.98
CA SER A 365 -33.33 -17.92 -7.55
C SER A 365 -33.04 -16.58 -6.92
N THR A 366 -32.35 -15.69 -7.63
CA THR A 366 -31.90 -14.45 -7.01
C THR A 366 -33.04 -13.45 -6.90
N THR A 367 -32.86 -12.48 -6.01
CA THR A 367 -33.86 -11.47 -5.75
C THR A 367 -33.21 -10.10 -5.60
N ALA A 368 -33.89 -9.10 -6.14
CA ALA A 368 -33.57 -7.68 -5.90
C ALA A 368 -32.13 -7.32 -6.30
N THR A 369 -31.59 -7.98 -7.32
CA THR A 369 -30.29 -7.55 -7.83
C THR A 369 -30.45 -6.23 -8.56
N ARG A 370 -29.53 -5.30 -8.29
CA ARG A 370 -29.48 -4.03 -9.03
C ARG A 370 -28.30 -4.07 -9.99
N VAL A 371 -28.58 -3.75 -11.26
CA VAL A 371 -27.55 -3.68 -12.31
C VAL A 371 -27.68 -2.30 -12.93
N LEU A 372 -26.78 -1.39 -12.56
CA LEU A 372 -26.94 0.04 -12.80
C LEU A 372 -25.73 0.57 -13.56
N HIS A 373 -25.91 0.87 -14.85
CA HIS A 373 -24.79 1.26 -15.70
C HIS A 373 -23.65 0.25 -15.56
N SER A 374 -24.01 -1.03 -15.54
CA SER A 374 -23.03 -2.09 -15.32
C SER A 374 -23.22 -3.22 -16.32
N ALA A 375 -23.98 -2.97 -17.39
CA ALA A 375 -24.30 -3.90 -18.45
C ALA A 375 -25.20 -3.19 -19.44
N THR A 376 -24.92 -3.32 -20.72
CA THR A 376 -25.92 -2.97 -21.71
C THR A 376 -27.02 -4.02 -21.68
N THR A 377 -28.12 -3.74 -22.37
CA THR A 377 -29.18 -4.74 -22.49
C THR A 377 -28.61 -6.07 -22.99
N ALA A 378 -27.72 -6.01 -23.99
CA ALA A 378 -27.15 -7.23 -24.58
C ALA A 378 -26.22 -7.94 -23.62
N GLN A 379 -25.74 -7.26 -22.59
CA GLN A 379 -24.84 -7.85 -21.61
C GLN A 379 -25.56 -8.37 -20.38
N LEU A 380 -26.89 -8.31 -20.32
CA LEU A 380 -27.63 -8.86 -19.18
C LEU A 380 -28.42 -10.08 -19.64
N ASP A 381 -28.23 -11.21 -18.94
CA ASP A 381 -29.05 -12.42 -19.09
C ASP A 381 -29.72 -12.66 -17.73
N ALA A 382 -30.84 -11.97 -17.51
CA ALA A 382 -31.60 -12.11 -16.27
C ALA A 382 -32.55 -13.31 -16.38
N LEU A 383 -32.34 -14.32 -15.54
CA LEU A 383 -33.16 -15.53 -15.55
C LEU A 383 -34.27 -15.44 -14.50
N THR A 384 -34.39 -14.29 -13.86
CA THR A 384 -35.52 -13.93 -13.01
C THR A 384 -35.94 -12.51 -13.34
N THR A 385 -37.26 -12.27 -13.29
CA THR A 385 -37.79 -10.93 -13.43
C THR A 385 -37.62 -10.09 -12.16
N ASN A 386 -37.12 -10.70 -11.09
CA ASN A 386 -36.92 -10.01 -9.82
C ASN A 386 -35.51 -9.40 -9.81
N HIS A 387 -35.40 -8.26 -10.49
CA HIS A 387 -34.15 -7.48 -10.55
C HIS A 387 -34.51 -6.07 -11.00
N PHE A 388 -33.53 -5.17 -10.84
CA PHE A 388 -33.63 -3.80 -11.32
C PHE A 388 -32.52 -3.57 -12.35
N MET A 389 -32.89 -3.12 -13.55
CA MET A 389 -31.93 -2.83 -14.60
C MET A 389 -32.02 -1.36 -15.01
N VAL A 390 -30.90 -0.66 -14.89
CA VAL A 390 -30.72 0.65 -15.50
C VAL A 390 -29.59 0.44 -16.49
N ALA A 391 -29.95 0.26 -17.76
CA ALA A 391 -28.98 -0.24 -18.72
C ALA A 391 -27.89 0.78 -18.99
N THR A 392 -26.69 0.28 -19.18
CA THR A 392 -25.68 1.05 -19.87
C THR A 392 -26.17 1.31 -21.29
N PRO A 393 -26.23 2.56 -21.72
CA PRO A 393 -26.85 2.83 -23.02
C PRO A 393 -26.14 2.13 -24.17
N SER A 394 -26.95 1.69 -25.14
CA SER A 394 -26.39 1.06 -26.32
C SER A 394 -27.13 1.41 -27.60
N HIS A 395 -28.31 2.03 -27.52
CA HIS A 395 -29.04 2.39 -28.73
C HIS A 395 -29.29 3.89 -28.80
N HIS A 396 -29.19 4.42 -30.02
CA HIS A 396 -29.49 5.81 -30.33
C HIS A 396 -30.96 5.98 -30.71
N ALA B 2 31.24 2.36 10.37
CA ALA B 2 31.13 3.80 10.59
C ALA B 2 30.66 4.06 12.02
N ASP B 3 30.89 5.27 12.51
CA ASP B 3 30.49 5.59 13.88
C ASP B 3 29.08 6.17 13.96
N THR B 4 28.28 6.04 12.89
CA THR B 4 26.92 6.55 12.85
C THR B 4 25.88 5.48 13.18
N VAL B 5 26.29 4.30 13.61
CA VAL B 5 25.39 3.20 13.93
C VAL B 5 25.55 2.86 15.40
N TYR B 6 24.45 2.96 16.15
CA TYR B 6 24.41 2.67 17.56
C TYR B 6 23.44 1.52 17.82
N ASP B 7 23.73 0.75 18.85
CA ASP B 7 22.83 -0.24 19.42
C ASP B 7 22.72 0.14 20.89
N VAL B 8 21.48 0.38 21.36
CA VAL B 8 21.32 0.93 22.71
C VAL B 8 21.87 -0.02 23.77
N THR B 9 22.02 -1.30 23.47
CA THR B 9 22.51 -2.26 24.46
C THR B 9 24.01 -2.51 24.38
N THR B 10 24.70 -2.05 23.34
CA THR B 10 26.16 -2.25 23.25
C THR B 10 26.94 -0.94 23.31
N TRP B 11 26.28 0.19 23.20
CA TRP B 11 26.98 1.47 23.23
C TRP B 11 27.57 1.70 24.61
N ALA B 12 28.91 1.77 24.66
CA ALA B 12 29.63 1.87 25.93
C ALA B 12 29.54 3.24 26.58
N GLY B 13 28.99 4.25 25.90
CA GLY B 13 28.95 5.59 26.45
C GLY B 13 27.79 5.89 27.36
N ALA B 14 26.89 4.93 27.57
CA ALA B 14 25.72 5.15 28.40
C ALA B 14 26.08 5.14 29.88
N THR B 15 25.49 6.05 30.63
CA THR B 15 25.64 6.11 32.08
C THR B 15 24.55 5.34 32.82
N VAL B 16 23.56 4.80 32.12
CA VAL B 16 22.46 4.07 32.71
C VAL B 16 22.11 2.92 31.76
N SER B 17 21.56 1.87 32.32
CA SER B 17 21.17 0.72 31.51
C SER B 17 19.98 1.08 30.65
N PRO B 18 19.95 0.67 29.38
CA PRO B 18 18.77 0.94 28.55
C PRO B 18 17.54 0.18 29.00
N TYR B 19 17.71 -0.94 29.70
CA TYR B 19 16.56 -1.64 30.24
C TYR B 19 15.93 -0.87 31.38
N VAL B 20 16.73 -0.10 32.11
CA VAL B 20 16.21 0.72 33.20
C VAL B 20 15.64 2.02 32.68
N ASP B 21 16.36 2.72 31.78
CA ASP B 21 15.84 3.96 31.21
C ASP B 21 16.42 4.15 29.80
N ILE B 22 15.73 3.61 28.80
CA ILE B 22 16.19 3.75 27.43
C ILE B 22 16.06 5.20 26.95
N GLY B 23 15.19 6.01 27.55
CA GLY B 23 15.11 7.40 27.13
C GLY B 23 16.39 8.14 27.43
N ALA B 24 16.95 7.91 28.62
CA ALA B 24 18.22 8.53 28.96
C ALA B 24 19.33 8.06 28.01
N VAL B 25 19.38 6.76 27.74
CA VAL B 25 20.40 6.23 26.83
C VAL B 25 20.25 6.85 25.45
N ILE B 26 19.02 6.96 24.94
CA ILE B 26 18.85 7.55 23.62
C ILE B 26 19.19 9.04 23.65
N ASN B 27 18.84 9.76 24.73
CA ASN B 27 19.26 11.15 24.82
C ASN B 27 20.77 11.27 24.81
N GLN B 28 21.47 10.32 25.47
CA GLN B 28 22.94 10.36 25.51
C GLN B 28 23.55 10.04 24.16
N ILE B 29 22.92 9.14 23.40
CA ILE B 29 23.37 8.90 22.03
C ILE B 29 23.18 10.14 21.16
N ILE B 30 22.03 10.82 21.30
CA ILE B 30 21.78 12.03 20.53
C ILE B 30 22.81 13.10 20.85
N ALA B 31 23.17 13.24 22.13
CA ALA B 31 24.23 14.18 22.48
C ALA B 31 25.54 13.78 21.83
N ASP B 32 25.83 12.49 21.76
CA ASP B 32 27.04 12.02 21.09
C ASP B 32 27.01 12.39 19.61
N ILE B 33 25.87 12.15 18.96
CA ILE B 33 25.74 12.49 17.54
C ILE B 33 26.02 13.97 17.33
N LYS B 34 25.47 14.82 18.18
CA LYS B 34 25.60 16.25 17.98
C LYS B 34 27.02 16.71 18.24
N SER B 35 27.74 16.00 19.11
CA SER B 35 29.15 16.31 19.33
C SER B 35 30.03 15.93 18.15
N LYS B 36 29.57 15.01 17.30
CA LYS B 36 30.32 14.54 16.16
C LYS B 36 29.86 15.15 14.84
N GLN B 37 28.63 15.63 14.76
CA GLN B 37 28.04 16.09 13.50
C GLN B 37 27.68 17.55 13.75
N THR B 38 28.56 18.44 13.34
CA THR B 38 28.63 19.76 13.91
C THR B 38 28.51 20.92 12.94
N THR B 39 28.31 20.69 11.65
CA THR B 39 28.12 21.78 10.71
C THR B 39 27.00 21.43 9.74
N GLN B 40 26.58 22.45 8.97
CA GLN B 40 25.46 22.30 8.03
C GLN B 40 25.65 21.16 7.06
N THR B 41 26.91 20.87 6.69
CA THR B 41 27.23 19.88 5.67
C THR B 41 27.82 18.60 6.25
N THR B 42 27.82 18.45 7.59
CA THR B 42 28.36 17.25 8.21
C THR B 42 27.37 16.65 9.19
N ARG B 43 26.07 16.75 8.87
CA ARG B 43 25.00 16.21 9.71
C ARG B 43 24.15 15.22 8.91
N PRO B 44 24.76 14.11 8.47
CA PRO B 44 23.98 13.07 7.78
C PRO B 44 23.04 12.28 8.67
N GLY B 45 23.20 12.32 9.98
CA GLY B 45 22.34 11.53 10.86
C GLY B 45 22.96 10.23 11.30
N ALA B 46 22.08 9.33 11.77
CA ALA B 46 22.56 8.16 12.50
C ALA B 46 21.43 7.15 12.58
N VAL B 47 21.81 5.92 12.95
CA VAL B 47 20.89 4.84 13.25
C VAL B 47 21.01 4.49 14.72
N ILE B 48 19.89 4.37 15.39
CA ILE B 48 19.82 3.80 16.73
C ILE B 48 18.99 2.52 16.66
N TYR B 49 19.63 1.38 16.88
CA TYR B 49 18.98 0.10 16.83
C TYR B 49 18.63 -0.35 18.24
N ILE B 50 17.42 -0.87 18.38
CA ILE B 50 16.90 -1.42 19.63
C ILE B 50 16.68 -2.92 19.42
N PRO B 51 17.52 -3.79 19.98
CA PRO B 51 17.29 -5.24 19.84
C PRO B 51 16.05 -5.67 20.62
N PRO B 52 15.54 -6.86 20.36
CA PRO B 52 14.40 -7.33 21.17
C PRO B 52 14.76 -7.27 22.64
N GLY B 53 13.80 -6.80 23.43
CA GLY B 53 13.99 -6.68 24.86
C GLY B 53 12.86 -5.88 25.45
N HIS B 54 12.76 -5.94 26.76
CA HIS B 54 11.85 -5.10 27.53
C HIS B 54 12.63 -3.92 28.08
N TYR B 55 12.28 -2.71 27.68
CA TYR B 55 12.99 -1.49 28.08
C TYR B 55 12.03 -0.51 28.73
N ASP B 56 12.33 -0.09 29.95
CA ASP B 56 11.59 1.01 30.53
C ASP B 56 12.10 2.32 29.98
N LEU B 57 11.18 3.24 29.69
CA LEU B 57 11.52 4.63 29.43
C LEU B 57 11.05 5.45 30.61
N LEU B 58 12.00 6.10 31.30
CA LEU B 58 11.67 7.01 32.39
C LEU B 58 11.84 8.47 32.02
N THR B 59 12.71 8.75 31.04
CA THR B 59 13.02 10.10 30.59
C THR B 59 12.57 10.28 29.16
N ARG B 60 11.81 11.33 28.92
CA ARG B 60 11.42 11.71 27.57
C ARG B 60 12.64 11.92 26.70
N VAL B 61 12.58 11.38 25.49
CA VAL B 61 13.59 11.58 24.47
C VAL B 61 13.24 12.85 23.69
N VAL B 62 14.21 13.74 23.51
CA VAL B 62 13.98 14.93 22.69
C VAL B 62 14.88 14.85 21.47
N ILE B 63 14.27 14.85 20.28
CA ILE B 63 14.99 14.70 19.02
C ILE B 63 14.89 16.02 18.26
N ASP B 64 16.05 16.62 17.94
CA ASP B 64 16.10 17.75 17.03
C ASP B 64 17.20 17.55 15.99
N VAL B 65 17.42 16.29 15.63
CA VAL B 65 18.41 15.86 14.65
C VAL B 65 17.65 15.32 13.45
N SER B 66 17.92 15.89 12.27
CA SER B 66 17.34 15.32 11.05
C SER B 66 17.98 14.00 10.69
N PHE B 67 17.24 13.16 9.96
CA PHE B 67 17.76 11.92 9.38
C PHE B 67 18.16 10.91 10.45
N LEU B 68 17.55 11.00 11.63
CA LEU B 68 17.74 9.99 12.67
C LEU B 68 16.80 8.84 12.40
N GLN B 69 17.33 7.63 12.35
CA GLN B 69 16.55 6.40 12.26
C GLN B 69 16.61 5.69 13.60
N ILE B 70 15.45 5.42 14.19
CA ILE B 70 15.34 4.58 15.38
C ILE B 70 14.56 3.35 14.96
N LYS B 71 15.21 2.20 15.02
CA LYS B 71 14.69 0.98 14.41
C LYS B 71 14.80 -0.17 15.39
N GLY B 72 13.77 -1.02 15.39
CA GLY B 72 13.79 -2.27 16.13
C GLY B 72 13.53 -3.52 15.31
N ALA B 73 13.05 -4.56 15.98
CA ALA B 73 12.85 -5.88 15.39
C ALA B 73 11.39 -6.21 15.10
N GLY B 74 10.46 -5.29 15.31
CA GLY B 74 9.08 -5.54 14.94
C GLY B 74 8.11 -4.76 15.82
N HIS B 75 6.83 -4.86 15.47
CA HIS B 75 5.80 -4.08 16.13
C HIS B 75 5.42 -4.61 17.51
N GLY B 76 5.65 -5.90 17.77
CA GLY B 76 5.61 -6.39 19.14
C GLY B 76 4.25 -6.42 19.81
N PHE B 77 3.16 -6.32 19.06
CA PHE B 77 1.86 -6.14 19.66
C PHE B 77 1.37 -7.37 20.41
N LEU B 78 0.77 -7.12 21.57
CA LEU B 78 -0.04 -8.08 22.34
C LEU B 78 -1.21 -7.30 22.91
N SER B 79 -2.40 -7.89 22.90
CA SER B 79 -3.60 -7.19 23.35
C SER B 79 -3.62 -7.11 24.87
N GLU B 80 -3.20 -5.97 25.41
CA GLU B 80 -3.31 -5.75 26.84
C GLU B 80 -4.76 -5.61 27.27
N ALA B 81 -5.63 -5.19 26.35
CA ALA B 81 -7.04 -5.11 26.67
C ALA B 81 -7.61 -6.49 26.98
N ILE B 82 -7.30 -7.47 26.13
CA ILE B 82 -7.77 -8.82 26.40
C ILE B 82 -7.09 -9.38 27.65
N ARG B 83 -5.78 -9.13 27.79
CA ARG B 83 -5.07 -9.58 28.99
C ARG B 83 -5.78 -9.11 30.25
N ASP B 84 -6.16 -7.85 30.27
CA ASP B 84 -6.68 -7.23 31.49
C ASP B 84 -8.12 -7.64 31.79
N GLU B 85 -8.77 -8.39 30.90
CA GLU B 85 -10.05 -9.00 31.17
C GLU B 85 -9.99 -10.52 31.24
N SER B 86 -8.79 -11.09 31.32
CA SER B 86 -8.58 -12.53 31.23
C SER B 86 -7.87 -13.07 32.47
N GLN B 87 -7.95 -14.38 32.67
CA GLN B 87 -7.13 -15.09 33.65
C GLN B 87 -5.85 -15.54 32.97
N THR B 88 -4.74 -14.89 33.28
CA THR B 88 -3.52 -15.02 32.52
C THR B 88 -2.42 -15.82 33.21
N GLY B 89 -2.73 -16.52 34.30
CA GLY B 89 -1.68 -17.18 35.06
C GLY B 89 -0.85 -18.16 34.25
N SER B 90 -1.45 -18.78 33.24
CA SER B 90 -0.75 -19.75 32.40
C SER B 90 -0.39 -19.21 31.02
N TRP B 91 -0.63 -17.93 30.75
CA TRP B 91 -0.20 -17.37 29.48
C TRP B 91 1.31 -17.45 29.36
N VAL B 92 1.79 -17.84 28.19
CA VAL B 92 3.22 -17.90 27.96
C VAL B 92 3.83 -16.50 28.04
N GLU B 93 3.11 -15.47 27.57
CA GLU B 93 3.60 -14.10 27.69
C GLU B 93 2.44 -13.18 28.04
N THR B 94 2.70 -12.18 28.87
CA THR B 94 1.68 -11.22 29.28
C THR B 94 2.07 -9.78 28.96
N LEU B 95 3.16 -9.58 28.22
CA LEU B 95 3.60 -8.25 27.83
C LEU B 95 3.75 -8.22 26.32
N PRO B 96 3.46 -7.08 25.70
CA PRO B 96 3.99 -6.84 24.35
C PRO B 96 5.50 -7.03 24.32
N GLY B 97 6.06 -7.29 23.13
CA GLY B 97 7.44 -7.65 23.00
C GLY B 97 8.15 -7.05 21.80
N ALA B 98 8.98 -7.87 21.17
CA ALA B 98 9.95 -7.41 20.16
C ALA B 98 10.81 -6.33 20.80
N SER B 99 11.00 -5.19 20.14
CA SER B 99 11.80 -4.09 20.66
C SER B 99 10.82 -3.21 21.42
N HIS B 100 10.66 -3.51 22.70
CA HIS B 100 9.50 -3.09 23.49
C HIS B 100 9.87 -1.98 24.45
N ILE B 101 9.39 -0.77 24.17
CA ILE B 101 9.57 0.35 25.08
C ILE B 101 8.33 0.52 25.94
N ARG B 102 8.51 0.34 27.24
CA ARG B 102 7.48 0.57 28.24
C ARG B 102 7.56 2.03 28.63
N VAL B 103 6.53 2.80 28.27
CA VAL B 103 6.51 4.24 28.48
C VAL B 103 6.10 4.50 29.94
N ARG B 104 7.06 4.90 30.76
CA ARG B 104 6.91 5.01 32.21
C ARG B 104 7.58 6.29 32.72
N ASN B 105 7.31 7.40 32.04
CA ASN B 105 7.96 8.67 32.40
C ASN B 105 7.86 8.94 33.89
N ASN B 106 8.98 9.32 34.48
CA ASN B 106 8.99 9.84 35.85
C ASN B 106 9.59 11.23 35.89
N ASP B 107 9.66 11.89 34.73
CA ASP B 107 10.33 13.16 34.57
C ASP B 107 9.38 14.34 34.45
N GLY B 108 8.08 14.11 34.65
CA GLY B 108 7.10 15.18 34.55
C GLY B 108 6.49 15.39 33.20
N HIS B 109 6.91 14.65 32.19
CA HIS B 109 6.41 14.79 30.83
C HIS B 109 5.62 13.58 30.42
N ASN B 110 4.69 13.79 29.47
CA ASN B 110 3.78 12.73 29.04
C ASN B 110 4.21 12.03 27.76
N GLU B 111 5.21 12.54 27.04
CA GLU B 111 5.65 11.94 25.78
C GLU B 111 6.84 11.01 26.01
N ALA B 112 6.82 9.85 25.34
CA ALA B 112 8.03 9.06 25.24
C ALA B 112 9.05 9.74 24.33
N PHE B 113 8.63 10.14 23.14
CA PHE B 113 9.48 10.82 22.17
C PHE B 113 8.86 12.16 21.81
N LEU B 114 9.63 13.23 21.98
CA LEU B 114 9.26 14.56 21.51
C LEU B 114 10.25 14.92 20.42
N VAL B 115 9.73 15.20 19.23
CA VAL B 115 10.53 15.60 18.09
C VAL B 115 10.27 17.10 17.89
N SER B 116 11.26 17.91 18.24
CA SER B 116 11.03 19.35 18.30
C SER B 116 12.36 20.09 18.21
N ARG B 117 12.44 21.03 17.29
CA ARG B 117 13.53 21.99 17.17
C ARG B 117 12.99 23.36 17.50
N THR B 118 13.70 24.08 18.37
CA THR B 118 13.33 25.43 18.75
C THR B 118 13.78 26.40 17.66
N GLY B 119 12.96 27.38 17.41
CA GLY B 119 13.44 28.37 16.47
C GLY B 119 12.64 28.29 15.17
N ALA B 120 12.56 29.42 14.51
CA ALA B 120 11.73 29.53 13.32
C ALA B 120 12.29 28.64 12.22
N PRO B 121 11.45 27.80 11.59
CA PRO B 121 11.96 26.89 10.55
C PRO B 121 12.64 27.59 9.38
N ALA B 122 12.22 28.80 9.01
CA ALA B 122 12.89 29.48 7.90
C ALA B 122 14.32 29.83 8.28
N THR B 123 14.59 30.05 9.57
CA THR B 123 15.90 30.43 10.07
C THR B 123 16.79 29.23 10.34
N VAL B 124 16.28 28.24 11.08
CA VAL B 124 17.09 27.14 11.56
C VAL B 124 16.86 25.86 10.79
N GLY B 125 15.90 25.87 9.87
CA GLY B 125 15.54 24.65 9.14
C GLY B 125 14.49 23.84 9.88
N ARG B 126 13.74 23.05 9.10
CA ARG B 126 12.82 22.06 9.62
C ARG B 126 13.57 20.79 10.01
N LEU B 127 12.86 19.90 10.68
CA LEU B 127 13.36 18.56 10.94
C LEU B 127 12.95 17.68 9.77
N ASN B 128 13.93 16.99 9.20
CA ASN B 128 13.75 16.31 7.92
C ASN B 128 13.98 14.82 8.04
N SER B 129 13.03 14.05 7.50
CA SER B 129 13.22 12.63 7.19
C SER B 129 13.76 11.85 8.38
N ILE B 130 13.16 12.11 9.55
CA ILE B 130 13.33 11.27 10.72
C ILE B 130 12.50 10.01 10.51
N VAL B 131 13.07 8.86 10.88
CA VAL B 131 12.50 7.54 10.59
C VAL B 131 12.34 6.79 11.90
N PHE B 132 11.09 6.39 12.21
CA PHE B 132 10.78 5.47 13.30
C PHE B 132 10.29 4.19 12.66
N GLN B 133 10.98 3.07 12.90
CA GLN B 133 10.64 1.83 12.23
C GLN B 133 10.68 0.65 13.17
N ASP B 134 9.65 -0.19 13.10
CA ASP B 134 9.70 -1.56 13.61
C ASP B 134 10.09 -1.64 15.09
N PHE B 135 9.46 -0.83 15.94
CA PHE B 135 9.54 -1.09 17.38
C PHE B 135 8.19 -0.79 18.02
N CYS B 136 8.11 -1.08 19.32
CA CYS B 136 6.85 -1.07 20.04
C CYS B 136 6.88 -0.01 21.13
N LEU B 137 5.87 0.85 21.14
CA LEU B 137 5.64 1.82 22.20
C LEU B 137 4.37 1.47 22.97
N ASP B 138 4.50 1.32 24.30
CA ASP B 138 3.49 0.67 25.14
C ASP B 138 3.33 1.46 26.43
N GLY B 139 2.12 1.91 26.70
CA GLY B 139 1.81 2.65 27.92
C GLY B 139 1.56 1.83 29.18
N VAL B 140 1.66 0.51 29.08
N VAL B 140 1.66 0.51 29.08
CA VAL B 140 1.84 -0.44 30.18
CA VAL B 140 1.84 -0.43 30.18
C VAL B 140 0.52 -0.75 30.87
C VAL B 140 0.52 -0.75 30.87
N ASN B 141 -0.21 0.28 31.30
CA ASN B 141 -1.51 0.11 31.93
C ASN B 141 -2.43 1.24 31.49
N ALA B 142 -3.68 0.90 31.24
CA ALA B 142 -4.67 1.83 30.71
C ALA B 142 -6.04 1.16 30.76
N SER B 143 -7.08 1.98 30.84
CA SER B 143 -8.46 1.50 30.84
C SER B 143 -9.24 2.13 29.69
N LYS B 144 -10.18 1.37 29.13
CA LYS B 144 -10.98 1.86 28.02
C LYS B 144 -11.75 3.11 28.42
N PRO B 145 -11.89 4.10 27.52
CA PRO B 145 -11.44 4.14 26.11
C PRO B 145 -10.07 4.77 25.95
N TYR B 146 -9.25 4.82 27.00
CA TYR B 146 -7.85 5.18 26.93
C TYR B 146 -7.62 6.67 26.70
N LEU B 147 -8.68 7.47 26.77
CA LEU B 147 -8.61 8.91 26.68
C LEU B 147 -9.69 9.45 27.60
N PRO B 148 -9.35 10.17 28.67
CA PRO B 148 -8.01 10.67 29.02
C PRO B 148 -7.03 9.55 29.32
N GLY B 149 -7.53 8.42 29.84
CA GLY B 149 -6.68 7.26 30.01
C GLY B 149 -5.48 7.56 30.88
N ASN B 150 -4.33 7.05 30.47
CA ASN B 150 -3.10 7.22 31.22
C ASN B 150 -2.34 8.48 30.82
N GLY B 151 -2.89 9.23 29.88
CA GLY B 151 -2.32 10.49 29.45
C GLY B 151 -1.00 10.39 28.72
N LYS B 152 -0.60 9.19 28.28
CA LYS B 152 0.71 8.99 27.69
C LYS B 152 0.67 9.17 26.18
N THR B 153 1.70 9.78 25.64
CA THR B 153 1.84 9.95 24.19
C THR B 153 3.08 9.19 23.71
N GLY B 154 2.93 8.50 22.58
CA GLY B 154 4.05 7.75 22.06
C GLY B 154 5.10 8.61 21.38
N ILE B 155 4.73 9.21 20.25
CA ILE B 155 5.63 10.09 19.51
C ILE B 155 4.88 11.37 19.21
N SER B 156 5.50 12.49 19.50
CA SER B 156 4.90 13.80 19.28
C SER B 156 5.91 14.69 18.58
N PHE B 157 5.58 15.09 17.36
CA PHE B 157 6.35 16.07 16.60
C PHE B 157 5.72 17.44 16.84
N GLN B 158 6.47 18.39 17.39
CA GLN B 158 5.89 19.68 17.77
C GLN B 158 6.60 20.88 17.12
N SER B 159 7.39 20.63 16.08
CA SER B 159 7.94 21.70 15.25
C SER B 159 7.89 21.23 13.80
N ASP B 160 7.95 22.18 12.87
CA ASP B 160 7.62 21.89 11.48
C ASP B 160 8.60 20.87 10.91
N ASN B 161 8.08 19.96 10.10
CA ASN B 161 8.86 18.82 9.67
C ASN B 161 8.49 18.46 8.24
N ASP B 162 9.44 17.80 7.56
CA ASP B 162 9.29 17.40 6.17
C ASP B 162 9.74 15.97 5.97
N ALA B 163 8.91 15.19 5.28
CA ALA B 163 9.24 13.84 4.83
C ALA B 163 9.57 12.89 5.97
N VAL B 164 8.94 13.06 7.15
CA VAL B 164 9.19 12.13 8.24
C VAL B 164 8.49 10.81 7.89
N ARG B 165 8.84 9.76 8.62
CA ARG B 165 8.45 8.39 8.24
C ARG B 165 8.29 7.56 9.50
N ILE B 166 7.08 7.00 9.64
CA ILE B 166 6.70 6.16 10.78
C ILE B 166 6.18 4.88 10.16
N GLU B 167 6.94 3.79 10.28
CA GLU B 167 6.69 2.58 9.51
C GLU B 167 6.88 1.31 10.34
N GLY B 168 5.93 0.39 10.23
CA GLY B 168 6.12 -0.92 10.81
C GLY B 168 6.04 -0.99 12.30
N MET B 169 5.58 0.09 12.91
CA MET B 169 5.61 0.20 14.38
C MET B 169 4.41 -0.41 15.05
N GLY B 170 4.56 -0.70 16.33
CA GLY B 170 3.44 -1.06 17.19
C GLY B 170 3.26 0.03 18.24
N PHE B 171 2.00 0.40 18.47
CA PHE B 171 1.64 1.33 19.53
C PHE B 171 0.46 0.74 20.28
N VAL B 172 0.52 0.73 21.62
CA VAL B 172 -0.52 0.09 22.42
C VAL B 172 -0.61 0.79 23.79
N TYR B 173 -1.85 0.97 24.26
CA TYR B 173 -2.11 1.44 25.61
C TYR B 173 -1.54 2.84 25.83
N LEU B 174 -1.70 3.70 24.82
CA LEU B 174 -1.34 5.10 24.88
C LEU B 174 -2.57 5.97 24.70
N ALA B 175 -2.60 7.12 25.37
CA ALA B 175 -3.69 8.04 25.12
C ALA B 175 -3.62 8.58 23.70
N HIS B 176 -2.40 8.91 23.23
CA HIS B 176 -2.17 9.39 21.87
C HIS B 176 -0.99 8.63 21.32
N ALA B 177 -1.21 7.77 20.31
CA ALA B 177 -0.08 7.04 19.77
C ALA B 177 0.90 7.98 19.05
N LEU B 178 0.41 8.72 18.06
CA LEU B 178 1.23 9.56 17.19
C LEU B 178 0.57 10.90 16.98
N ILE B 179 1.30 11.96 17.27
CA ILE B 179 0.89 13.33 17.03
C ILE B 179 1.97 13.99 16.19
N ILE B 180 1.58 14.60 15.07
CA ILE B 180 2.53 15.31 14.20
C ILE B 180 1.94 16.68 13.92
N LYS B 181 2.59 17.73 14.43
CA LYS B 181 2.20 19.10 14.18
C LYS B 181 3.01 19.65 13.03
N GLY B 182 2.33 20.37 12.12
CA GLY B 182 3.03 21.06 11.05
C GLY B 182 3.78 20.12 10.13
N ALA B 183 3.13 19.03 9.72
CA ALA B 183 3.78 18.01 8.92
C ALA B 183 3.63 18.28 7.43
N ASP B 184 4.74 18.16 6.71
CA ASP B 184 4.79 18.26 5.26
C ASP B 184 5.26 16.92 4.73
N ALA B 185 4.43 16.29 3.89
CA ALA B 185 4.70 14.99 3.31
C ALA B 185 5.17 13.92 4.29
N PRO B 186 4.52 13.79 5.45
CA PRO B 186 4.82 12.64 6.32
C PRO B 186 4.32 11.34 5.71
N ASN B 187 4.99 10.26 6.06
CA ASN B 187 4.67 8.91 5.57
C ASN B 187 4.38 8.05 6.80
N ILE B 188 3.12 7.66 6.97
CA ILE B 188 2.69 6.86 8.12
C ILE B 188 2.14 5.56 7.54
N THR B 189 2.96 4.49 7.58
CA THR B 189 2.65 3.33 6.76
C THR B 189 3.00 2.02 7.46
N ASN B 190 2.12 1.05 7.30
CA ASN B 190 2.34 -0.32 7.75
C ASN B 190 2.49 -0.44 9.26
N ASN B 191 1.80 0.42 10.01
CA ASN B 191 1.87 0.37 11.46
C ASN B 191 0.72 -0.47 12.03
N PHE B 192 0.86 -0.79 13.32
CA PHE B 192 -0.16 -1.51 14.07
C PHE B 192 -0.43 -0.68 15.33
N ILE B 193 -1.49 0.12 15.31
CA ILE B 193 -1.86 1.00 16.42
C ILE B 193 -3.17 0.51 16.99
N ALA B 194 -3.18 0.11 18.25
CA ALA B 194 -4.38 -0.50 18.80
C ALA B 194 -4.49 -0.23 20.29
N GLU B 195 -5.73 -0.18 20.78
CA GLU B 195 -6.00 -0.01 22.21
C GLU B 195 -5.32 1.27 22.70
N CYS B 196 -5.58 2.33 21.93
CA CYS B 196 -4.96 3.62 22.17
C CYS B 196 -6.17 4.57 22.18
N GLY B 197 -6.04 5.74 22.79
CA GLY B 197 -7.15 6.68 22.80
C GLY B 197 -7.41 7.29 21.44
N SER B 198 -6.36 7.82 20.81
CA SER B 198 -6.32 8.25 19.42
C SER B 198 -5.11 7.61 18.74
N SER B 199 -5.20 7.37 17.42
CA SER B 199 -4.09 6.77 16.71
C SER B 199 -3.16 7.80 16.08
N ILE B 200 -3.69 8.63 15.17
CA ILE B 200 -2.90 9.60 14.42
C ILE B 200 -3.60 10.95 14.49
N GLU B 201 -2.88 11.97 14.96
CA GLU B 201 -3.39 13.34 15.00
C GLU B 201 -2.42 14.25 14.29
N LEU B 202 -2.85 14.81 13.13
CA LEU B 202 -2.03 15.77 12.39
C LEU B 202 -2.54 17.15 12.74
N THR B 203 -1.85 17.80 13.67
CA THR B 203 -2.30 19.04 14.27
C THR B 203 -1.62 20.25 13.65
N GLY B 204 -2.23 21.40 13.93
CA GLY B 204 -1.76 22.68 13.44
C GLY B 204 -2.16 22.90 12.00
N ALA B 205 -1.39 22.28 11.11
CA ALA B 205 -1.67 22.23 9.69
C ALA B 205 -0.84 21.09 9.12
N SER B 206 -1.20 20.64 7.93
CA SER B 206 -0.37 19.66 7.24
C SER B 206 -0.55 19.80 5.75
N GLN B 207 0.45 19.31 5.02
CA GLN B 207 0.44 19.19 3.57
C GLN B 207 0.78 17.75 3.18
N VAL B 208 -0.06 17.18 2.32
CA VAL B 208 0.11 15.91 1.61
C VAL B 208 0.67 14.80 2.51
N ALA B 209 0.06 14.61 3.67
CA ALA B 209 0.32 13.43 4.47
C ALA B 209 -0.15 12.18 3.74
N LYS B 210 0.62 11.11 3.89
CA LYS B 210 0.32 9.82 3.30
C LYS B 210 0.15 8.83 4.44
N ILE B 211 -1.06 8.30 4.59
CA ILE B 211 -1.40 7.37 5.67
C ILE B 211 -1.92 6.11 4.99
N THR B 212 -1.09 5.07 4.91
CA THR B 212 -1.38 3.91 4.10
C THR B 212 -1.08 2.61 4.85
N ASN B 213 -1.89 1.59 4.58
CA ASN B 213 -1.54 0.22 4.91
C ASN B 213 -1.35 0.00 6.40
N ASN B 214 -2.10 0.73 7.23
CA ASN B 214 -2.02 0.59 8.67
C ASN B 214 -3.21 -0.19 9.22
N PHE B 215 -3.00 -0.81 10.39
CA PHE B 215 -4.09 -1.16 11.30
C PHE B 215 -4.22 -0.02 12.31
N LEU B 216 -5.41 0.58 12.40
CA LEU B 216 -5.70 1.66 13.34
C LEU B 216 -6.93 1.23 14.15
N ILE B 217 -6.71 0.99 15.45
CA ILE B 217 -7.71 0.36 16.32
C ILE B 217 -7.83 1.11 17.64
N SER B 218 -7.91 2.44 17.56
CA SER B 218 -8.17 3.27 18.72
C SER B 218 -9.68 3.31 19.05
N ALA B 219 -9.98 3.74 20.28
CA ALA B 219 -11.34 3.64 20.81
C ALA B 219 -12.14 4.92 20.60
N TRP B 220 -13.26 5.03 21.30
CA TRP B 220 -14.36 5.88 20.88
C TRP B 220 -14.33 7.29 21.42
N ALA B 221 -13.38 7.63 22.28
CA ALA B 221 -13.26 8.98 22.81
C ALA B 221 -12.35 9.89 21.99
N GLY B 222 -11.59 9.34 21.05
CA GLY B 222 -10.67 10.12 20.25
C GLY B 222 -10.88 9.88 18.77
N TYR B 223 -9.77 9.81 18.04
CA TYR B 223 -9.77 9.75 16.59
C TYR B 223 -8.83 8.66 16.09
N SER B 224 -9.26 7.93 15.07
CA SER B 224 -8.31 7.12 14.33
C SER B 224 -7.35 8.01 13.53
N ILE B 225 -7.90 8.95 12.79
CA ILE B 225 -7.12 9.98 12.10
C ILE B 225 -7.83 11.30 12.33
N PHE B 226 -7.12 12.26 12.93
CA PHE B 226 -7.60 13.63 13.02
C PHE B 226 -6.63 14.51 12.24
N ALA B 227 -7.17 15.40 11.42
CA ALA B 227 -6.30 16.30 10.66
C ALA B 227 -6.97 17.66 10.52
N GLU B 228 -6.31 18.72 10.99
CA GLU B 228 -6.84 20.08 10.88
C GLU B 228 -5.97 20.93 9.96
N ASN B 229 -6.62 21.81 9.19
CA ASN B 229 -5.92 22.63 8.21
C ASN B 229 -5.02 21.76 7.34
N ALA B 230 -5.60 20.68 6.85
CA ALA B 230 -4.88 19.62 6.16
C ALA B 230 -5.20 19.67 4.68
N GLU B 231 -4.19 19.96 3.88
CA GLU B 231 -4.31 19.97 2.43
C GLU B 231 -3.77 18.66 1.86
N GLY B 232 -4.57 18.00 1.01
CA GLY B 232 -4.08 16.90 0.19
C GLY B 232 -3.76 15.60 0.90
N LEU B 233 -4.43 15.34 2.02
CA LEU B 233 -4.25 14.08 2.74
C LEU B 233 -4.56 12.89 1.83
N GLN B 234 -3.75 11.84 1.92
CA GLN B 234 -4.05 10.58 1.27
C GLN B 234 -4.16 9.49 2.32
N ILE B 235 -5.33 8.84 2.36
CA ILE B 235 -5.64 7.81 3.33
C ILE B 235 -6.11 6.61 2.54
N SER B 236 -5.27 5.58 2.42
CA SER B 236 -5.67 4.43 1.60
C SER B 236 -5.03 3.14 2.08
N GLY B 237 -5.72 2.04 1.80
CA GLY B 237 -5.19 0.73 2.14
C GLY B 237 -5.18 0.40 3.60
N ASN B 238 -5.89 1.15 4.42
CA ASN B 238 -5.89 0.96 5.86
C ASN B 238 -7.05 0.07 6.30
N THR B 239 -6.85 -0.60 7.42
CA THR B 239 -7.91 -1.30 8.13
C THR B 239 -8.11 -0.56 9.44
N ILE B 240 -9.25 0.11 9.58
CA ILE B 240 -9.50 1.01 10.70
C ILE B 240 -10.73 0.47 11.42
N LEU B 241 -10.55 0.09 12.68
CA LEU B 241 -11.49 -0.77 13.39
C LEU B 241 -11.87 -0.19 14.75
N TRP B 242 -12.83 -0.88 15.40
CA TRP B 242 -13.36 -0.60 16.74
C TRP B 242 -14.21 0.67 16.75
N ALA B 243 -13.55 1.81 16.62
CA ALA B 243 -14.18 3.12 16.62
C ALA B 243 -13.60 3.99 15.51
N CYS B 244 -13.59 3.47 14.29
CA CYS B 244 -13.11 4.25 13.15
C CYS B 244 -13.68 5.66 13.16
N ASN B 245 -12.80 6.64 13.24
CA ASN B 245 -13.22 8.03 13.20
C ASN B 245 -12.10 8.79 12.51
N ILE B 246 -12.35 9.15 11.25
CA ILE B 246 -11.48 10.02 10.47
C ILE B 246 -12.15 11.38 10.45
N THR B 247 -11.57 12.37 11.11
CA THR B 247 -12.13 13.72 11.16
C THR B 247 -11.15 14.70 10.54
N LEU B 248 -11.65 15.42 9.54
CA LEU B 248 -10.95 16.54 8.95
C LEU B 248 -11.62 17.82 9.46
N SER B 249 -10.81 18.76 9.93
CA SER B 249 -11.29 20.07 10.36
C SER B 249 -10.60 21.09 9.48
N SER B 250 -11.37 21.71 8.58
CA SER B 250 -10.83 22.52 7.49
C SER B 250 -9.78 21.73 6.71
N GLY B 251 -10.15 20.53 6.30
CA GLY B 251 -9.32 19.70 5.44
C GLY B 251 -9.88 19.71 4.03
N ASN B 252 -8.99 19.81 3.04
CA ASN B 252 -9.43 19.92 1.64
C ASN B 252 -8.58 19.07 0.73
N ARG B 253 -9.19 18.62 -0.36
CA ARG B 253 -8.50 17.86 -1.43
C ARG B 253 -7.88 16.57 -0.92
N ALA B 254 -8.50 15.96 0.10
CA ALA B 254 -8.11 14.65 0.57
C ALA B 254 -8.57 13.56 -0.36
N SER B 255 -7.84 12.45 -0.35
CA SER B 255 -8.17 11.24 -1.11
C SER B 255 -8.26 10.10 -0.11
N ILE B 256 -9.49 9.66 0.20
CA ILE B 256 -9.77 8.66 1.22
C ILE B 256 -10.38 7.49 0.47
N THR B 257 -9.56 6.48 0.17
CA THR B 257 -9.92 5.47 -0.80
C THR B 257 -9.40 4.11 -0.37
N SER B 258 -10.11 3.07 -0.78
CA SER B 258 -9.62 1.70 -0.65
C SER B 258 -9.23 1.37 0.80
N ASN B 259 -10.10 1.75 1.73
CA ASN B 259 -9.95 1.39 3.14
C ASN B 259 -11.08 0.49 3.60
N LYS B 260 -10.78 -0.32 4.60
CA LYS B 260 -11.77 -1.07 5.36
C LYS B 260 -12.01 -0.31 6.66
N LEU B 261 -13.25 0.15 6.87
CA LEU B 261 -13.60 1.10 7.92
C LEU B 261 -14.72 0.51 8.77
N LEU B 262 -14.48 0.38 10.08
CA LEU B 262 -15.47 -0.22 10.96
C LEU B 262 -15.55 0.54 12.27
N SER B 263 -16.77 0.83 12.70
CA SER B 263 -16.96 1.44 14.00
C SER B 263 -18.20 0.88 14.69
N ASN B 264 -18.18 0.93 16.02
CA ASN B 264 -19.35 0.68 16.84
C ASN B 264 -20.09 1.98 17.19
N PHE B 265 -19.75 3.09 16.55
CA PHE B 265 -20.19 4.43 16.88
C PHE B 265 -20.37 5.21 15.58
N PRO B 266 -21.14 6.30 15.61
CA PRO B 266 -21.18 7.20 14.45
C PRO B 266 -19.85 7.89 14.15
N SER B 267 -19.84 8.66 13.06
N SER B 267 -19.84 8.66 13.06
CA SER B 267 -18.71 9.50 12.66
CA SER B 267 -18.70 9.50 12.67
C SER B 267 -17.49 8.69 12.20
C SER B 267 -17.49 8.67 12.23
N GLN B 268 -17.72 7.76 11.29
CA GLN B 268 -16.60 7.07 10.65
C GLN B 268 -15.76 8.02 9.81
N ILE B 269 -16.38 8.93 9.07
CA ILE B 269 -15.68 10.07 8.48
C ILE B 269 -16.48 11.32 8.77
N ALA B 270 -15.83 12.33 9.35
CA ALA B 270 -16.45 13.64 9.56
C ALA B 270 -15.63 14.68 8.82
N LEU B 271 -16.27 15.39 7.90
CA LEU B 271 -15.66 16.50 7.17
C LEU B 271 -16.24 17.76 7.78
N LEU B 272 -15.46 18.43 8.63
CA LEU B 272 -15.94 19.49 9.51
C LEU B 272 -15.30 20.83 9.17
N ASN B 273 -15.97 21.91 9.58
CA ASN B 273 -15.42 23.27 9.49
C ASN B 273 -14.99 23.59 8.07
N ASN B 274 -15.93 23.44 7.16
CA ASN B 274 -15.76 23.76 5.74
C ASN B 274 -14.62 22.96 5.13
N SER B 275 -14.78 21.65 5.18
CA SER B 275 -13.84 20.73 4.55
C SER B 275 -14.40 20.39 3.18
N SER B 276 -13.62 20.67 2.14
CA SER B 276 -14.14 20.70 0.78
C SER B 276 -13.29 19.91 -0.20
N GLU B 277 -13.97 19.50 -1.28
CA GLU B 277 -13.32 18.82 -2.41
C GLU B 277 -12.50 17.62 -1.97
N ASN B 278 -13.06 16.86 -1.04
CA ASN B 278 -12.49 15.60 -0.55
C ASN B 278 -13.19 14.43 -1.22
N LEU B 279 -12.42 13.40 -1.57
CA LEU B 279 -12.92 12.19 -2.22
C LEU B 279 -12.99 11.06 -1.20
N ILE B 280 -14.14 10.40 -1.15
CA ILE B 280 -14.36 9.20 -0.33
C ILE B 280 -14.83 8.14 -1.33
N SER B 281 -13.94 7.23 -1.73
CA SER B 281 -14.25 6.34 -2.85
C SER B 281 -13.72 4.95 -2.58
N ALA B 282 -14.51 3.94 -2.92
CA ALA B 282 -14.06 2.55 -2.85
C ALA B 282 -13.63 2.15 -1.44
N ASN B 283 -14.43 2.54 -0.44
CA ASN B 283 -14.25 2.09 0.93
C ASN B 283 -15.43 1.21 1.35
N HIS B 284 -15.15 0.23 2.20
CA HIS B 284 -16.19 -0.53 2.87
C HIS B 284 -16.39 0.07 4.27
N PHE B 285 -17.61 0.56 4.53
CA PHE B 285 -17.99 1.09 5.83
C PHE B 285 -18.88 0.08 6.55
N ARG B 286 -18.56 -0.24 7.80
CA ARG B 286 -19.38 -1.11 8.63
C ARG B 286 -19.66 -0.42 9.96
N ARG B 287 -20.94 -0.24 10.29
CA ARG B 287 -21.37 0.26 11.59
C ARG B 287 -22.08 -0.87 12.33
N VAL B 288 -21.60 -1.16 13.53
CA VAL B 288 -22.17 -2.19 14.40
C VAL B 288 -22.30 -1.56 15.78
N HIS B 289 -22.70 -2.34 16.79
CA HIS B 289 -22.95 -1.77 18.11
C HIS B 289 -22.48 -2.72 19.19
N GLY B 290 -21.96 -2.16 20.29
CA GLY B 290 -21.80 -2.89 21.54
C GLY B 290 -20.39 -3.14 22.01
N ASP B 291 -19.38 -2.98 21.15
CA ASP B 291 -17.99 -3.14 21.59
C ASP B 291 -17.57 -1.84 22.24
N GLY B 292 -18.03 -1.65 23.48
CA GLY B 292 -18.05 -0.32 24.09
C GLY B 292 -19.29 0.42 23.67
N THR B 293 -19.74 1.33 24.56
CA THR B 293 -20.84 2.24 24.24
C THR B 293 -20.50 3.68 24.64
N SER B 294 -21.13 4.62 23.93
CA SER B 294 -20.84 6.04 24.10
C SER B 294 -22.04 6.85 23.67
N THR B 295 -22.20 8.03 24.28
CA THR B 295 -23.14 9.02 23.75
C THR B 295 -22.43 10.23 23.16
N ARG B 296 -21.16 10.09 22.80
CA ARG B 296 -20.46 11.19 22.15
C ARG B 296 -21.24 11.70 20.96
N PHE B 297 -21.71 10.78 20.11
CA PHE B 297 -22.57 11.08 18.98
C PHE B 297 -23.88 10.32 19.11
N ASP B 298 -24.97 10.91 18.60
CA ASP B 298 -26.17 10.11 18.38
C ASP B 298 -26.17 9.61 16.93
N ASP B 299 -27.12 8.73 16.62
CA ASP B 299 -27.06 8.05 15.33
C ASP B 299 -27.58 8.89 14.18
N LYS B 300 -27.98 10.13 14.44
CA LYS B 300 -28.27 11.09 13.39
C LYS B 300 -27.02 11.82 12.91
N PHE B 301 -25.86 11.57 13.52
CA PHE B 301 -24.66 12.32 13.14
C PHE B 301 -24.17 11.88 11.76
N GLY B 302 -24.38 10.61 11.44
CA GLY B 302 -23.94 10.06 10.17
C GLY B 302 -22.80 9.08 10.33
N MET B 303 -22.83 8.01 9.54
CA MET B 303 -21.61 7.26 9.30
C MET B 303 -20.57 8.14 8.62
N VAL B 304 -21.01 8.95 7.65
CA VAL B 304 -20.26 10.05 7.08
C VAL B 304 -21.04 11.33 7.36
N HIS B 305 -20.32 12.37 7.79
CA HIS B 305 -20.90 13.66 8.15
C HIS B 305 -20.14 14.70 7.33
N ILE B 306 -20.87 15.51 6.55
CA ILE B 306 -20.26 16.46 5.62
C ILE B 306 -20.69 17.88 5.96
N ALA B 307 -19.73 18.74 6.29
CA ALA B 307 -19.94 20.18 6.48
C ALA B 307 -18.87 20.88 5.64
N GLY B 308 -19.18 21.10 4.37
CA GLY B 308 -18.23 21.63 3.42
C GLY B 308 -18.79 21.46 2.03
N ASN B 309 -18.00 21.89 1.05
CA ASN B 309 -18.45 21.99 -0.31
C ASN B 309 -17.78 20.96 -1.22
N LYS B 310 -18.52 20.52 -2.24
CA LYS B 310 -17.93 19.89 -3.41
C LYS B 310 -17.18 18.61 -3.08
N ASN B 311 -17.58 17.92 -2.01
CA ASN B 311 -17.05 16.61 -1.71
C ASN B 311 -17.67 15.54 -2.60
N THR B 312 -16.98 14.40 -2.69
CA THR B 312 -17.32 13.31 -3.61
C THR B 312 -17.32 12.00 -2.85
N VAL B 313 -18.45 11.28 -2.89
CA VAL B 313 -18.62 10.02 -2.17
C VAL B 313 -19.12 9.00 -3.21
N THR B 314 -18.25 8.09 -3.63
CA THR B 314 -18.52 7.21 -4.76
C THR B 314 -18.04 5.80 -4.52
N GLY B 315 -18.85 4.83 -4.93
CA GLY B 315 -18.38 3.46 -5.03
C GLY B 315 -18.16 2.75 -3.71
N ASN B 316 -18.78 3.22 -2.64
CA ASN B 316 -18.62 2.67 -1.31
C ASN B 316 -19.77 1.73 -0.99
N GLN B 317 -19.56 0.86 0.00
CA GLN B 317 -20.64 0.18 0.68
C GLN B 317 -20.82 0.77 2.08
N PHE B 318 -22.07 1.06 2.44
CA PHE B 318 -22.42 1.44 3.80
C PHE B 318 -23.26 0.32 4.39
N SER B 319 -22.67 -0.45 5.28
CA SER B 319 -23.32 -1.57 5.95
C SER B 319 -23.58 -1.19 7.40
N PHE B 320 -24.86 -1.22 7.80
CA PHE B 320 -25.30 -0.74 9.11
C PHE B 320 -26.09 -1.84 9.81
N ASP B 321 -25.67 -2.25 11.01
CA ASP B 321 -26.39 -3.24 11.81
C ASP B 321 -26.35 -2.84 13.29
N VAL B 322 -27.39 -2.11 13.73
CA VAL B 322 -27.54 -1.71 15.12
C VAL B 322 -28.96 -2.07 15.55
N PRO B 323 -29.15 -2.81 16.64
CA PRO B 323 -30.52 -3.09 17.10
C PRO B 323 -31.32 -1.81 17.31
N SER B 324 -32.60 -1.85 16.91
CA SER B 324 -33.41 -0.63 16.97
C SER B 324 -33.49 -0.07 18.39
N GLN B 325 -33.49 -0.94 19.40
CA GLN B 325 -33.61 -0.44 20.77
C GLN B 325 -32.40 0.37 21.19
N ASN B 326 -31.26 0.21 20.49
CA ASN B 326 -30.03 0.93 20.80
C ASN B 326 -29.84 2.19 19.96
N ILE B 327 -30.71 2.47 19.02
CA ILE B 327 -30.55 3.63 18.14
C ILE B 327 -31.03 4.89 18.85
N THR B 328 -30.24 5.96 18.74
CA THR B 328 -30.61 7.23 19.34
C THR B 328 -30.64 8.34 18.29
N PRO B 329 -31.47 9.36 18.47
CA PRO B 329 -32.52 9.50 19.49
C PRO B 329 -33.56 8.39 19.31
N ALA B 330 -34.16 7.94 20.39
CA ALA B 330 -35.11 6.85 20.34
C ALA B 330 -36.22 7.12 19.32
N GLY B 331 -36.51 6.10 18.52
CA GLY B 331 -37.56 6.15 17.53
C GLY B 331 -37.20 6.79 16.20
N GLN B 332 -36.00 7.34 16.09
CA GLN B 332 -35.57 8.02 14.88
C GLN B 332 -34.81 7.06 13.98
N ASP B 333 -34.91 7.28 12.66
CA ASP B 333 -34.13 6.48 11.73
C ASP B 333 -32.68 6.92 11.76
N PRO B 334 -31.72 6.00 11.81
CA PRO B 334 -30.31 6.39 11.80
C PRO B 334 -29.89 6.95 10.45
N THR B 335 -28.83 7.74 10.47
CA THR B 335 -28.35 8.43 9.29
C THR B 335 -27.08 7.79 8.75
N ILE B 336 -27.10 7.46 7.45
CA ILE B 336 -25.93 6.92 6.79
C ILE B 336 -24.97 8.03 6.41
N VAL B 337 -25.43 8.98 5.60
CA VAL B 337 -24.69 10.20 5.28
C VAL B 337 -25.54 11.39 5.69
N LEU B 338 -24.95 12.27 6.52
CA LEU B 338 -25.57 13.56 6.83
C LEU B 338 -24.79 14.62 6.07
N VAL B 339 -25.44 15.27 5.09
CA VAL B 339 -24.89 16.47 4.47
C VAL B 339 -25.44 17.63 5.31
N LYS B 340 -24.60 18.10 6.25
CA LYS B 340 -25.01 19.05 7.29
C LYS B 340 -25.04 20.48 6.77
N SER B 341 -24.08 20.82 5.92
CA SER B 341 -24.00 22.14 5.31
C SER B 341 -23.12 22.01 4.09
N GLY B 342 -23.28 22.94 3.16
CA GLY B 342 -22.40 23.02 2.00
C GLY B 342 -23.11 22.90 0.67
N ASP B 343 -22.32 23.15 -0.37
CA ASP B 343 -22.77 23.30 -1.74
C ASP B 343 -22.13 22.27 -2.66
N ASN B 344 -22.94 21.67 -3.54
CA ASN B 344 -22.45 20.87 -4.66
C ASN B 344 -21.69 19.63 -4.20
N ASN B 345 -22.07 19.09 -3.04
CA ASN B 345 -21.60 17.76 -2.67
C ASN B 345 -22.23 16.72 -3.59
N TYR B 346 -21.54 15.59 -3.76
CA TYR B 346 -21.85 14.59 -4.79
C TYR B 346 -21.74 13.20 -4.20
N LEU B 347 -22.85 12.44 -4.24
CA LEU B 347 -22.89 11.05 -3.80
C LEU B 347 -23.32 10.23 -5.00
N ALA B 348 -22.53 9.22 -5.38
CA ALA B 348 -22.91 8.42 -6.53
C ALA B 348 -22.45 6.97 -6.37
N SER B 349 -23.29 6.05 -6.84
CA SER B 349 -22.94 4.64 -6.94
C SER B 349 -22.45 4.07 -5.61
N ASN B 350 -23.21 4.34 -4.55
CA ASN B 350 -22.97 3.74 -3.24
C ASN B 350 -24.13 2.83 -2.90
N HIS B 351 -23.83 1.74 -2.19
CA HIS B 351 -24.82 0.74 -1.78
C HIS B 351 -25.00 0.80 -0.28
N ILE B 352 -26.22 1.06 0.16
CA ILE B 352 -26.58 1.15 1.57
C ILE B 352 -27.34 -0.12 1.94
N THR B 353 -26.81 -0.87 2.91
CA THR B 353 -27.43 -2.09 3.40
C THR B 353 -27.56 -1.98 4.91
N SER B 354 -28.79 -1.93 5.41
CA SER B 354 -29.02 -1.65 6.82
C SER B 354 -30.08 -2.58 7.39
N ASN B 355 -29.97 -2.85 8.70
CA ASN B 355 -30.92 -3.76 9.34
C ASN B 355 -32.27 -3.09 9.61
N VAL B 356 -32.28 -1.77 9.72
CA VAL B 356 -33.47 -0.95 9.85
C VAL B 356 -33.42 0.12 8.78
N ALA B 357 -34.56 0.76 8.56
CA ALA B 357 -34.63 1.89 7.64
C ALA B 357 -33.60 2.94 8.05
N ALA B 358 -32.82 3.40 7.08
CA ALA B 358 -31.75 4.36 7.33
C ALA B 358 -31.74 5.37 6.18
N LYS B 359 -31.11 6.52 6.43
CA LYS B 359 -31.32 7.66 5.54
C LYS B 359 -30.02 8.38 5.18
N VAL B 360 -30.01 8.91 3.97
CA VAL B 360 -29.14 10.03 3.60
C VAL B 360 -29.94 11.30 3.88
N VAL B 361 -29.42 12.17 4.74
CA VAL B 361 -30.14 13.37 5.17
C VAL B 361 -29.44 14.59 4.56
N LEU B 362 -30.23 15.44 3.92
CA LEU B 362 -29.72 16.70 3.39
C LEU B 362 -30.32 17.81 4.26
N ASP B 363 -29.47 18.47 5.03
CA ASP B 363 -29.90 19.58 5.86
C ASP B 363 -30.54 20.66 5.01
N ALA B 364 -31.49 21.39 5.60
CA ALA B 364 -32.21 22.44 4.88
C ALA B 364 -31.29 23.53 4.32
N SER B 365 -30.09 23.71 4.89
CA SER B 365 -29.19 24.75 4.42
C SER B 365 -28.37 24.33 3.22
N THR B 366 -28.34 23.05 2.87
CA THR B 366 -27.48 22.59 1.80
C THR B 366 -28.04 22.96 0.43
N THR B 367 -27.13 23.05 -0.54
CA THR B 367 -27.47 23.44 -1.90
C THR B 367 -26.79 22.52 -2.91
N ALA B 368 -27.54 22.18 -3.96
CA ALA B 368 -27.02 21.52 -5.15
C ALA B 368 -26.36 20.17 -4.84
N THR B 369 -26.81 19.48 -3.79
CA THR B 369 -26.33 18.13 -3.55
C THR B 369 -26.86 17.19 -4.62
N ARG B 370 -25.99 16.31 -5.10
CA ARG B 370 -26.37 15.29 -6.06
C ARG B 370 -26.32 13.94 -5.38
N VAL B 371 -27.39 13.16 -5.52
CA VAL B 371 -27.51 11.85 -4.93
C VAL B 371 -27.95 10.94 -6.08
N LEU B 372 -27.01 10.16 -6.61
CA LEU B 372 -27.14 9.46 -7.90
C LEU B 372 -26.86 7.98 -7.69
N HIS B 373 -27.91 7.16 -7.70
CA HIS B 373 -27.74 5.73 -7.45
C HIS B 373 -26.97 5.51 -6.14
N SER B 374 -27.31 6.33 -5.14
CA SER B 374 -26.67 6.31 -3.84
C SER B 374 -27.70 6.32 -2.71
N ALA B 375 -28.96 6.07 -3.05
CA ALA B 375 -30.04 6.04 -2.08
C ALA B 375 -31.30 5.70 -2.86
N THR B 376 -32.12 4.76 -2.36
CA THR B 376 -33.48 4.67 -2.87
C THR B 376 -34.28 5.88 -2.40
N THR B 377 -35.50 6.04 -2.92
CA THR B 377 -36.32 7.15 -2.46
C THR B 377 -36.57 7.04 -0.96
N ALA B 378 -36.76 5.82 -0.45
CA ALA B 378 -36.95 5.58 0.98
C ALA B 378 -35.70 5.90 1.79
N GLN B 379 -34.53 5.93 1.17
CA GLN B 379 -33.29 6.20 1.88
C GLN B 379 -32.89 7.65 1.83
N LEU B 380 -33.68 8.52 1.20
CA LEU B 380 -33.36 9.94 1.12
C LEU B 380 -34.34 10.74 1.95
N ASP B 381 -33.80 11.57 2.85
CA ASP B 381 -34.56 12.54 3.64
C ASP B 381 -33.99 13.92 3.30
N ALA B 382 -34.52 14.52 2.23
CA ALA B 382 -34.07 15.83 1.77
C ALA B 382 -34.90 16.90 2.45
N LEU B 383 -34.27 17.73 3.29
CA LEU B 383 -34.96 18.81 3.98
C LEU B 383 -34.90 20.12 3.21
N THR B 384 -34.39 20.08 1.97
CA THR B 384 -34.42 21.20 1.06
C THR B 384 -34.73 20.67 -0.34
N THR B 385 -35.45 21.48 -1.13
CA THR B 385 -35.70 21.13 -2.53
C THR B 385 -34.47 21.37 -3.39
N ASN B 386 -33.44 22.00 -2.83
CA ASN B 386 -32.25 22.37 -3.59
C ASN B 386 -31.27 21.19 -3.58
N HIS B 387 -31.66 20.16 -4.34
CA HIS B 387 -30.85 18.96 -4.50
C HIS B 387 -31.28 18.29 -5.79
N PHE B 388 -30.48 17.31 -6.22
CA PHE B 388 -30.78 16.53 -7.41
C PHE B 388 -30.73 15.06 -7.04
N MET B 389 -31.83 14.36 -7.29
CA MET B 389 -31.96 12.94 -7.00
C MET B 389 -32.19 12.12 -8.26
N VAL B 390 -31.33 11.12 -8.45
CA VAL B 390 -31.55 10.04 -9.39
C VAL B 390 -31.56 8.78 -8.53
N ALA B 391 -32.76 8.28 -8.21
CA ALA B 391 -32.88 7.29 -7.15
C ALA B 391 -32.24 5.96 -7.54
N THR B 392 -31.64 5.30 -6.57
CA THR B 392 -31.42 3.87 -6.70
C THR B 392 -32.77 3.20 -6.90
N PRO B 393 -32.95 2.38 -7.93
CA PRO B 393 -34.27 1.79 -8.17
C PRO B 393 -34.79 1.04 -6.95
N SER B 394 -36.09 1.15 -6.74
CA SER B 394 -36.72 0.44 -5.63
C SER B 394 -38.19 0.29 -5.96
N HIS B 395 -38.86 -0.55 -5.16
CA HIS B 395 -40.31 -0.70 -5.22
C HIS B 395 -40.97 0.10 -4.11
N ALA C 2 28.51 -15.06 7.95
CA ALA C 2 28.72 -15.40 6.54
C ALA C 2 29.59 -14.35 5.88
N ASP C 3 30.13 -14.63 4.70
CA ASP C 3 30.95 -13.63 4.01
C ASP C 3 30.18 -12.90 2.91
N THR C 4 28.85 -12.96 2.93
CA THR C 4 28.03 -12.33 1.91
C THR C 4 27.48 -10.97 2.35
N VAL C 5 27.91 -10.44 3.50
CA VAL C 5 27.43 -9.17 4.03
C VAL C 5 28.60 -8.20 4.10
N TYR C 6 28.48 -7.09 3.41
CA TYR C 6 29.49 -6.04 3.35
C TYR C 6 28.91 -4.75 3.91
N ASP C 7 29.78 -3.97 4.54
CA ASP C 7 29.52 -2.60 4.94
C ASP C 7 30.58 -1.76 4.23
N VAL C 8 30.15 -0.77 3.44
CA VAL C 8 31.09 -0.06 2.59
C VAL C 8 32.16 0.65 3.40
N THR C 9 31.89 0.94 4.68
CA THR C 9 32.84 1.67 5.52
C THR C 9 33.73 0.77 6.36
N THR C 10 33.47 -0.53 6.41
CA THR C 10 34.31 -1.43 7.19
C THR C 10 35.00 -2.50 6.36
N TRP C 11 34.60 -2.71 5.12
CA TRP C 11 35.19 -3.76 4.31
C TRP C 11 36.66 -3.44 4.05
N ALA C 12 37.53 -4.37 4.43
CA ALA C 12 38.96 -4.12 4.36
C ALA C 12 39.53 -4.22 2.96
N GLY C 13 38.77 -4.74 2.00
CA GLY C 13 39.26 -4.89 0.66
C GLY C 13 39.24 -3.64 -0.19
N ALA C 14 38.66 -2.56 0.32
CA ALA C 14 38.54 -1.33 -0.46
C ALA C 14 39.89 -0.66 -0.62
N THR C 15 40.16 -0.20 -1.84
CA THR C 15 41.39 0.54 -2.14
C THR C 15 41.17 2.05 -2.15
N VAL C 16 39.93 2.50 -1.96
CA VAL C 16 39.61 3.92 -1.87
C VAL C 16 38.54 4.08 -0.80
N SER C 17 38.50 5.27 -0.23
CA SER C 17 37.51 5.57 0.79
C SER C 17 36.13 5.64 0.15
N PRO C 18 35.10 5.05 0.77
CA PRO C 18 33.74 5.21 0.22
C PRO C 18 33.22 6.63 0.33
N TYR C 19 33.74 7.43 1.25
CA TYR C 19 33.34 8.82 1.31
C TYR C 19 33.85 9.59 0.10
N VAL C 20 35.00 9.16 -0.45
CA VAL C 20 35.59 9.82 -1.61
C VAL C 20 34.96 9.30 -2.90
N ASP C 21 34.82 7.97 -3.04
CA ASP C 21 34.18 7.40 -4.21
C ASP C 21 33.51 6.07 -3.83
N ILE C 22 32.26 6.15 -3.39
CA ILE C 22 31.54 4.94 -3.02
C ILE C 22 31.26 4.08 -4.24
N GLY C 23 31.25 4.68 -5.43
CA GLY C 23 31.06 3.89 -6.63
C GLY C 23 32.20 2.92 -6.85
N ALA C 24 33.43 3.40 -6.67
CA ALA C 24 34.57 2.50 -6.77
C ALA C 24 34.50 1.40 -5.72
N VAL C 25 34.15 1.75 -4.48
CA VAL C 25 34.10 0.74 -3.42
C VAL C 25 33.07 -0.32 -3.74
N ILE C 26 31.87 0.10 -4.16
CA ILE C 26 30.84 -0.90 -4.50
C ILE C 26 31.28 -1.76 -5.68
N ASN C 27 31.91 -1.15 -6.70
CA ASN C 27 32.43 -1.96 -7.80
C ASN C 27 33.44 -2.99 -7.30
N GLN C 28 34.29 -2.59 -6.34
CA GLN C 28 35.28 -3.51 -5.80
C GLN C 28 34.61 -4.62 -5.02
N ILE C 29 33.54 -4.29 -4.28
CA ILE C 29 32.78 -5.34 -3.59
C ILE C 29 32.18 -6.31 -4.61
N ILE C 30 31.61 -5.79 -5.70
CA ILE C 30 30.99 -6.65 -6.70
C ILE C 30 32.03 -7.60 -7.30
N ALA C 31 33.24 -7.10 -7.57
CA ALA C 31 34.31 -7.96 -8.06
C ALA C 31 34.68 -9.04 -7.04
N ASP C 32 34.68 -8.67 -5.75
CA ASP C 32 34.91 -9.67 -4.70
C ASP C 32 33.84 -10.74 -4.70
N ILE C 33 32.57 -10.34 -4.80
CA ILE C 33 31.48 -11.30 -4.85
C ILE C 33 31.68 -12.27 -6.01
N LYS C 34 31.98 -11.72 -7.19
CA LYS C 34 32.13 -12.57 -8.37
C LYS C 34 33.30 -13.53 -8.22
N SER C 35 34.34 -13.15 -7.50
CA SER C 35 35.49 -14.03 -7.29
C SER C 35 35.16 -15.19 -6.36
N LYS C 36 34.14 -15.04 -5.52
CA LYS C 36 33.71 -16.04 -4.55
C LYS C 36 32.50 -16.84 -4.99
N GLN C 37 31.70 -16.30 -5.92
CA GLN C 37 30.45 -16.90 -6.40
C GLN C 37 30.59 -17.13 -7.89
N THR C 38 31.07 -18.33 -8.23
CA THR C 38 31.64 -18.57 -9.54
C THR C 38 30.91 -19.59 -10.41
N THR C 39 29.80 -20.16 -9.96
CA THR C 39 29.02 -21.06 -10.83
C THR C 39 27.54 -20.73 -10.71
N GLN C 40 26.75 -21.25 -11.66
CA GLN C 40 25.35 -20.84 -11.71
C GLN C 40 24.54 -21.37 -10.53
N THR C 41 25.06 -22.32 -9.76
CA THR C 41 24.39 -22.80 -8.54
C THR C 41 25.03 -22.30 -7.24
N THR C 42 26.01 -21.38 -7.32
CA THR C 42 26.69 -20.84 -6.16
C THR C 42 26.71 -19.32 -6.20
N ARG C 43 25.64 -18.72 -6.71
CA ARG C 43 25.53 -17.27 -6.83
C ARG C 43 24.27 -16.75 -6.11
N PRO C 44 24.20 -16.98 -4.79
CA PRO C 44 23.05 -16.44 -4.03
C PRO C 44 23.04 -14.93 -3.92
N GLY C 45 24.16 -14.26 -4.15
CA GLY C 45 24.20 -12.81 -4.03
C GLY C 45 24.79 -12.36 -2.70
N ALA C 46 24.43 -11.13 -2.31
CA ALA C 46 25.09 -10.45 -1.20
C ALA C 46 24.30 -9.22 -0.78
N VAL C 47 24.67 -8.67 0.37
CA VAL C 47 24.13 -7.41 0.87
C VAL C 47 25.29 -6.43 1.01
N ILE C 48 25.06 -5.21 0.55
CA ILE C 48 25.97 -4.09 0.76
C ILE C 48 25.21 -3.07 1.58
N TYR C 49 25.66 -2.84 2.81
CA TYR C 49 25.06 -1.87 3.70
C TYR C 49 25.84 -0.56 3.65
N ILE C 50 25.11 0.54 3.56
CA ILE C 50 25.64 1.89 3.56
C ILE C 50 25.17 2.55 4.86
N PRO C 51 26.04 2.74 5.85
CA PRO C 51 25.62 3.44 7.09
C PRO C 51 25.32 4.90 6.80
N PRO C 52 24.65 5.60 7.71
CA PRO C 52 24.48 7.04 7.52
C PRO C 52 25.82 7.71 7.29
N GLY C 53 25.83 8.66 6.35
CA GLY C 53 27.04 9.33 5.96
C GLY C 53 26.85 10.09 4.68
N HIS C 54 27.77 11.02 4.39
CA HIS C 54 27.83 11.70 3.10
C HIS C 54 28.90 11.05 2.25
N TYR C 55 28.49 10.42 1.14
CA TYR C 55 29.39 9.70 0.26
C TYR C 55 29.36 10.30 -1.13
N ASP C 56 30.52 10.66 -1.66
CA ASP C 56 30.61 11.02 -3.07
C ASP C 56 30.68 9.76 -3.91
N LEU C 57 29.98 9.77 -5.05
CA LEU C 57 30.16 8.77 -6.09
C LEU C 57 30.82 9.45 -7.29
N LEU C 58 32.00 8.99 -7.66
CA LEU C 58 32.73 9.47 -8.82
C LEU C 58 32.72 8.49 -9.96
N THR C 59 32.60 7.20 -9.67
CA THR C 59 32.62 6.12 -10.65
C THR C 59 31.25 5.45 -10.69
N ARG C 60 30.69 5.35 -11.89
CA ARG C 60 29.45 4.59 -12.07
C ARG C 60 29.62 3.16 -11.56
N VAL C 61 28.62 2.71 -10.81
CA VAL C 61 28.52 1.31 -10.38
C VAL C 61 27.85 0.52 -11.50
N VAL C 62 28.42 -0.62 -11.84
CA VAL C 62 27.78 -1.54 -12.78
C VAL C 62 27.42 -2.82 -12.03
N ILE C 63 26.13 -3.13 -12.00
CA ILE C 63 25.61 -4.32 -11.33
C ILE C 63 25.16 -5.29 -12.40
N ASP C 64 25.79 -6.48 -12.43
CA ASP C 64 25.35 -7.57 -13.30
C ASP C 64 25.26 -8.86 -12.51
N VAL C 65 24.98 -8.74 -11.20
CA VAL C 65 24.83 -9.85 -10.27
C VAL C 65 23.38 -9.86 -9.80
N SER C 66 22.68 -10.97 -9.97
CA SER C 66 21.34 -11.09 -9.42
C SER C 66 21.36 -11.15 -7.89
N PHE C 67 20.23 -10.77 -7.28
CA PHE C 67 20.01 -10.91 -5.84
C PHE C 67 20.98 -10.08 -5.01
N LEU C 68 21.45 -8.97 -5.53
CA LEU C 68 22.24 -8.02 -4.77
C LEU C 68 21.29 -7.07 -4.07
N GLN C 69 21.47 -6.91 -2.74
CA GLN C 69 20.77 -5.93 -1.94
C GLN C 69 21.73 -4.82 -1.59
N ILE C 70 21.36 -3.58 -1.91
CA ILE C 70 22.08 -2.40 -1.45
C ILE C 70 21.11 -1.63 -0.57
N LYS C 71 21.48 -1.46 0.70
CA LYS C 71 20.56 -0.93 1.69
C LYS C 71 21.24 0.08 2.60
N GLY C 72 20.46 1.08 2.97
CA GLY C 72 20.90 2.09 3.91
C GLY C 72 19.95 2.28 5.07
N ALA C 73 20.02 3.47 5.68
CA ALA C 73 19.29 3.80 6.90
C ALA C 73 18.09 4.72 6.68
N GLY C 74 17.72 5.02 5.46
CA GLY C 74 16.54 5.83 5.22
C GLY C 74 16.64 6.63 3.94
N HIS C 75 15.53 7.31 3.62
CA HIS C 75 15.40 8.05 2.37
C HIS C 75 16.13 9.39 2.40
N GLY C 76 16.35 9.97 3.58
CA GLY C 76 17.26 11.09 3.74
C GLY C 76 16.88 12.38 3.03
N PHE C 77 15.61 12.58 2.70
CA PHE C 77 15.25 13.71 1.87
C PHE C 77 15.39 15.04 2.60
N LEU C 78 15.94 16.03 1.88
CA LEU C 78 15.86 17.45 2.25
C LEU C 78 15.61 18.22 0.97
N SER C 79 14.77 19.24 1.02
CA SER C 79 14.39 20.01 -0.17
C SER C 79 15.52 20.94 -0.55
N GLU C 80 16.34 20.50 -1.52
CA GLU C 80 17.37 21.35 -2.09
C GLU C 80 16.73 22.46 -2.92
N ALA C 81 15.54 22.25 -3.46
CA ALA C 81 14.86 23.33 -4.17
C ALA C 81 14.54 24.49 -3.23
N ILE C 82 14.00 24.20 -2.05
CA ILE C 82 13.74 25.27 -1.09
C ILE C 82 15.05 25.88 -0.60
N ARG C 83 16.06 25.06 -0.34
CA ARG C 83 17.38 25.56 0.05
C ARG C 83 17.89 26.59 -0.94
N ASP C 84 17.79 26.28 -2.21
CA ASP C 84 18.41 27.09 -3.25
C ASP C 84 17.63 28.36 -3.54
N GLU C 85 16.47 28.56 -2.89
CA GLU C 85 15.70 29.80 -2.97
C GLU C 85 15.61 30.49 -1.62
N SER C 86 16.40 30.05 -0.63
CA SER C 86 16.28 30.52 0.74
C SER C 86 17.61 31.06 1.25
N GLN C 87 17.53 31.82 2.35
CA GLN C 87 18.71 32.21 3.12
C GLN C 87 18.98 31.14 4.17
N THR C 88 20.02 30.35 3.96
CA THR C 88 20.25 29.15 4.75
C THR C 88 21.40 29.25 5.74
N GLY C 89 21.91 30.45 5.98
CA GLY C 89 23.09 30.58 6.82
C GLY C 89 22.94 29.98 8.22
N SER C 90 21.73 29.96 8.76
CA SER C 90 21.48 29.44 10.08
C SER C 90 20.81 28.08 10.10
N TRP C 91 20.57 27.49 8.93
CA TRP C 91 19.98 26.15 8.89
C TRP C 91 20.90 25.14 9.56
N VAL C 92 20.31 24.24 10.34
CA VAL C 92 21.12 23.20 10.97
C VAL C 92 21.72 22.25 9.93
N GLU C 93 20.97 21.96 8.84
CA GLU C 93 21.38 21.08 7.75
C GLU C 93 21.09 21.74 6.42
N THR C 94 22.02 21.59 5.46
CA THR C 94 21.79 22.07 4.11
C THR C 94 21.94 20.95 3.06
N LEU C 95 22.15 19.71 3.51
CA LEU C 95 22.27 18.59 2.59
C LEU C 95 21.24 17.53 2.95
N PRO C 96 20.73 16.82 1.95
CA PRO C 96 20.08 15.53 2.24
C PRO C 96 21.03 14.63 2.99
N GLY C 97 20.44 13.66 3.71
CA GLY C 97 21.23 12.83 4.59
C GLY C 97 20.87 11.36 4.59
N ALA C 98 20.87 10.78 5.79
CA ALA C 98 20.77 9.33 5.98
C ALA C 98 21.95 8.71 5.25
N SER C 99 21.75 7.64 4.48
CA SER C 99 22.79 6.98 3.70
C SER C 99 22.80 7.71 2.37
N HIS C 100 23.64 8.74 2.29
CA HIS C 100 23.52 9.80 1.29
C HIS C 100 24.59 9.69 0.22
N ILE C 101 24.20 9.33 -1.00
CA ILE C 101 25.15 9.26 -2.11
C ILE C 101 24.99 10.53 -2.95
N ARG C 102 26.08 11.30 -3.04
CA ARG C 102 26.17 12.48 -3.88
C ARG C 102 26.67 12.03 -5.23
N VAL C 103 25.82 12.13 -6.24
CA VAL C 103 26.11 11.63 -7.57
C VAL C 103 26.97 12.67 -8.29
N ARG C 104 28.26 12.38 -8.43
CA ARG C 104 29.27 13.33 -8.91
C ARG C 104 30.21 12.66 -9.90
N ASN C 105 29.67 11.84 -10.81
CA ASN C 105 30.50 11.11 -11.76
C ASN C 105 31.56 12.01 -12.39
N ASN C 106 32.78 11.49 -12.46
CA ASN C 106 33.85 12.11 -13.23
C ASN C 106 34.36 11.18 -14.32
N ASP C 107 33.59 10.14 -14.63
CA ASP C 107 34.02 9.07 -15.52
C ASP C 107 33.35 9.12 -16.89
N GLY C 108 32.68 10.23 -17.21
CA GLY C 108 32.00 10.42 -18.46
C GLY C 108 30.64 9.78 -18.56
N HIS C 109 30.13 9.19 -17.48
CA HIS C 109 28.84 8.53 -17.47
C HIS C 109 27.87 9.34 -16.61
N ASN C 110 26.59 9.22 -16.93
CA ASN C 110 25.59 10.02 -16.23
C ASN C 110 24.87 9.27 -15.11
N GLU C 111 24.99 7.93 -15.04
CA GLU C 111 24.28 7.15 -14.04
C GLU C 111 25.16 6.89 -12.81
N ALA C 112 24.55 6.97 -11.64
CA ALA C 112 25.20 6.46 -10.43
C ALA C 112 25.25 4.93 -10.45
N PHE C 113 24.12 4.29 -10.73
CA PHE C 113 24.01 2.84 -10.80
C PHE C 113 23.47 2.46 -12.17
N LEU C 114 24.21 1.61 -12.87
CA LEU C 114 23.78 0.98 -14.10
C LEU C 114 23.63 -0.51 -13.80
N VAL C 115 22.42 -1.03 -13.96
CA VAL C 115 22.12 -2.43 -13.71
C VAL C 115 21.96 -3.07 -15.09
N SER C 116 22.96 -3.82 -15.53
CA SER C 116 22.99 -4.27 -16.90
C SER C 116 23.91 -5.48 -17.04
N ARG C 117 23.42 -6.50 -17.75
CA ARG C 117 24.19 -7.67 -18.16
C ARG C 117 24.12 -7.76 -19.67
N THR C 118 25.28 -8.00 -20.30
CA THR C 118 25.32 -8.08 -21.75
C THR C 118 25.05 -9.51 -22.19
N GLY C 119 24.36 -9.64 -23.32
CA GLY C 119 24.04 -10.95 -23.84
C GLY C 119 22.56 -11.16 -24.02
N ALA C 120 22.20 -12.17 -24.78
CA ALA C 120 20.82 -12.47 -25.00
C ALA C 120 20.22 -13.03 -23.72
N PRO C 121 19.13 -12.46 -23.21
CA PRO C 121 18.59 -12.97 -21.94
C PRO C 121 18.31 -14.46 -21.95
N ALA C 122 17.88 -15.00 -23.08
CA ALA C 122 17.58 -16.43 -23.14
C ALA C 122 18.85 -17.26 -22.94
N THR C 123 19.99 -16.72 -23.34
CA THR C 123 21.26 -17.42 -23.24
C THR C 123 21.92 -17.23 -21.89
N VAL C 124 22.02 -15.98 -21.42
CA VAL C 124 22.80 -15.68 -20.23
C VAL C 124 21.93 -15.47 -19.00
N GLY C 125 20.62 -15.44 -19.17
CA GLY C 125 19.75 -15.17 -18.03
C GLY C 125 19.52 -13.70 -17.83
N ARG C 126 18.36 -13.38 -17.26
CA ARG C 126 18.04 -12.03 -16.84
C ARG C 126 18.68 -11.71 -15.49
N LEU C 127 18.63 -10.43 -15.13
CA LEU C 127 18.97 -9.99 -13.79
C LEU C 127 17.72 -10.08 -12.94
N ASN C 128 17.83 -10.76 -11.81
CA ASN C 128 16.69 -11.13 -10.99
C ASN C 128 16.79 -10.53 -9.60
N SER C 129 15.69 -9.92 -9.14
CA SER C 129 15.47 -9.63 -7.73
C SER C 129 16.64 -8.88 -7.09
N ILE C 130 17.11 -7.85 -7.80
CA ILE C 130 18.02 -6.88 -7.23
C ILE C 130 17.20 -5.91 -6.39
N VAL C 131 17.71 -5.60 -5.19
CA VAL C 131 16.98 -4.84 -4.19
C VAL C 131 17.78 -3.59 -3.83
N PHE C 132 17.17 -2.42 -4.06
CA PHE C 132 17.65 -1.13 -3.57
C PHE C 132 16.68 -0.67 -2.48
N GLN C 133 17.19 -0.45 -1.26
CA GLN C 133 16.34 -0.11 -0.12
C GLN C 133 16.95 0.99 0.74
N ASP C 134 16.13 1.97 1.10
CA ASP C 134 16.42 2.88 2.21
C ASP C 134 17.78 3.57 2.10
N PHE C 135 18.08 4.14 0.93
CA PHE C 135 19.18 5.10 0.87
C PHE C 135 18.80 6.23 -0.09
N CYS C 136 19.68 7.25 -0.15
CA CYS C 136 19.38 8.49 -0.83
C CYS C 136 20.34 8.71 -1.98
N LEU C 137 19.79 8.98 -3.16
CA LEU C 137 20.59 9.34 -4.33
C LEU C 137 20.33 10.79 -4.67
N ASP C 138 21.40 11.58 -4.80
CA ASP C 138 21.30 13.03 -4.82
C ASP C 138 22.22 13.61 -5.89
N GLY C 139 21.65 14.38 -6.81
CA GLY C 139 22.39 15.06 -7.86
C GLY C 139 23.12 16.34 -7.48
N VAL C 140 22.97 16.78 -6.24
N VAL C 140 22.97 16.78 -6.24
CA VAL C 140 23.81 17.78 -5.57
CA VAL C 140 23.81 17.78 -5.57
C VAL C 140 23.46 19.20 -5.99
C VAL C 140 23.46 19.20 -5.99
N ASN C 141 23.41 19.46 -7.29
CA ASN C 141 23.02 20.79 -7.79
C ASN C 141 22.21 20.63 -9.07
N ALA C 142 21.15 21.41 -9.17
CA ALA C 142 20.22 21.31 -10.28
C ALA C 142 19.32 22.53 -10.25
N SER C 143 18.75 22.82 -11.41
CA SER C 143 17.83 23.94 -11.58
C SER C 143 16.53 23.49 -12.23
N LYS C 144 15.43 24.07 -11.78
CA LYS C 144 14.12 23.68 -12.30
C LYS C 144 14.08 23.90 -13.81
N PRO C 145 13.41 23.03 -14.58
CA PRO C 145 12.66 21.83 -14.15
C PRO C 145 13.49 20.55 -14.12
N TYR C 146 14.81 20.65 -14.04
CA TYR C 146 15.72 19.52 -13.83
C TYR C 146 15.84 18.61 -15.03
N LEU C 147 15.30 18.99 -16.18
CA LEU C 147 15.39 18.19 -17.37
C LEU C 147 15.45 19.16 -18.54
N PRO C 148 16.52 19.14 -19.34
CA PRO C 148 17.69 18.27 -19.27
C PRO C 148 18.46 18.42 -17.96
N GLY C 149 18.42 19.60 -17.32
CA GLY C 149 19.03 19.78 -16.02
C GLY C 149 20.50 19.40 -15.99
N ASN C 150 20.86 18.63 -14.97
CA ASN C 150 22.25 18.19 -14.78
C ASN C 150 22.54 16.87 -15.47
N GLY C 151 21.56 16.29 -16.15
CA GLY C 151 21.73 15.06 -16.90
C GLY C 151 21.93 13.81 -16.07
N LYS C 152 21.84 13.92 -14.75
CA LYS C 152 22.22 12.82 -13.88
C LYS C 152 21.07 11.84 -13.70
N THR C 153 21.42 10.57 -13.62
CA THR C 153 20.45 9.50 -13.39
C THR C 153 20.83 8.71 -12.14
N GLY C 154 19.84 8.41 -11.31
CA GLY C 154 20.11 7.66 -10.10
C GLY C 154 20.37 6.19 -10.35
N ILE C 155 19.33 5.46 -10.78
CA ILE C 155 19.42 4.03 -11.06
C ILE C 155 18.83 3.77 -12.43
N SER C 156 19.59 3.07 -13.27
CA SER C 156 19.15 2.73 -14.62
C SER C 156 19.36 1.24 -14.85
N PHE C 157 18.27 0.51 -15.06
CA PHE C 157 18.32 -0.88 -15.47
C PHE C 157 18.24 -0.93 -16.99
N GLN C 158 19.26 -1.49 -17.64
CA GLN C 158 19.33 -1.42 -19.09
C GLN C 158 19.43 -2.78 -19.75
N SER C 159 19.14 -3.86 -19.02
CA SER C 159 18.98 -5.18 -19.62
C SER C 159 17.79 -5.82 -18.93
N ASP C 160 17.25 -6.85 -19.56
CA ASP C 160 15.97 -7.40 -19.14
C ASP C 160 16.06 -7.96 -17.72
N ASN C 161 15.02 -7.73 -16.95
CA ASN C 161 15.09 -8.00 -15.51
C ASN C 161 13.73 -8.47 -15.01
N ASP C 162 13.76 -9.21 -13.91
CA ASP C 162 12.58 -9.82 -13.32
C ASP C 162 12.60 -9.57 -11.81
N ALA C 163 11.46 -9.14 -11.29
CA ALA C 163 11.20 -9.04 -9.85
C ALA C 163 12.19 -8.14 -9.12
N VAL C 164 12.64 -7.06 -9.77
CA VAL C 164 13.53 -6.12 -9.08
C VAL C 164 12.68 -5.33 -8.09
N ARG C 165 13.33 -4.62 -7.17
CA ARG C 165 12.65 -4.01 -6.04
C ARG C 165 13.38 -2.75 -5.62
N ILE C 166 12.67 -1.62 -5.65
CA ILE C 166 13.17 -0.32 -5.25
C ILE C 166 12.20 0.18 -4.17
N GLU C 167 12.68 0.25 -2.93
CA GLU C 167 11.81 0.45 -1.79
C GLU C 167 12.40 1.39 -0.75
N GLY C 168 11.61 2.34 -0.26
CA GLY C 168 12.04 3.15 0.86
C GLY C 168 13.12 4.16 0.55
N MET C 169 13.39 4.40 -0.73
CA MET C 169 14.52 5.20 -1.17
C MET C 169 14.16 6.68 -1.16
N GLY C 170 15.20 7.50 -1.16
CA GLY C 170 15.06 8.91 -1.53
C GLY C 170 15.84 9.21 -2.80
N PHE C 171 15.23 10.00 -3.68
CA PHE C 171 15.90 10.49 -4.90
C PHE C 171 15.64 11.98 -5.00
N VAL C 172 16.69 12.77 -5.23
CA VAL C 172 16.53 14.23 -5.28
C VAL C 172 17.56 14.82 -6.25
N TYR C 173 17.13 15.84 -6.97
CA TYR C 173 18.01 16.68 -7.79
C TYR C 173 18.69 15.86 -8.89
N LEU C 174 17.95 14.91 -9.46
CA LEU C 174 18.41 14.14 -10.60
C LEU C 174 17.54 14.44 -11.81
N ALA C 175 18.15 14.39 -13.00
CA ALA C 175 17.34 14.48 -14.21
C ALA C 175 16.39 13.29 -14.31
N HIS C 176 16.87 12.10 -13.98
CA HIS C 176 16.09 10.87 -14.02
C HIS C 176 16.36 10.12 -12.73
N ALA C 177 15.34 9.95 -11.89
CA ALA C 177 15.57 9.21 -10.65
C ALA C 177 15.78 7.73 -10.94
N LEU C 178 14.79 7.10 -11.58
CA LEU C 178 14.75 5.64 -11.76
C LEU C 178 14.30 5.35 -13.18
N ILE C 179 15.13 4.61 -13.92
CA ILE C 179 14.81 4.12 -15.26
C ILE C 179 14.92 2.61 -15.21
N ILE C 180 13.88 1.91 -15.67
CA ILE C 180 13.94 0.46 -15.78
C ILE C 180 13.50 0.08 -17.19
N LYS C 181 14.42 -0.51 -17.96
CA LYS C 181 14.11 -0.97 -19.31
C LYS C 181 13.85 -2.47 -19.28
N GLY C 182 12.79 -2.90 -19.96
CA GLY C 182 12.52 -4.33 -20.08
C GLY C 182 12.20 -5.02 -18.77
N ALA C 183 11.37 -4.41 -17.94
CA ALA C 183 11.09 -4.91 -16.61
C ALA C 183 9.89 -5.84 -16.60
N ASP C 184 10.05 -7.00 -15.95
CA ASP C 184 8.96 -7.89 -15.61
C ASP C 184 8.77 -7.86 -14.10
N ALA C 185 7.55 -7.60 -13.66
CA ALA C 185 7.15 -7.57 -12.26
C ALA C 185 8.09 -6.78 -11.36
N PRO C 186 8.54 -5.58 -11.77
CA PRO C 186 9.28 -4.73 -10.83
C PRO C 186 8.35 -4.21 -9.75
N ASN C 187 8.94 -3.97 -8.58
CA ASN C 187 8.23 -3.46 -7.41
C ASN C 187 8.88 -2.15 -7.00
N ILE C 188 8.14 -1.06 -7.15
CA ILE C 188 8.61 0.30 -6.85
C ILE C 188 7.67 0.86 -5.79
N THR C 189 8.09 0.83 -4.53
CA THR C 189 7.16 1.04 -3.43
C THR C 189 7.78 1.80 -2.27
N ASN C 190 6.99 2.71 -1.70
CA ASN C 190 7.35 3.44 -0.48
C ASN C 190 8.56 4.33 -0.65
N ASN C 191 8.77 4.86 -1.86
CA ASN C 191 9.89 5.74 -2.12
C ASN C 191 9.48 7.21 -1.96
N PHE C 192 10.50 8.07 -1.91
CA PHE C 192 10.32 9.52 -1.84
C PHE C 192 11.18 10.11 -2.96
N ILE C 193 10.55 10.41 -4.09
CA ILE C 193 11.24 10.94 -5.26
C ILE C 193 10.77 12.36 -5.48
N ALA C 194 11.67 13.33 -5.40
CA ALA C 194 11.23 14.71 -5.45
C ALA C 194 12.29 15.59 -6.08
N GLU C 195 11.85 16.67 -6.72
CA GLU C 195 12.76 17.66 -7.30
C GLU C 195 13.73 16.97 -8.27
N CYS C 196 13.14 16.11 -9.12
CA CYS C 196 13.81 15.42 -10.20
C CYS C 196 13.09 15.77 -11.50
N GLY C 197 13.79 15.56 -12.61
CA GLY C 197 13.19 15.83 -13.90
C GLY C 197 12.05 14.88 -14.20
N SER C 198 12.33 13.59 -14.07
CA SER C 198 11.36 12.50 -14.12
C SER C 198 11.59 11.63 -12.90
N SER C 199 10.53 10.95 -12.45
CA SER C 199 10.63 10.07 -11.29
C SER C 199 10.84 8.61 -11.68
N ILE C 200 9.92 8.06 -12.47
CA ILE C 200 9.94 6.64 -12.84
C ILE C 200 9.72 6.53 -14.35
N GLU C 201 10.65 5.88 -15.06
CA GLU C 201 10.53 5.63 -16.49
C GLU C 201 10.69 4.15 -16.76
N LEU C 202 9.63 3.51 -17.25
CA LEU C 202 9.62 2.09 -17.62
C LEU C 202 9.70 2.02 -19.13
N THR C 203 10.91 1.83 -19.65
CA THR C 203 11.20 2.03 -21.05
C THR C 203 11.30 0.70 -21.77
N GLY C 204 11.21 0.76 -23.10
CA GLY C 204 11.23 -0.39 -23.98
C GLY C 204 9.91 -1.12 -23.96
N ALA C 205 9.66 -1.81 -22.86
CA ALA C 205 8.42 -2.49 -22.57
C ALA C 205 8.47 -2.93 -21.11
N SER C 206 7.31 -3.26 -20.56
CA SER C 206 7.25 -3.82 -19.22
C SER C 206 6.02 -4.68 -19.09
N GLN C 207 6.06 -5.59 -18.11
CA GLN C 207 4.94 -6.43 -17.74
C GLN C 207 4.73 -6.31 -16.25
N VAL C 208 3.48 -6.05 -15.86
CA VAL C 208 2.99 -6.05 -14.49
C VAL C 208 3.92 -5.36 -13.48
N ALA C 209 4.37 -4.15 -13.83
CA ALA C 209 5.03 -3.30 -12.85
C ALA C 209 4.05 -2.90 -11.76
N LYS C 210 4.53 -2.86 -10.51
CA LYS C 210 3.75 -2.45 -9.36
C LYS C 210 4.39 -1.19 -8.78
N ILE C 211 3.65 -0.09 -8.84
CA ILE C 211 4.12 1.23 -8.39
C ILE C 211 3.12 1.68 -7.31
N THR C 212 3.50 1.52 -6.05
CA THR C 212 2.59 1.72 -4.94
C THR C 212 3.21 2.54 -3.81
N ASN C 213 2.38 3.37 -3.17
CA ASN C 213 2.71 3.96 -1.87
C ASN C 213 3.95 4.84 -1.94
N ASN C 214 4.15 5.51 -3.07
CA ASN C 214 5.27 6.43 -3.25
C ASN C 214 4.82 7.89 -3.13
N PHE C 215 5.76 8.75 -2.73
CA PHE C 215 5.71 10.17 -3.06
C PHE C 215 6.48 10.36 -4.36
N LEU C 216 5.83 10.92 -5.38
CA LEU C 216 6.47 11.25 -6.66
C LEU C 216 6.24 12.73 -6.93
N ILE C 217 7.33 13.51 -6.93
CA ILE C 217 7.28 14.97 -6.95
C ILE C 217 8.26 15.54 -7.96
N SER C 218 8.32 14.94 -9.16
CA SER C 218 9.10 15.49 -10.25
C SER C 218 8.38 16.66 -10.93
N ALA C 219 9.15 17.46 -11.68
CA ALA C 219 8.66 18.72 -12.22
C ALA C 219 8.11 18.56 -13.64
N TRP C 220 7.92 19.68 -14.34
CA TRP C 220 6.96 19.77 -15.44
C TRP C 220 7.52 19.48 -16.82
N ALA C 221 8.80 19.13 -16.93
CA ALA C 221 9.41 18.81 -18.21
C ALA C 221 9.46 17.32 -18.49
N GLY C 222 9.29 16.50 -17.45
CA GLY C 222 9.38 15.06 -17.58
C GLY C 222 8.10 14.37 -17.14
N TYR C 223 8.24 13.21 -16.52
CA TYR C 223 7.11 12.37 -16.17
C TYR C 223 7.25 11.90 -14.73
N SER C 224 6.12 11.90 -14.01
CA SER C 224 6.09 11.19 -12.74
C SER C 224 6.23 9.70 -12.97
N ILE C 225 5.44 9.18 -13.89
CA ILE C 225 5.54 7.80 -14.35
C ILE C 225 5.39 7.83 -15.85
N PHE C 226 6.41 7.36 -16.57
CA PHE C 226 6.32 7.13 -18.00
C PHE C 226 6.44 5.64 -18.24
N ALA C 227 5.55 5.07 -19.04
CA ALA C 227 5.63 3.65 -19.33
C ALA C 227 5.20 3.41 -20.76
N GLU C 228 6.09 2.85 -21.58
CA GLU C 228 5.76 2.51 -22.96
C GLU C 228 5.70 0.99 -23.13
N ASN C 229 4.77 0.53 -23.96
CA ASN C 229 4.56 -0.89 -24.18
C ASN C 229 4.44 -1.62 -22.84
N ALA C 230 3.63 -1.05 -21.98
CA ALA C 230 3.46 -1.53 -20.62
C ALA C 230 2.16 -2.29 -20.50
N GLU C 231 2.26 -3.59 -20.23
CA GLU C 231 1.09 -4.43 -19.99
C GLU C 231 0.86 -4.59 -18.49
N GLY C 232 -0.36 -4.32 -18.05
CA GLY C 232 -0.74 -4.69 -16.70
C GLY C 232 -0.14 -3.87 -15.57
N LEU C 233 0.21 -2.60 -15.81
CA LEU C 233 0.68 -1.73 -14.75
C LEU C 233 -0.32 -1.68 -13.60
N GLN C 234 0.20 -1.61 -12.38
CA GLN C 234 -0.62 -1.31 -11.20
C GLN C 234 -0.01 -0.10 -10.55
N ILE C 235 -0.79 0.99 -10.47
CA ILE C 235 -0.37 2.26 -9.90
C ILE C 235 -1.42 2.61 -8.85
N SER C 236 -1.07 2.48 -7.55
CA SER C 236 -2.04 2.72 -6.50
C SER C 236 -1.40 3.16 -5.20
N GLY C 237 -2.15 3.95 -4.44
CA GLY C 237 -1.68 4.38 -3.15
C GLY C 237 -0.59 5.42 -3.17
N ASN C 238 -0.37 6.06 -4.32
CA ASN C 238 0.68 7.05 -4.46
C ASN C 238 0.17 8.45 -4.22
N THR C 239 1.06 9.32 -3.78
CA THR C 239 0.84 10.76 -3.74
C THR C 239 1.80 11.38 -4.75
N ILE C 240 1.24 11.90 -5.83
CA ILE C 240 2.00 12.40 -6.98
C ILE C 240 1.67 13.86 -7.14
N LEU C 241 2.70 14.72 -7.02
CA LEU C 241 2.51 16.13 -6.77
C LEU C 241 3.34 16.99 -7.73
N TRP C 242 3.15 18.31 -7.60
N TRP C 242 3.15 18.31 -7.60
CA TRP C 242 3.83 19.36 -8.35
CA TRP C 242 3.83 19.36 -8.35
C TRP C 242 3.42 19.35 -9.81
C TRP C 242 3.43 19.35 -9.82
N ALA C 243 3.88 18.34 -10.54
CA ALA C 243 3.61 18.21 -11.96
C ALA C 243 3.25 16.77 -12.26
N CYS C 244 2.30 16.22 -11.52
CA CYS C 244 1.82 14.86 -11.80
C CYS C 244 1.60 14.64 -13.27
N ASN C 245 2.31 13.66 -13.82
CA ASN C 245 2.13 13.27 -15.21
C ASN C 245 2.45 11.78 -15.28
N ILE C 246 1.38 11.00 -15.42
CA ILE C 246 1.45 9.57 -15.70
C ILE C 246 1.17 9.43 -17.18
N THR C 247 2.17 9.09 -17.98
CA THR C 247 1.96 8.89 -19.41
C THR C 247 2.20 7.42 -19.75
N LEU C 248 1.17 6.80 -20.35
CA LEU C 248 1.30 5.49 -20.95
C LEU C 248 1.40 5.66 -22.46
N SER C 249 2.33 4.97 -23.07
CA SER C 249 2.52 5.00 -24.51
C SER C 249 2.37 3.57 -25.00
N SER C 250 1.24 3.28 -25.62
CA SER C 250 0.87 1.90 -25.92
C SER C 250 0.93 1.04 -24.64
N GLY C 251 0.27 1.54 -23.59
CA GLY C 251 0.04 0.78 -22.37
C GLY C 251 -1.39 0.29 -22.28
N ASN C 252 -1.55 -0.96 -21.81
CA ASN C 252 -2.86 -1.60 -21.82
C ASN C 252 -3.07 -2.35 -20.52
N ARG C 253 -4.34 -2.45 -20.11
CA ARG C 253 -4.75 -3.22 -18.94
C ARG C 253 -4.07 -2.72 -17.65
N ALA C 254 -3.78 -1.42 -17.59
CA ALA C 254 -3.32 -0.81 -16.36
C ALA C 254 -4.46 -0.63 -15.37
N SER C 255 -4.10 -0.66 -14.08
CA SER C 255 -5.03 -0.37 -12.98
C SER C 255 -4.45 0.81 -12.24
N ILE C 256 -5.06 1.99 -12.41
CA ILE C 256 -4.58 3.24 -11.82
C ILE C 256 -5.65 3.70 -10.84
N THR C 257 -5.45 3.40 -9.57
CA THR C 257 -6.52 3.50 -8.58
C THR C 257 -5.99 4.02 -7.26
N SER C 258 -6.86 4.70 -6.52
CA SER C 258 -6.58 5.06 -5.14
C SER C 258 -5.27 5.85 -5.02
N ASN C 259 -5.11 6.85 -5.90
CA ASN C 259 -4.00 7.78 -5.85
C ASN C 259 -4.47 9.20 -5.58
N LYS C 260 -3.59 9.96 -4.93
CA LYS C 260 -3.73 11.41 -4.77
C LYS C 260 -2.85 12.07 -5.84
N LEU C 261 -3.48 12.77 -6.79
CA LEU C 261 -2.79 13.26 -7.99
C LEU C 261 -2.95 14.76 -8.11
N LEU C 262 -1.84 15.48 -8.20
CA LEU C 262 -1.90 16.93 -8.27
C LEU C 262 -0.87 17.45 -9.26
N SER C 263 -1.30 18.39 -10.09
CA SER C 263 -0.39 19.08 -10.98
C SER C 263 -0.74 20.56 -11.10
N ASN C 264 0.29 21.35 -11.39
CA ASN C 264 0.14 22.73 -11.82
C ASN C 264 0.03 22.86 -13.33
N PHE C 265 -0.11 21.75 -14.05
CA PHE C 265 -0.04 21.66 -15.49
C PHE C 265 -1.04 20.64 -15.99
N PRO C 266 -1.40 20.69 -17.26
CA PRO C 266 -2.21 19.61 -17.85
C PRO C 266 -1.49 18.26 -17.87
N SER C 267 -2.20 17.24 -18.35
CA SER C 267 -1.68 15.88 -18.56
C SER C 267 -1.33 15.16 -17.26
N GLN C 268 -2.27 15.12 -16.33
CA GLN C 268 -2.07 14.31 -15.12
C GLN C 268 -2.04 12.82 -15.47
N ILE C 269 -2.93 12.37 -16.34
CA ILE C 269 -2.80 11.04 -16.95
C ILE C 269 -2.99 11.21 -18.45
N ALA C 270 -2.03 10.72 -19.22
CA ALA C 270 -2.12 10.69 -20.67
C ALA C 270 -2.01 9.24 -21.13
N LEU C 271 -3.07 8.76 -21.77
CA LEU C 271 -3.11 7.43 -22.36
C LEU C 271 -2.90 7.64 -23.85
N LEU C 272 -1.67 7.42 -24.31
CA LEU C 272 -1.25 7.79 -25.66
C LEU C 272 -0.96 6.56 -26.51
N ASN C 273 -0.97 6.80 -27.82
CA ASN C 273 -0.54 5.79 -28.79
C ASN C 273 -1.28 4.47 -28.59
N ASN C 274 -2.61 4.58 -28.62
CA ASN C 274 -3.53 3.45 -28.55
C ASN C 274 -3.33 2.66 -27.26
N SER C 275 -3.44 3.37 -26.15
CA SER C 275 -3.43 2.78 -24.82
C SER C 275 -4.86 2.39 -24.46
N SER C 276 -5.10 1.09 -24.22
CA SER C 276 -6.46 0.57 -24.17
C SER C 276 -6.74 -0.24 -22.91
N GLU C 277 -8.02 -0.29 -22.57
CA GLU C 277 -8.53 -1.13 -21.48
C GLU C 277 -7.79 -0.86 -20.18
N ASN C 278 -7.57 0.42 -19.91
CA ASN C 278 -6.97 0.88 -18.67
C ASN C 278 -8.05 1.42 -17.73
N LEU C 279 -7.91 1.11 -16.45
CA LEU C 279 -8.84 1.58 -15.43
C LEU C 279 -8.22 2.76 -14.69
N ILE C 280 -9.00 3.84 -14.59
CA ILE C 280 -8.67 5.02 -13.78
C ILE C 280 -9.83 5.16 -12.80
N SER C 281 -9.64 4.71 -11.55
CA SER C 281 -10.75 4.64 -10.61
C SER C 281 -10.35 5.08 -9.21
N ALA C 282 -11.25 5.82 -8.55
CA ALA C 282 -11.06 6.21 -7.16
C ALA C 282 -9.75 6.97 -6.95
N ASN C 283 -9.48 7.93 -7.83
CA ASN C 283 -8.38 8.86 -7.65
C ASN C 283 -8.92 10.26 -7.43
N HIS C 284 -8.20 11.05 -6.63
CA HIS C 284 -8.44 12.47 -6.51
C HIS C 284 -7.47 13.20 -7.44
N PHE C 285 -8.02 13.94 -8.42
CA PHE C 285 -7.22 14.79 -9.30
C PHE C 285 -7.39 16.27 -8.90
N ARG C 286 -6.27 16.97 -8.74
CA ARG C 286 -6.27 18.40 -8.45
C ARG C 286 -5.39 19.10 -9.48
N ARG C 287 -5.97 20.06 -10.20
CA ARG C 287 -5.21 20.93 -11.10
C ARG C 287 -5.21 22.34 -10.51
N VAL C 288 -4.02 22.90 -10.34
CA VAL C 288 -3.84 24.28 -9.85
C VAL C 288 -2.83 24.96 -10.77
N HIS C 289 -2.42 26.19 -10.42
CA HIS C 289 -1.52 26.93 -11.28
C HIS C 289 -0.48 27.70 -10.48
N GLY C 290 0.71 27.82 -11.06
CA GLY C 290 1.67 28.82 -10.63
C GLY C 290 2.94 28.32 -9.96
N ASP C 291 2.99 27.05 -9.53
CA ASP C 291 4.22 26.48 -8.96
C ASP C 291 5.10 26.04 -10.11
N GLY C 292 5.72 27.03 -10.75
CA GLY C 292 6.28 26.86 -12.06
C GLY C 292 5.24 27.08 -13.13
N THR C 293 5.71 27.48 -14.31
CA THR C 293 4.83 27.64 -15.47
C THR C 293 5.51 27.04 -16.69
N SER C 294 4.70 26.61 -17.63
CA SER C 294 5.16 25.88 -18.80
C SER C 294 4.13 26.03 -19.90
N THR C 295 4.60 25.97 -21.15
CA THR C 295 3.71 25.87 -22.30
C THR C 295 3.82 24.51 -22.96
N ARG C 296 4.37 23.51 -22.26
CA ARG C 296 4.45 22.16 -22.82
C ARG C 296 3.08 21.70 -23.29
N PHE C 297 2.08 21.89 -22.44
CA PHE C 297 0.69 21.61 -22.79
C PHE C 297 -0.14 22.87 -22.61
N ASP C 298 -1.23 22.95 -23.35
CA ASP C 298 -2.25 23.96 -23.06
C ASP C 298 -3.42 23.29 -22.37
N ASP C 299 -4.38 24.12 -21.94
CA ASP C 299 -5.40 23.62 -21.02
C ASP C 299 -6.51 22.88 -21.73
N LYS C 300 -6.42 22.75 -23.05
CA LYS C 300 -7.28 21.86 -23.81
C LYS C 300 -6.74 20.45 -23.89
N PHE C 301 -5.53 20.21 -23.38
CA PHE C 301 -4.96 18.86 -23.47
C PHE C 301 -5.72 17.87 -22.58
N GLY C 302 -6.21 18.32 -21.45
CA GLY C 302 -6.93 17.51 -20.51
C GLY C 302 -6.16 17.29 -19.22
N MET C 303 -6.90 17.24 -18.11
CA MET C 303 -6.38 16.64 -16.87
C MET C 303 -6.10 15.16 -17.12
N VAL C 304 -7.02 14.51 -17.84
CA VAL C 304 -6.84 13.17 -18.38
C VAL C 304 -7.03 13.27 -19.88
N HIS C 305 -6.13 12.64 -20.63
CA HIS C 305 -6.11 12.65 -22.09
C HIS C 305 -6.11 11.20 -22.56
N ILE C 306 -7.05 10.84 -23.44
CA ILE C 306 -7.26 9.44 -23.79
C ILE C 306 -7.19 9.27 -25.30
N ALA C 307 -6.22 8.46 -25.76
CA ALA C 307 -6.04 8.10 -27.17
C ALA C 307 -5.90 6.58 -27.17
N GLY C 308 -7.04 5.89 -27.20
CA GLY C 308 -7.07 4.45 -27.07
C GLY C 308 -8.50 3.99 -26.87
N ASN C 309 -8.65 2.67 -26.81
CA ASN C 309 -9.98 2.07 -26.77
C ASN C 309 -10.33 1.54 -25.38
N LYS C 310 -11.61 1.58 -25.06
CA LYS C 310 -12.17 0.72 -24.00
C LYS C 310 -11.57 1.00 -22.63
N ASN C 311 -11.14 2.24 -22.41
CA ASN C 311 -10.68 2.67 -21.09
C ASN C 311 -11.88 2.98 -20.18
N THR C 312 -11.61 2.99 -18.88
CA THR C 312 -12.64 3.06 -17.86
C THR C 312 -12.24 4.11 -16.84
N VAL C 313 -13.08 5.12 -16.67
CA VAL C 313 -12.79 6.24 -15.77
C VAL C 313 -13.97 6.37 -14.83
N THR C 314 -13.79 5.94 -13.57
CA THR C 314 -14.91 5.81 -12.63
C THR C 314 -14.57 6.29 -11.23
N GLY C 315 -15.54 6.96 -10.60
CA GLY C 315 -15.46 7.26 -9.17
C GLY C 315 -14.38 8.22 -8.76
N ASN C 316 -13.94 9.08 -9.67
CA ASN C 316 -12.88 10.03 -9.40
C ASN C 316 -13.47 11.39 -9.06
N GLN C 317 -12.67 12.24 -8.42
CA GLN C 317 -12.94 13.66 -8.37
C GLN C 317 -11.94 14.40 -9.27
N PHE C 318 -12.45 15.32 -10.06
CA PHE C 318 -11.60 16.22 -10.85
C PHE C 318 -11.83 17.63 -10.33
N SER C 319 -10.85 18.15 -9.61
CA SER C 319 -10.89 19.48 -9.01
C SER C 319 -9.92 20.39 -9.77
N PHE C 320 -10.44 21.49 -10.32
CA PHE C 320 -9.70 22.36 -11.22
C PHE C 320 -9.82 23.79 -10.69
N ASP C 321 -8.69 24.44 -10.42
CA ASP C 321 -8.69 25.83 -9.95
C ASP C 321 -7.50 26.55 -10.61
N VAL C 322 -7.76 27.19 -11.74
CA VAL C 322 -6.75 27.97 -12.44
C VAL C 322 -7.38 29.33 -12.72
N PRO C 323 -6.76 30.44 -12.29
CA PRO C 323 -7.34 31.76 -12.56
C PRO C 323 -7.59 31.95 -14.05
N SER C 324 -8.74 32.59 -14.37
CA SER C 324 -9.12 32.70 -15.77
C SER C 324 -8.04 33.38 -16.59
N GLN C 325 -7.31 34.34 -16.01
CA GLN C 325 -6.29 35.07 -16.75
C GLN C 325 -5.10 34.18 -17.12
N ASN C 326 -4.97 33.03 -16.47
CA ASN C 326 -3.86 32.11 -16.72
C ASN C 326 -4.25 30.94 -17.60
N ILE C 327 -5.51 30.82 -17.98
CA ILE C 327 -5.96 29.72 -18.82
C ILE C 327 -5.55 29.97 -20.27
N THR C 328 -5.03 28.93 -20.92
CA THR C 328 -4.62 29.04 -22.32
C THR C 328 -5.16 27.84 -23.09
N PRO C 329 -5.70 28.04 -24.29
CA PRO C 329 -5.87 29.31 -25.01
C PRO C 329 -6.81 30.24 -24.25
N ALA C 330 -6.50 31.52 -24.27
CA ALA C 330 -7.29 32.50 -23.54
C ALA C 330 -8.74 32.49 -24.03
N GLY C 331 -9.67 32.62 -23.07
CA GLY C 331 -11.07 32.69 -23.39
C GLY C 331 -11.78 31.37 -23.60
N GLN C 332 -11.05 30.28 -23.81
CA GLN C 332 -11.65 28.97 -24.07
C GLN C 332 -11.84 28.21 -22.76
N ASP C 333 -12.84 27.33 -22.74
CA ASP C 333 -13.09 26.54 -21.54
C ASP C 333 -12.04 25.44 -21.42
N PRO C 334 -11.41 25.28 -20.27
CA PRO C 334 -10.42 24.20 -20.13
C PRO C 334 -11.09 22.83 -20.12
N THR C 335 -10.29 21.84 -20.50
CA THR C 335 -10.75 20.46 -20.69
C THR C 335 -10.36 19.61 -19.49
N ILE C 336 -11.36 18.96 -18.89
CA ILE C 336 -11.11 18.05 -17.78
C ILE C 336 -10.65 16.70 -18.31
N VAL C 337 -11.45 16.08 -19.17
CA VAL C 337 -11.08 14.84 -19.85
C VAL C 337 -11.21 15.08 -21.35
N LEU C 338 -10.11 14.83 -22.08
CA LEU C 338 -10.15 14.86 -23.55
C LEU C 338 -10.07 13.42 -24.02
N VAL C 339 -11.15 12.92 -24.60
CA VAL C 339 -11.14 11.65 -25.30
C VAL C 339 -10.77 12.00 -26.75
N LYS C 340 -9.47 11.86 -27.06
CA LYS C 340 -8.88 12.34 -28.29
C LYS C 340 -9.14 11.39 -29.44
N SER C 341 -9.19 10.10 -29.17
CA SER C 341 -9.43 9.08 -30.18
C SER C 341 -9.79 7.79 -29.46
N GLY C 342 -10.43 6.89 -30.19
CA GLY C 342 -10.69 5.55 -29.69
C GLY C 342 -12.16 5.25 -29.56
N ASP C 343 -12.40 3.98 -29.28
CA ASP C 343 -13.70 3.36 -29.32
C ASP C 343 -14.07 2.83 -27.95
N ASN C 344 -15.33 3.05 -27.56
CA ASN C 344 -15.92 2.42 -26.39
C ASN C 344 -15.21 2.79 -25.08
N ASN C 345 -14.65 3.99 -24.99
CA ASN C 345 -14.24 4.52 -23.69
C ASN C 345 -15.48 4.81 -22.84
N TYR C 346 -15.28 4.75 -21.52
CA TYR C 346 -16.37 4.74 -20.55
C TYR C 346 -15.99 5.63 -19.38
N LEU C 347 -16.79 6.67 -19.14
CA LEU C 347 -16.68 7.55 -17.99
C LEU C 347 -17.95 7.44 -17.17
N ALA C 348 -17.84 7.13 -15.87
CA ALA C 348 -19.04 7.04 -15.06
C ALA C 348 -18.76 7.46 -13.62
N SER C 349 -19.74 8.13 -13.00
CA SER C 349 -19.73 8.45 -11.59
C SER C 349 -18.46 9.19 -11.19
N ASN C 350 -18.13 10.23 -11.94
CA ASN C 350 -17.06 11.15 -11.62
C ASN C 350 -17.66 12.52 -11.32
N HIS C 351 -17.01 13.26 -10.42
CA HIS C 351 -17.46 14.59 -9.99
C HIS C 351 -16.45 15.62 -10.47
N ILE C 352 -16.92 16.61 -11.22
CA ILE C 352 -16.07 17.67 -11.75
C ILE C 352 -16.40 18.96 -11.03
N THR C 353 -15.40 19.56 -10.39
CA THR C 353 -15.55 20.82 -9.66
C THR C 353 -14.47 21.76 -10.17
N SER C 354 -14.88 22.89 -10.73
CA SER C 354 -13.93 23.78 -11.39
C SER C 354 -14.33 25.22 -11.11
N ASN C 355 -13.32 26.11 -11.08
CA ASN C 355 -13.56 27.52 -10.78
C ASN C 355 -14.16 28.28 -11.96
N VAL C 356 -13.95 27.79 -13.18
CA VAL C 356 -14.56 28.28 -14.41
C VAL C 356 -15.25 27.09 -15.06
N ALA C 357 -16.14 27.37 -15.99
CA ALA C 357 -16.75 26.28 -16.75
C ALA C 357 -15.67 25.44 -17.42
N ALA C 358 -15.79 24.12 -17.30
CA ALA C 358 -14.81 23.18 -17.84
C ALA C 358 -15.56 22.04 -18.49
N LYS C 359 -14.87 21.28 -19.35
CA LYS C 359 -15.58 20.35 -20.21
C LYS C 359 -14.90 18.99 -20.30
N VAL C 360 -15.74 17.97 -20.46
CA VAL C 360 -15.34 16.69 -21.06
C VAL C 360 -15.52 16.83 -22.56
N VAL C 361 -14.44 16.63 -23.32
CA VAL C 361 -14.44 16.83 -24.76
C VAL C 361 -14.31 15.47 -25.44
N LEU C 362 -15.22 15.18 -26.36
CA LEU C 362 -15.17 13.97 -27.18
C LEU C 362 -14.77 14.39 -28.60
N ASP C 363 -13.55 14.06 -28.99
CA ASP C 363 -13.08 14.32 -30.35
C ASP C 363 -13.99 13.68 -31.39
N ALA C 364 -14.05 14.31 -32.56
CA ALA C 364 -14.91 13.82 -33.63
C ALA C 364 -14.57 12.41 -34.07
N SER C 365 -13.34 11.95 -33.86
CA SER C 365 -12.91 10.63 -34.28
C SER C 365 -13.38 9.53 -33.34
N THR C 366 -13.82 9.88 -32.13
CA THR C 366 -14.19 8.86 -31.15
C THR C 366 -15.52 8.21 -31.48
N THR C 367 -15.68 6.96 -31.04
CA THR C 367 -16.90 6.22 -31.25
C THR C 367 -17.32 5.55 -29.96
N ALA C 368 -18.62 5.55 -29.73
CA ALA C 368 -19.27 4.76 -28.68
C ALA C 368 -18.76 5.13 -27.29
N THR C 369 -18.34 6.37 -27.07
CA THR C 369 -17.99 6.80 -25.73
C THR C 369 -19.25 6.88 -24.87
N ARG C 370 -19.16 6.35 -23.65
CA ARG C 370 -20.22 6.52 -22.66
C ARG C 370 -19.79 7.54 -21.61
N VAL C 371 -20.69 8.47 -21.29
CA VAL C 371 -20.47 9.50 -20.28
C VAL C 371 -21.71 9.48 -19.39
N LEU C 372 -21.56 8.92 -18.18
CA LEU C 372 -22.70 8.48 -17.35
C LEU C 372 -22.53 9.08 -15.96
N HIS C 373 -23.33 10.10 -15.63
CA HIS C 373 -23.18 10.79 -14.35
C HIS C 373 -21.73 11.20 -14.14
N SER C 374 -21.12 11.71 -15.21
CA SER C 374 -19.73 12.11 -15.21
C SER C 374 -19.55 13.47 -15.87
N ALA C 375 -20.65 14.20 -16.07
CA ALA C 375 -20.65 15.53 -16.66
C ALA C 375 -22.09 16.00 -16.68
N THR C 376 -22.37 17.22 -16.27
CA THR C 376 -23.63 17.84 -16.62
C THR C 376 -23.67 18.11 -18.12
N THR C 377 -24.85 18.47 -18.63
CA THR C 377 -24.95 18.86 -20.04
C THR C 377 -23.95 19.97 -20.35
N ALA C 378 -23.82 20.95 -19.45
CA ALA C 378 -22.91 22.06 -19.70
C ALA C 378 -21.45 21.64 -19.66
N GLN C 379 -21.14 20.49 -19.06
CA GLN C 379 -19.76 20.02 -18.96
C GLN C 379 -19.39 19.05 -20.08
N LEU C 380 -20.28 18.75 -21.00
CA LEU C 380 -19.96 17.87 -22.12
C LEU C 380 -19.86 18.70 -23.39
N ASP C 381 -18.75 18.54 -24.09
CA ASP C 381 -18.53 19.05 -25.45
C ASP C 381 -18.27 17.87 -26.36
N ALA C 382 -19.35 17.26 -26.83
CA ALA C 382 -19.27 16.09 -27.70
C ALA C 382 -19.21 16.56 -29.14
N LEU C 383 -18.13 16.20 -29.84
CA LEU C 383 -17.90 16.64 -31.22
C LEU C 383 -18.26 15.55 -32.22
N THR C 384 -18.95 14.51 -31.76
CA THR C 384 -19.51 13.48 -32.60
C THR C 384 -20.83 13.06 -32.00
N THR C 385 -21.78 12.70 -32.86
CA THR C 385 -23.02 12.10 -32.38
C THR C 385 -22.83 10.67 -31.89
N ASN C 386 -21.67 10.06 -32.17
CA ASN C 386 -21.40 8.68 -31.81
C ASN C 386 -20.90 8.60 -30.37
N HIS C 387 -21.83 8.84 -29.45
CA HIS C 387 -21.57 8.77 -28.03
C HIS C 387 -22.90 8.54 -27.33
N PHE C 388 -22.82 8.22 -26.05
CA PHE C 388 -23.99 8.03 -25.20
C PHE C 388 -23.81 8.87 -23.95
N MET C 389 -24.76 9.74 -23.70
CA MET C 389 -24.77 10.63 -22.55
C MET C 389 -25.95 10.37 -21.64
N VAL C 390 -25.64 10.15 -20.37
CA VAL C 390 -26.62 10.19 -19.29
C VAL C 390 -26.13 11.29 -18.36
N ALA C 391 -26.77 12.45 -18.42
CA ALA C 391 -26.17 13.62 -17.79
C ALA C 391 -26.23 13.56 -16.28
N THR C 392 -25.17 14.07 -15.65
CA THR C 392 -25.28 14.52 -14.27
C THR C 392 -26.34 15.61 -14.19
N PRO C 393 -27.33 15.48 -13.30
CA PRO C 393 -28.44 16.47 -13.32
C PRO C 393 -27.95 17.87 -13.01
N SER C 394 -28.57 18.84 -13.67
CA SER C 394 -28.28 20.25 -13.42
C SER C 394 -29.52 21.13 -13.50
N HIS C 395 -30.64 20.64 -13.97
CA HIS C 395 -31.85 21.46 -13.96
C HIS C 395 -32.94 20.78 -13.15
N HIS C 396 -33.64 21.58 -12.34
CA HIS C 396 -34.72 21.06 -11.52
C HIS C 396 -35.98 20.87 -12.38
C1 GOL D . -2.46 -13.34 24.40
O1 GOL D . -1.57 -14.30 23.89
C2 GOL D . -3.41 -12.99 23.33
O2 GOL D . -4.23 -14.06 22.95
C3 GOL D . -4.26 -11.82 23.89
O3 GOL D . -4.86 -11.27 22.76
H11 GOL D . -2.00 -12.53 24.69
H12 GOL D . -2.95 -13.65 25.17
HO1 GOL D . -0.85 -14.24 24.35
H2 GOL D . -2.90 -12.74 22.54
HO2 GOL D . -4.16 -14.66 23.54
H31 GOL D . -3.69 -11.20 24.38
H32 GOL D . -4.88 -12.16 24.56
HO3 GOL D . -4.24 -11.06 22.23
C1 GOL E . 9.94 -34.46 14.12
O1 GOL E . 9.01 -35.20 13.30
C2 GOL E . 10.97 -33.80 13.15
O2 GOL E . 10.35 -32.79 12.38
C3 GOL E . 12.16 -33.28 14.01
O3 GOL E . 11.69 -32.42 15.01
H11 GOL E . 10.42 -35.03 14.75
H12 GOL E . 9.51 -33.78 14.65
HO1 GOL E . 8.24 -35.03 13.61
H2 GOL E . 11.31 -34.46 12.53
HO2 GOL E . 10.88 -32.60 11.74
H31 GOL E . 12.79 -32.85 13.41
H32 GOL E . 12.63 -34.05 14.36
HO3 GOL E . 11.20 -31.86 14.62
C1 EDO F . -29.45 5.09 -18.69
O1 EDO F . -29.62 5.72 -17.41
C2 EDO F . -30.38 3.90 -18.97
O2 EDO F . -30.40 3.72 -20.39
H11 EDO F . -28.42 4.75 -18.77
H12 EDO F . -29.62 5.84 -19.46
HO1 EDO F . -29.36 5.11 -16.71
H21 EDO F . -31.38 4.08 -18.60
H22 EDO F . -30.00 3.00 -18.48
HO2 EDO F . -29.97 2.87 -20.61
C1 EDO G . -27.07 -20.12 -13.96
O1 EDO G . -26.90 -20.34 -12.54
C2 EDO G . -25.87 -20.63 -14.78
O2 EDO G . -25.72 -19.85 -16.00
H11 EDO G . -27.21 -19.06 -14.15
H12 EDO G . -27.98 -20.65 -14.29
HO1 EDO G . -27.62 -20.89 -12.20
H21 EDO G . -26.02 -21.68 -15.03
H22 EDO G . -24.96 -20.55 -14.19
HO2 EDO G . -25.71 -20.45 -16.76
C1 EDO H . -22.55 -22.28 -13.21
O1 EDO H . -22.37 -22.45 -11.79
C2 EDO H . -21.73 -23.28 -14.05
O2 EDO H . -20.33 -22.96 -14.19
H11 EDO H . -22.25 -21.27 -13.48
H12 EDO H . -23.61 -22.39 -13.46
HO1 EDO H . -23.24 -22.37 -11.35
H21 EDO H . -22.18 -23.34 -15.05
H22 EDO H . -21.81 -24.27 -13.59
HO2 EDO H . -20.04 -23.16 -15.10
C1 EDO I . 22.79 -14.96 21.53
O1 EDO I . 23.01 -15.96 22.52
C2 EDO I . 24.03 -14.83 20.66
O2 EDO I . 23.59 -14.64 19.31
H11 EDO I . 22.58 -14.00 22.00
H12 EDO I . 21.93 -15.24 20.92
HO1 EDO I . 22.77 -15.60 23.39
H21 EDO I . 24.64 -15.74 20.73
H22 EDO I . 24.63 -13.98 20.98
HO2 EDO I . 23.91 -13.79 18.98
OH2 1PE J . -11.50 -4.43 17.33
C12 1PE J . -10.52 -5.18 16.60
C22 1PE J . -10.79 -6.66 16.61
OH3 1PE J . -10.07 -7.30 15.55
C13 1PE J . -8.20 -8.09 16.88
C23 1PE J . -8.65 -7.28 15.69
OH4 1PE J . -6.78 -8.39 16.87
C14 1PE J . -6.23 -7.15 18.88
C24 1PE J . -5.97 -7.38 17.43
OH5 1PE J . -6.12 -5.74 19.06
C15 1PE J . -7.97 -4.81 20.29
C25 1PE J . -7.36 -5.05 18.94
OH6 1PE J . -9.38 -4.63 20.15
C16 1PE J . -11.47 -4.35 21.25
C26 1PE J . -10.15 -5.06 21.27
OH7 1PE J . -12.21 -4.63 20.06
HO2 1PE J . -11.11 -3.75 17.65
H121 1PE J . -10.51 -4.87 15.68
H122 1PE J . -9.65 -5.02 17.00
H221 1PE J . -10.51 -7.03 17.45
H222 1PE J . -11.74 -6.80 16.48
H131 1PE J . -8.40 -7.58 17.68
H132 1PE J . -8.69 -8.92 16.88
H231 1PE J . -8.25 -7.65 14.89
H232 1PE J . -8.35 -6.37 15.81
H141 1PE J . -7.12 -7.46 19.13
H142 1PE J . -5.57 -7.61 19.43
H241 1PE J . -5.04 -7.62 17.31
H242 1PE J . -6.15 -6.54 16.95
H151 1PE J . -7.80 -5.58 20.86
H152 1PE J . -7.58 -4.02 20.67
H251 1PE J . -7.22 -4.20 18.49
H252 1PE J . -7.97 -5.60 18.41
H161 1PE J . -12.00 -4.63 22.01
H162 1PE J . -11.33 -3.39 21.30
H261 1PE J . -10.29 -6.01 21.23
H262 1PE J . -9.67 -4.83 22.08
HO7 1PE J . -11.65 -4.92 19.49
C1 EDO K . -27.00 -6.50 8.29
O1 EDO K . -25.56 -6.55 8.30
C2 EDO K . -27.42 -5.23 7.57
O2 EDO K . -27.44 -5.60 6.17
H11 EDO K . -27.38 -6.49 9.32
H12 EDO K . -27.40 -7.38 7.79
HO1 EDO K . -25.25 -7.23 7.68
H21 EDO K . -26.72 -4.41 7.75
H22 EDO K . -28.41 -4.90 7.90
HO2 EDO K . -26.77 -5.10 5.69
C1 GOL L . -12.31 -22.29 -21.33
O1 GOL L . -12.00 -20.95 -21.38
C2 GOL L . -12.11 -22.91 -19.90
O2 GOL L . -12.76 -22.28 -18.78
C3 GOL L . -12.58 -24.38 -20.20
O3 GOL L . -13.46 -24.81 -19.16
H11 GOL L . -11.77 -22.80 -21.95
H12 GOL L . -13.23 -22.45 -21.60
HO1 GOL L . -12.33 -20.65 -22.10
H2 GOL L . -11.20 -22.80 -19.60
HO2 GOL L . -13.51 -22.00 -19.04
H31 GOL L . -11.80 -24.94 -20.28
H32 GOL L . -12.99 -24.40 -21.07
HO3 GOL L . -13.48 -24.17 -18.59
C1 GOL M . 1.99 -33.72 9.58
O1 GOL M . 2.93 -34.82 9.53
C2 GOL M . 2.06 -32.95 8.25
O2 GOL M . 3.31 -32.36 8.08
C3 GOL M . 1.72 -34.03 7.16
O3 GOL M . 2.03 -33.47 5.90
H11 GOL M . 2.17 -33.12 10.32
H12 GOL M . 1.07 -34.03 9.72
HO1 GOL M . 3.40 -34.69 8.84
H2 GOL M . 1.43 -32.23 8.22
HO2 GOL M . 3.64 -32.67 7.38
H31 GOL M . 0.78 -34.29 7.25
H32 GOL M . 2.22 -34.84 7.35
HO3 GOL M . 2.42 -32.74 6.05
C1 GOL N . 17.43 -27.51 -10.79
O1 GOL N . 16.80 -28.72 -11.18
C2 GOL N . 18.94 -27.52 -11.22
O2 GOL N . 19.15 -28.36 -12.30
C3 GOL N . 19.30 -26.02 -11.53
O3 GOL N . 20.66 -25.92 -11.99
H11 GOL N . 17.39 -27.36 -9.83
H12 GOL N . 17.01 -26.74 -11.20
HO1 GOL N . 17.40 -29.20 -11.55
H2 GOL N . 19.50 -27.86 -10.50
HO2 GOL N . 18.71 -28.04 -12.95
H31 GOL N . 19.14 -25.50 -10.72
H32 GOL N . 18.67 -25.69 -12.18
HO3 GOL N . 20.77 -25.14 -12.29
C1 GOL O . -19.60 -15.40 9.45
O1 GOL O . -19.21 -16.19 8.36
C2 GOL O . -18.32 -15.05 10.22
O2 GOL O . -17.80 -16.16 10.86
C3 GOL O . -17.35 -14.52 9.17
O3 GOL O . -17.89 -13.34 8.63
H11 GOL O . -20.22 -15.86 10.05
H12 GOL O . -20.05 -14.58 9.19
HO1 GOL O . -18.63 -16.75 8.66
H2 GOL O . -18.52 -14.39 10.90
HO2 GOL O . -17.50 -16.70 10.26
H31 GOL O . -17.21 -15.21 8.50
H32 GOL O . -16.48 -14.39 9.59
HO3 GOL O . -17.59 -13.27 7.84
C1 PEG P . -8.95 -50.56 -15.07
O1 PEG P . -9.95 -50.85 -16.03
C2 PEG P . -9.35 -49.38 -14.23
O2 PEG P . -8.18 -48.87 -13.61
C3 PEG P . -7.64 -47.76 -14.31
C4 PEG P . -6.41 -47.32 -13.58
O4 PEG P . -6.11 -45.96 -13.86
H11 PEG P . -8.12 -50.34 -15.54
H12 PEG P . -8.81 -51.33 -14.51
HO1 PEG P . -9.93 -51.66 -16.29
H21 PEG P . -9.98 -49.68 -13.55
H22 PEG P . -9.76 -48.71 -14.78
H31 PEG P . -8.28 -47.04 -14.33
H32 PEG P . -7.41 -48.01 -15.22
H41 PEG P . -5.66 -47.87 -13.86
H42 PEG P . -6.55 -47.42 -12.64
HO4 PEG P . -6.47 -45.67 -14.56
C1 EDO Q . -7.25 -28.28 -11.24
O1 EDO Q . -8.33 -28.75 -10.42
C2 EDO Q . -6.88 -29.26 -12.35
O2 EDO Q . -7.03 -28.56 -13.60
H11 EDO Q . -6.37 -28.13 -10.61
H12 EDO Q . -7.52 -27.32 -11.67
HO1 EDO Q . -8.48 -28.13 -9.70
H21 EDO Q . -7.54 -30.13 -12.32
H22 EDO Q . -5.85 -29.60 -12.23
HO2 EDO Q . -6.19 -28.57 -14.08
P 2PO R . 3.04 -34.87 26.40
O1P 2PO R . 3.32 -36.37 26.65
O2P 2PO R . 2.96 -34.03 27.67
O3P 2PO R . 3.91 -34.24 25.31
HP 2PO R . 1.92 -34.86 25.94
C1 EDO S . 16.92 -6.63 12.65
O1 EDO S . 15.71 -6.48 13.43
C2 EDO S . 16.76 -6.15 11.20
O2 EDO S . 15.78 -5.11 11.11
H11 EDO S . 17.21 -7.69 12.64
H12 EDO S . 17.73 -6.07 13.12
HO1 EDO S . 15.88 -6.74 14.34
H21 EDO S . 16.46 -6.99 10.57
H22 EDO S . 17.71 -5.78 10.84
HO2 EDO S . 15.73 -4.79 10.20
P 2PO T . 6.36 -1.47 3.12
O1P 2PO T . 5.87 -0.11 3.63
O2P 2PO T . 5.47 -2.65 3.52
O3P 2PO T . 6.70 -1.46 1.62
HP 2PO T . 7.40 -1.67 3.69
C1 EDO U . 22.65 -7.12 19.36
O1 EDO U . 22.58 -6.10 20.36
C2 EDO U . 24.08 -7.59 19.15
O2 EDO U . 24.14 -8.03 17.79
H11 EDO U . 22.24 -6.73 18.42
H12 EDO U . 22.02 -7.97 19.67
HO1 EDO U . 23.39 -6.10 20.87
H21 EDO U . 24.33 -8.41 19.82
H22 EDO U . 24.79 -6.78 19.32
HO2 EDO U . 24.13 -9.00 17.75
C1 GOL V . 15.26 22.61 5.54
O1 GOL V . 15.30 22.16 6.90
C2 GOL V . 13.86 22.46 5.08
O2 GOL V . 12.91 23.24 5.77
C3 GOL V . 13.80 22.85 3.60
O3 GOL V . 12.62 22.19 3.15
H11 GOL V . 15.85 22.09 4.96
H12 GOL V . 15.55 23.53 5.45
HO1 GOL V . 14.56 21.76 7.03
H2 GOL V . 13.65 21.53 5.23
HO2 GOL V . 12.82 22.89 6.53
H31 GOL V . 14.60 22.58 3.15
H32 GOL V . 13.76 23.82 3.51
HO3 GOL V . 12.38 22.57 2.43
C1 PEG W . 1.70 23.05 5.59
O1 PEG W . 0.48 23.75 5.38
C2 PEG W . 2.04 22.94 7.05
O2 PEG W . 3.28 22.28 7.21
C3 PEG W . 4.39 23.07 6.79
C4 PEG W . 5.50 22.89 7.79
O4 PEG W . 6.28 21.74 7.53
H11 PEG W . 2.41 23.53 5.14
H12 PEG W . 1.62 22.16 5.22
HO1 PEG W . 0.39 24.46 5.85
H21 PEG W . 1.34 22.44 7.50
H22 PEG W . 2.09 23.83 7.43
H31 PEG W . 4.14 23.99 6.75
H32 PEG W . 4.69 22.77 5.92
H41 PEG W . 5.11 22.82 8.67
H42 PEG W . 6.07 23.68 7.74
HO4 PEG W . 6.18 21.42 6.75
C1 EDO X . -33.38 6.30 -11.50
O1 EDO X . -34.29 5.63 -10.63
C2 EDO X . -32.71 5.25 -12.41
O2 EDO X . -31.51 5.76 -12.99
H11 EDO X . -32.63 6.83 -10.91
H12 EDO X . -33.91 7.03 -12.10
HO1 EDO X . -35.19 5.89 -10.84
H21 EDO X . -33.40 4.97 -13.20
H22 EDO X . -32.48 4.36 -11.82
HO2 EDO X . -31.62 5.82 -13.95
OH2 1PE Y . 6.84 22.39 -5.08
C12 1PE Y . 8.19 21.91 -4.99
C22 1PE Y . 8.51 21.48 -3.57
OH3 1PE Y . 9.57 20.51 -3.53
C13 1PE Y . 9.38 18.19 -2.92
C23 1PE Y . 9.17 19.23 -3.97
OH4 1PE Y . 8.76 18.55 -1.71
C14 1PE Y . 8.97 19.33 0.48
C24 1PE Y . 9.66 19.20 -0.83
OH5 1PE Y . 8.23 18.13 0.70
C15 1PE Y . 6.00 18.23 -0.18
C25 1PE Y . 6.88 18.39 1.03
OH6 1PE Y . 5.18 19.39 -0.39
C16 1PE Y . 5.26 19.26 -2.82
C26 1PE Y . 5.49 20.11 -1.60
OH7 1PE Y . 5.09 20.02 -4.04
HO2 1PE Y . 6.73 22.65 -5.87
H121 1PE Y . 8.29 21.15 -5.58
H122 1PE Y . 8.80 22.61 -5.26
H221 1PE Y . 8.79 22.27 -3.06
H222 1PE Y . 7.71 21.10 -3.17
H131 1PE Y . 9.00 17.34 -3.24
H132 1PE Y . 10.33 18.08 -2.78
H231 1PE Y . 8.23 19.25 -4.21
H232 1PE Y . 9.69 18.99 -4.77
H141 1PE Y . 9.63 19.45 1.18
H142 1PE Y . 8.38 20.10 0.47
H241 1PE Y . 10.46 18.68 -0.73
H242 1PE Y . 9.89 20.08 -1.17
H151 1PE Y . 6.56 18.09 -0.95
H152 1PE Y . 5.42 17.46 -0.04
H251 1PE Y . 6.59 17.77 1.72
H252 1PE Y . 6.80 19.30 1.37
H161 1PE Y . 6.03 18.68 -2.93
H162 1PE Y . 4.47 18.72 -2.69
H261 1PE Y . 4.90 20.89 -1.66
H262 1PE Y . 6.41 20.39 -1.57
HO7 1PE Y . 5.83 20.00 -4.45
C1 PEG Z . -12.86 24.06 -7.91
O1 PEG Z . -13.94 23.79 -7.02
C2 PEG Z . -12.54 25.51 -7.93
O2 PEG Z . -13.25 26.17 -6.89
C3 PEG Z . -12.41 26.62 -5.83
C4 PEG Z . -11.93 25.43 -5.05
O4 PEG Z . -11.05 24.63 -5.84
H11 PEG Z . -13.10 23.78 -8.80
H12 PEG Z . -12.08 23.57 -7.61
HO1 PEG Z . -14.15 24.44 -6.51
H21 PEG Z . -12.81 25.90 -8.79
H22 PEG Z . -11.58 25.64 -7.80
H31 PEG Z . -12.91 27.20 -5.24
H32 PEG Z . -11.66 27.10 -6.20
H41 PEG Z . -12.69 24.90 -4.78
H42 PEG Z . -11.45 25.74 -4.27
HO4 PEG Z . -10.45 25.08 -6.24
C1 GOL AA . 11.37 21.14 24.23
O1 GOL AA . 12.40 20.58 24.99
C2 GOL AA . 12.01 22.21 23.30
O2 GOL AA . 13.42 22.25 23.40
C3 GOL AA . 11.53 21.77 21.92
O3 GOL AA . 11.92 22.74 21.02
H11 GOL AA . 10.68 21.54 24.76
H12 GOL AA . 10.92 20.47 23.68
HO1 GOL AA . 12.99 21.19 25.05
H2 GOL AA . 11.71 23.10 23.54
HO2 GOL AA . 13.73 21.53 23.07
H31 GOL AA . 10.57 21.64 21.95
H32 GOL AA . 11.91 20.90 21.74
HO3 GOL AA . 12.00 23.46 21.47
C1 GOL BA . -3.56 25.85 14.43
O1 GOL BA . -3.85 27.15 14.12
C2 GOL BA . -4.80 24.94 14.58
O2 GOL BA . -4.60 24.03 15.68
C3 GOL BA . -6.00 25.78 14.74
O3 GOL BA . -6.29 26.33 13.49
H11 GOL BA . -3.06 25.79 15.26
H12 GOL BA . -2.99 25.46 13.75
HO1 GOL BA . -4.06 27.53 14.85
H2 GOL BA . -4.93 24.41 13.77
HO2 GOL BA . -3.84 23.67 15.60
H31 GOL BA . -5.82 26.45 15.42
H32 GOL BA . -6.72 25.24 15.10
HO3 GOL BA . -5.56 26.34 13.06
C1 GOL CA . 33.81 16.19 20.98
O1 GOL CA . 34.06 16.75 22.30
C2 GOL CA . 34.51 14.77 20.89
O2 GOL CA . 34.29 14.03 22.04
C3 GOL CA . 33.88 14.12 19.58
O3 GOL CA . 32.87 13.21 19.97
H11 GOL CA . 34.13 16.74 20.27
H12 GOL CA . 32.85 16.07 20.81
HO1 GOL CA . 34.82 16.45 22.54
H2 GOL CA . 35.46 14.86 20.81
HO2 GOL CA . 33.78 14.47 22.55
H31 GOL CA . 34.61 13.70 19.09
H32 GOL CA . 33.56 14.84 19.01
HO3 GOL CA . 32.55 13.50 20.69
C1 PEG DA . 5.83 20.31 25.35
O1 PEG DA . 5.39 18.97 25.32
C2 PEG DA . 7.25 20.44 24.86
O2 PEG DA . 7.36 21.51 23.92
C3 PEG DA . 6.60 21.30 22.72
C4 PEG DA . 5.44 22.25 22.71
O4 PEG DA . 4.19 21.58 22.59
H11 PEG DA . 5.79 20.63 26.27
H12 PEG DA . 5.26 20.85 24.79
HO1 PEG DA . 5.98 18.40 25.55
H21 PEG DA . 7.52 19.60 24.44
H22 PEG DA . 7.84 20.63 25.61
H31 PEG DA . 6.27 20.38 22.71
H32 PEG DA . 7.15 21.45 21.95
H41 PEG DA . 5.54 22.85 21.97
H42 PEG DA . 5.44 22.75 23.54
HO4 PEG DA . 4.04 21.00 23.19
C1 EDO EA . 18.93 -1.32 9.11
O1 EDO EA . 17.67 -1.09 8.47
C2 EDO EA . 19.33 -0.06 9.87
O2 EDO EA . 19.82 0.99 9.01
H11 EDO EA . 19.68 -1.56 8.36
H12 EDO EA . 18.85 -2.16 9.80
HO1 EDO EA . 17.40 -1.88 7.98
H21 EDO EA . 20.10 -0.31 10.60
H22 EDO EA . 18.47 0.32 10.43
HO2 EDO EA . 19.08 1.36 8.50
C1 EDO FA . 29.41 -0.39 12.03
O1 EDO FA . 28.52 -1.40 12.51
C2 EDO FA . 28.56 0.62 11.25
O2 EDO FA . 28.96 0.61 9.89
H11 EDO FA . 30.17 -0.82 11.40
H12 EDO FA . 29.90 0.10 12.88
HO1 EDO FA . 28.39 -1.29 13.46
H21 EDO FA . 28.68 1.61 11.67
H22 EDO FA . 27.51 0.34 11.33
HO2 EDO FA . 29.92 0.74 9.83
C1 EDO GA . 0.34 20.47 22.64
O1 EDO GA . -1.02 20.57 23.05
C2 EDO GA . 0.81 19.04 22.81
O2 EDO GA . 2.22 19.09 23.05
H11 EDO GA . 0.96 21.14 23.22
H12 EDO GA . 0.43 20.76 21.58
HO1 EDO GA . -1.13 21.34 23.63
H21 EDO GA . 0.59 18.45 21.93
H22 EDO GA . 0.30 18.57 23.66
HO2 EDO GA . 2.41 18.77 23.94
C1 EDO HA . -1.97 15.09 27.41
O1 EDO HA . -2.65 14.91 26.16
C2 EDO HA . -2.45 16.39 28.04
O2 EDO HA . -2.99 16.07 29.33
H11 EDO HA . -0.88 15.13 27.24
H12 EDO HA . -2.17 14.24 28.07
HO1 EDO HA . -2.36 14.07 25.76
H21 EDO HA . -3.21 16.86 27.41
H22 EDO HA . -1.62 17.09 28.14
HO2 EDO HA . -2.35 16.29 30.01
P 2PO IA . -0.34 0.18 -0.22
O1P 2PO IA . 0.99 -0.23 0.41
O2P 2PO IA . -1.46 0.41 0.81
O3P 2PO IA . -0.21 1.31 -1.28
HP 2PO IA . -0.71 -0.78 -0.86
C1 GOL JA . 16.66 -16.29 -15.43
O1 GOL JA . 17.66 -15.34 -15.28
C2 GOL JA . 15.40 -15.59 -15.81
O2 GOL JA . 15.49 -14.95 -17.05
C3 GOL JA . 14.30 -16.70 -15.78
O3 GOL JA . 13.11 -15.99 -15.75
H11 GOL JA . 16.50 -16.80 -14.61
H12 GOL JA . 16.87 -16.95 -16.11
HO1 GOL JA . 17.27 -14.59 -15.37
H2 GOL JA . 15.22 -14.89 -15.16
HO2 GOL JA . 16.14 -15.32 -17.48
H31 GOL JA . 14.43 -17.28 -15.01
H32 GOL JA . 14.38 -17.27 -16.56
HO3 GOL JA . 13.16 -15.45 -15.08
C1 GOL KA . 25.34 23.27 0.49
O1 GOL KA . 25.42 24.09 1.68
C2 GOL KA . 25.08 24.19 -0.75
O2 GOL KA . 26.06 25.18 -0.88
C3 GOL KA . 25.11 23.25 -2.01
O3 GOL KA . 25.20 24.05 -3.18
H11 GOL KA . 24.63 22.62 0.54
H12 GOL KA . 26.16 22.77 0.34
HO1 GOL KA . 25.33 23.56 2.34
H2 GOL KA . 24.22 24.62 -0.66
HO2 GOL KA . 26.44 25.08 -1.64
H31 GOL KA . 24.31 22.70 -1.98
H32 GOL KA . 25.85 22.63 -1.90
HO3 GOL KA . 24.46 24.47 -3.24
C1 EDO LA . 9.73 -6.72 -20.86
O1 EDO LA . 8.39 -7.12 -20.53
C2 EDO LA . 10.42 -7.95 -21.43
O2 EDO LA . 10.29 -8.96 -20.40
H11 EDO LA . 10.25 -6.37 -19.97
H12 EDO LA . 9.72 -5.91 -21.60
HO1 EDO LA . 8.24 -6.99 -19.59
H21 EDO LA . 11.48 -7.74 -21.63
H22 EDO LA . 9.95 -8.28 -22.35
HO2 EDO LA . 10.27 -9.83 -20.81
C1 EDO MA . -0.57 22.89 -3.49
O1 EDO MA . -1.99 22.75 -3.41
C2 EDO MA . -0.19 23.67 -4.74
O2 EDO MA . 1.08 24.30 -4.54
H11 EDO MA . -0.10 21.90 -3.51
H12 EDO MA . -0.20 23.42 -2.60
HO1 EDO MA . -2.22 22.24 -2.62
H21 EDO MA . -0.96 24.42 -4.96
H22 EDO MA . -0.13 22.98 -5.60
HO2 EDO MA . 1.08 25.16 -5.00
C1 EDO NA . 12.84 -4.01 -23.95
O1 EDO NA . 13.32 -3.31 -25.12
C2 EDO NA . 13.50 -5.39 -23.89
O2 EDO NA . 14.91 -5.21 -24.06
H11 EDO NA . 11.76 -4.12 -24.00
H12 EDO NA . 13.09 -3.45 -23.05
HO1 EDO NA . 13.55 -2.40 -24.88
H21 EDO NA . 13.10 -6.03 -24.67
H22 EDO NA . 13.29 -5.87 -22.93
HO2 EDO NA . 15.23 -5.80 -24.76
C1 EDO OA . 18.62 -6.80 -23.06
O1 EDO OA . 18.55 -7.77 -22.02
C2 EDO OA . 17.97 -7.31 -24.34
O2 EDO OA . 17.35 -6.19 -25.00
H11 EDO OA . 19.66 -6.55 -23.27
H12 EDO OA . 18.12 -5.88 -22.74
HO1 EDO OA . 19.44 -7.96 -21.71
H21 EDO OA . 17.21 -8.07 -24.11
H22 EDO OA . 18.71 -7.77 -25.00
HO2 EDO OA . 17.86 -5.96 -25.79
C1 EDO PA . 20.04 6.89 -18.95
O1 EDO PA . 20.18 8.02 -18.08
C2 EDO PA . 20.49 5.73 -18.08
O2 EDO PA . 21.02 4.66 -18.83
H11 EDO PA . 20.68 7.00 -19.84
H12 EDO PA . 19.01 6.78 -19.30
HO1 EDO PA . 19.41 8.06 -17.49
H21 EDO PA . 19.62 5.38 -17.51
H22 EDO PA . 21.24 6.08 -17.37
HO2 EDO PA . 21.76 4.27 -18.36
C1 GOL QA . -14.31 18.02 -43.33
O1 GOL QA . -13.74 19.08 -44.09
C2 GOL QA . -13.59 16.75 -43.84
O2 GOL QA . -12.24 16.79 -43.48
C3 GOL QA . -14.34 15.54 -43.22
O3 GOL QA . -15.44 15.24 -44.05
H11 GOL QA . -15.26 17.93 -43.45
H12 GOL QA . -14.16 18.12 -42.38
HO1 GOL QA . -13.87 19.78 -43.64
H2 GOL QA . -13.63 16.67 -44.81
HO2 GOL QA . -12.19 16.58 -42.65
H31 GOL QA . -14.59 15.77 -42.31
H32 GOL QA . -13.71 14.80 -43.12
HO3 GOL QA . -15.47 15.84 -44.65
C1 GOL RA . -0.34 27.24 -20.32
O1 GOL RA . -0.12 26.50 -21.53
C2 GOL RA . -1.55 26.60 -19.53
O2 GOL RA . -1.44 25.15 -19.43
C3 GOL RA . -1.52 27.36 -18.14
O3 GOL RA . -2.73 27.11 -17.42
H11 GOL RA . -0.55 28.18 -20.49
H12 GOL RA . 0.43 27.25 -19.74
HO1 GOL RA . -0.52 25.76 -21.44
H2 GOL RA . -2.40 26.73 -19.99
HO2 GOL RA . -0.64 24.97 -19.26
H31 GOL RA . -1.39 28.30 -18.31
H32 GOL RA . -0.73 27.07 -17.66
HO3 GOL RA . -3.06 26.40 -17.75
C1 GOL SA . 10.67 8.98 -21.52
O1 GOL SA . 11.59 7.90 -21.16
C2 GOL SA . 10.99 9.56 -22.96
O2 GOL SA . 11.25 8.58 -23.91
C3 GOL SA . 9.72 10.47 -23.31
O3 GOL SA . 9.07 9.97 -24.48
H11 GOL SA . 10.71 9.70 -20.89
H12 GOL SA . 9.75 8.68 -21.51
HO1 GOL SA . 12.19 7.88 -21.77
H2 GOL SA . 11.79 10.08 -22.93
HO2 GOL SA . 10.77 7.91 -23.73
H31 GOL SA . 10.03 11.38 -23.41
H32 GOL SA . 9.14 10.48 -22.53
HO3 GOL SA . 9.67 9.58 -24.94
C1 GOL TA . -25.92 11.42 -28.81
O1 GOL TA . -26.20 11.15 -30.17
C2 GOL TA . -26.88 10.57 -27.90
O2 GOL TA . -26.75 9.19 -28.08
C3 GOL TA . -26.53 11.04 -26.45
O3 GOL TA . -26.92 10.03 -25.53
H11 GOL TA . -26.04 12.36 -28.60
H12 GOL TA . -25.00 11.21 -28.57
HO1 GOL TA . -26.65 10.44 -30.18
H2 GOL TA . -27.82 10.75 -28.13
HO2 GOL TA . -25.92 8.99 -27.99
H31 GOL TA . -26.97 11.89 -26.28
H32 GOL TA . -25.58 11.25 -26.42
HO3 GOL TA . -27.25 9.39 -25.99
C1 GOL UA . 29.00 -13.52 -14.07
O1 GOL UA . 28.38 -12.31 -13.76
C2 GOL UA . 29.84 -13.28 -15.34
O2 GOL UA . 30.82 -12.32 -15.14
C3 GOL UA . 30.42 -14.65 -15.69
O3 GOL UA . 29.55 -15.23 -16.61
H11 GOL UA . 28.37 -14.24 -14.23
H12 GOL UA . 29.59 -13.84 -13.35
HO1 GOL UA . 27.89 -12.45 -13.08
H2 GOL UA . 29.28 -12.94 -16.07
HO2 GOL UA . 31.37 -12.63 -14.57
H31 GOL UA . 30.53 -15.17 -14.87
H32 GOL UA . 31.33 -14.55 -16.03
HO3 GOL UA . 28.76 -15.12 -16.30
C1 GOL VA . 19.36 -5.26 7.71
O1 GOL VA . 18.23 -4.53 8.15
C2 GOL VA . 18.89 -6.29 6.63
O2 GOL VA . 17.76 -5.82 5.96
C3 GOL VA . 20.14 -6.46 5.68
O3 GOL VA . 19.94 -7.60 4.83
H11 GOL VA . 19.79 -5.75 8.44
H12 GOL VA . 20.04 -4.70 7.33
HO1 GOL VA . 18.52 -3.81 8.49
H2 GOL VA . 18.64 -7.13 7.04
HO2 GOL VA . 17.93 -5.05 5.67
H31 GOL VA . 20.93 -6.54 6.24
H32 GOL VA . 20.25 -5.64 5.19
HO3 GOL VA . 19.11 -7.81 4.90
C1 PEG WA . 31.94 13.17 0.79
O1 PEG WA . 30.80 13.97 0.48
C2 PEG WA . 33.04 13.97 1.43
O2 PEG WA . 34.32 13.53 0.95
C3 PEG WA . 34.95 14.50 0.11
C4 PEG WA . 36.31 14.03 -0.30
O4 PEG WA . 36.40 13.82 -1.70
H11 PEG WA . 32.28 12.77 -0.03
H12 PEG WA . 31.68 12.46 1.41
HO1 PEG WA . 30.75 14.70 0.91
H21 PEG WA . 33.02 13.85 2.39
H22 PEG WA . 32.93 14.90 1.22
H31 PEG WA . 35.03 15.34 0.60
H32 PEG WA . 34.41 14.64 -0.68
H41 PEG WA . 36.50 13.19 0.16
H42 PEG WA . 36.97 14.69 -0.04
HO4 PEG WA . 37.18 13.61 -1.97
C1 EDO XA . 32.78 -8.93 4.27
O1 EDO XA . 34.10 -9.41 4.61
C2 EDO XA . 32.29 -10.00 3.32
O2 EDO XA . 33.48 -10.58 2.75
H11 EDO XA . 32.82 -7.95 3.79
H12 EDO XA . 32.15 -8.85 5.15
HO1 EDO XA . 34.77 -8.84 4.20
H21 EDO XA . 31.67 -9.57 2.54
H22 EDO XA . 31.71 -10.75 3.85
HO2 EDO XA . 33.24 -11.34 2.21
C1 EDO YA . 27.69 -19.70 -16.96
O1 EDO YA . 27.42 -20.02 -15.59
C2 EDO YA . 27.98 -18.20 -17.00
O2 EDO YA . 28.53 -17.81 -15.74
H11 EDO YA . 26.83 -19.93 -17.59
H12 EDO YA . 28.54 -20.27 -17.33
HO1 EDO YA . 26.46 -20.05 -15.45
H21 EDO YA . 27.08 -17.64 -17.21
H22 EDO YA . 28.71 -17.99 -17.80
HO2 EDO YA . 29.47 -18.06 -15.70
C1 EDO ZA . 38.37 5.85 -7.19
O1 EDO ZA . 37.97 7.14 -7.64
C2 EDO ZA . 39.25 5.19 -8.26
O2 EDO ZA . 39.24 3.79 -8.04
H11 EDO ZA . 37.50 5.24 -7.00
H12 EDO ZA . 38.94 5.95 -6.26
HO1 EDO ZA . 38.73 7.75 -7.62
H21 EDO ZA . 40.27 5.58 -8.19
H22 EDO ZA . 38.87 5.43 -9.25
HO2 EDO ZA . 39.68 3.58 -7.21
C1 EDO AB . 9.66 22.32 -20.94
O1 EDO AB . 9.02 21.24 -21.64
C2 EDO AB . 8.55 23.12 -20.26
O2 EDO AB . 9.01 24.39 -19.87
H11 EDO AB . 10.20 22.95 -21.66
H12 EDO AB . 10.37 21.95 -20.21
HO1 EDO AB . 9.15 21.34 -22.58
H21 EDO AB . 8.19 22.57 -19.39
H22 EDO AB . 7.71 23.24 -20.95
HO2 EDO AB . 8.44 25.08 -20.23
#